data_5IFJ
#
_entry.id   5IFJ
#
_cell.length_a   112.450
_cell.length_b   141.280
_cell.length_c   177.060
_cell.angle_alpha   90.00
_cell.angle_beta   90.00
_cell.angle_gamma   90.00
#
_symmetry.space_group_name_H-M   'P 21 21 21'
#
loop_
_entity.id
_entity.type
_entity.pdbx_description
1 polymer '1E01 Fab fragment heavy chain'
2 polymer '1E01 Fab fragment light chain'
3 polymer 'peptide PRO-LEU-GLN-PRO-GLU-GLN-PRO-PHE-PRO'
4 non-polymer 'SULFATE ION'
5 water water
#
loop_
_entity_poly.entity_id
_entity_poly.type
_entity_poly.pdbx_seq_one_letter_code
_entity_poly.pdbx_strand_id
1 'polypeptide(L)'
;EVQLLESGGGLVQPGGSLRLSCAASGFTFSTYAMSWVRQAPGKGLEWVSGISGSGGSTYYADSVKGRFTTSRDNSKNTLY
LQMNSLRAEDTAVYYCAKFSGKDCSGTSCRDYWGQGTLVTVSSASTKGPSVFPLAPSSKSTSGGTAALGCLVKDYFPEPV
TVSWNSGALTSGVHTFPAVLQSSGLYSLSSVVTVPSSSLGTQTYICNVNHKPSNTKVDKKVEPKSCD
;
A,D,G,J
2 'polypeptide(L)'
;QLVLTQSPSASASLGASVRLTCTLSSGHSSYVIAWHQQQSEKGPRYLMKVNSDGSHSKGDGIPDRFSGSSSGAERYLTIS
SLQSEDEADYYCQTWGAGILVFGGGTKLTVLSQPKAAPSVTLFPPSSEELQANKATLVCLISDFYPGAVTVAWKADSSPV
KAGVETTTPSKQSNNKYAASSYLSLTPEQWKSHRSYSCQVTHEGSTVEKTVAPTEC
;
B,E,H,K
3 'polypeptide(L)' PLQPEQPFP C,F,I,L
#
# COMPACT_ATOMS: atom_id res chain seq x y z
N GLU A 1 -13.15 -13.28 -19.91
CA GLU A 1 -14.04 -12.28 -20.48
C GLU A 1 -14.01 -11.04 -19.59
N VAL A 2 -15.16 -10.39 -19.43
CA VAL A 2 -15.28 -9.26 -18.51
C VAL A 2 -15.09 -9.74 -17.08
N GLN A 3 -14.42 -8.92 -16.26
CA GLN A 3 -14.37 -9.16 -14.83
C GLN A 3 -14.52 -7.86 -14.07
N LEU A 4 -15.30 -7.91 -12.99
CA LEU A 4 -15.54 -6.79 -12.09
C LEU A 4 -15.32 -7.29 -10.67
N LEU A 5 -14.43 -6.64 -9.93
CA LEU A 5 -14.11 -7.09 -8.58
C LEU A 5 -14.15 -5.93 -7.62
N GLU A 6 -15.08 -6.00 -6.66
CA GLU A 6 -15.23 -4.95 -5.66
C GLU A 6 -14.23 -5.13 -4.52
N SER A 7 -13.96 -4.02 -3.83
CA SER A 7 -13.19 -4.05 -2.59
C SER A 7 -13.54 -2.80 -1.79
N GLY A 8 -13.26 -2.86 -0.49
CA GLY A 8 -13.41 -1.72 0.39
C GLY A 8 -14.58 -1.79 1.34
N GLY A 9 -15.40 -2.84 1.27
CA GLY A 9 -16.49 -2.97 2.21
C GLY A 9 -15.99 -3.21 3.62
N GLY A 10 -16.85 -2.94 4.59
CA GLY A 10 -16.48 -3.10 5.98
C GLY A 10 -17.47 -2.43 6.90
N LEU A 11 -17.06 -2.29 8.15
CA LEU A 11 -17.90 -1.76 9.20
C LEU A 11 -17.62 -0.28 9.42
N VAL A 12 -18.68 0.50 9.55
CA VAL A 12 -18.58 1.96 9.68
C VAL A 12 -19.60 2.42 10.72
N GLN A 13 -19.22 3.41 11.52
CA GLN A 13 -20.15 4.02 12.46
C GLN A 13 -21.18 4.87 11.70
N PRO A 14 -22.38 5.03 12.27
CA PRO A 14 -23.35 5.95 11.66
C PRO A 14 -22.77 7.35 11.52
N GLY A 15 -23.03 7.97 10.38
CA GLY A 15 -22.47 9.26 10.06
C GLY A 15 -21.06 9.22 9.50
N GLY A 16 -20.44 8.05 9.43
CA GLY A 16 -19.09 7.91 8.96
C GLY A 16 -19.03 7.83 7.45
N SER A 17 -17.82 7.53 6.96
CA SER A 17 -17.51 7.57 5.54
C SER A 17 -16.79 6.30 5.13
N LEU A 18 -16.94 5.94 3.86
CA LEU A 18 -16.31 4.74 3.32
C LEU A 18 -16.29 4.84 1.81
N ARG A 19 -15.19 4.39 1.20
CA ARG A 19 -15.04 4.41 -0.24
C ARG A 19 -14.91 2.99 -0.77
N LEU A 20 -15.74 2.67 -1.77
CA LEU A 20 -15.70 1.37 -2.43
C LEU A 20 -15.00 1.50 -3.78
N SER A 21 -14.29 0.44 -4.17
CA SER A 21 -13.65 0.36 -5.47
C SER A 21 -14.15 -0.87 -6.22
N CYS A 22 -14.04 -0.80 -7.55
CA CYS A 22 -14.43 -1.88 -8.45
C CYS A 22 -13.38 -1.94 -9.54
N ALA A 23 -12.54 -2.97 -9.54
CA ALA A 23 -11.50 -3.13 -10.54
C ALA A 23 -12.09 -3.88 -11.74
N ALA A 24 -11.98 -3.30 -12.91
CA ALA A 24 -12.57 -3.85 -14.12
C ALA A 24 -11.51 -4.30 -15.10
N SER A 25 -11.80 -5.38 -15.81
CA SER A 25 -10.87 -5.93 -16.79
C SER A 25 -11.66 -6.69 -17.85
N GLY A 26 -11.02 -6.85 -19.01
CA GLY A 26 -11.60 -7.62 -20.09
C GLY A 26 -12.30 -6.79 -21.15
N PHE A 27 -12.32 -5.48 -21.00
CA PHE A 27 -12.98 -4.61 -21.97
C PHE A 27 -12.37 -3.22 -21.86
N THR A 28 -12.62 -2.41 -22.87
CA THR A 28 -12.19 -1.02 -22.82
C THR A 28 -13.10 -0.27 -21.87
N PHE A 29 -12.55 0.07 -20.71
CA PHE A 29 -13.35 0.56 -19.59
C PHE A 29 -14.14 1.80 -19.95
N SER A 30 -13.48 2.78 -20.62
CA SER A 30 -14.08 4.08 -20.87
C SER A 30 -15.21 4.07 -21.90
N THR A 31 -15.42 2.98 -22.63
CA THR A 31 -16.51 2.98 -23.59
C THR A 31 -17.86 2.62 -22.97
N TYR A 32 -17.89 2.22 -21.71
CA TYR A 32 -19.11 1.82 -21.03
C TYR A 32 -19.35 2.64 -19.77
N ALA A 33 -20.61 3.03 -19.56
CA ALA A 33 -21.06 3.55 -18.28
C ALA A 33 -21.03 2.46 -17.21
N MET A 34 -20.77 2.85 -15.97
CA MET A 34 -20.63 1.92 -14.87
C MET A 34 -21.59 2.27 -13.75
N SER A 35 -22.14 1.24 -13.10
CA SER A 35 -23.22 1.40 -12.15
C SER A 35 -22.87 0.77 -10.82
N TRP A 36 -23.51 1.28 -9.77
CA TRP A 36 -23.54 0.65 -8.46
C TRP A 36 -24.97 0.23 -8.12
N VAL A 37 -25.10 -1.00 -7.59
CA VAL A 37 -26.37 -1.56 -7.16
C VAL A 37 -26.14 -2.16 -5.78
N ARG A 38 -27.13 -2.04 -4.90
CA ARG A 38 -26.98 -2.56 -3.55
C ARG A 38 -28.17 -3.43 -3.19
N GLN A 39 -28.00 -4.22 -2.13
CA GLN A 39 -29.03 -5.16 -1.67
C GLN A 39 -28.96 -5.29 -0.16
N ALA A 40 -29.92 -4.68 0.53
CA ALA A 40 -30.03 -4.84 1.97
C ALA A 40 -30.38 -6.30 2.29
N PRO A 41 -30.04 -6.76 3.49
CA PRO A 41 -30.27 -8.19 3.83
C PRO A 41 -31.73 -8.56 3.67
N GLY A 42 -31.98 -9.62 2.89
CA GLY A 42 -33.33 -10.09 2.68
C GLY A 42 -34.23 -9.20 1.84
N LYS A 43 -33.68 -8.22 1.14
CA LYS A 43 -34.45 -7.30 0.32
C LYS A 43 -34.01 -7.41 -1.13
N GLY A 44 -34.64 -6.60 -1.99
CA GLY A 44 -34.38 -6.65 -3.42
C GLY A 44 -33.20 -5.80 -3.84
N LEU A 45 -32.82 -5.96 -5.10
CA LEU A 45 -31.77 -5.12 -5.67
C LEU A 45 -32.24 -3.68 -5.79
N GLU A 46 -31.38 -2.75 -5.39
CA GLU A 46 -31.70 -1.32 -5.43
C GLU A 46 -30.58 -0.58 -6.15
N TRP A 47 -30.94 0.15 -7.20
CA TRP A 47 -29.98 0.97 -7.93
C TRP A 47 -29.47 2.10 -7.04
N VAL A 48 -28.16 2.36 -7.14
CA VAL A 48 -27.51 3.40 -6.35
C VAL A 48 -27.01 4.53 -7.25
N SER A 49 -26.18 4.20 -8.24
CA SER A 49 -25.56 5.26 -9.01
C SER A 49 -25.13 4.74 -10.38
N GLY A 50 -24.93 5.68 -11.29
CA GLY A 50 -24.34 5.38 -12.59
C GLY A 50 -23.43 6.53 -12.97
N ILE A 51 -22.45 6.23 -13.82
CA ILE A 51 -21.48 7.21 -14.26
C ILE A 51 -21.15 6.95 -15.71
N SER A 52 -21.09 8.02 -16.50
CA SER A 52 -20.86 7.87 -17.93
C SER A 52 -19.47 7.31 -18.21
N GLY A 53 -19.28 6.81 -19.43
CA GLY A 53 -17.98 6.28 -19.82
C GLY A 53 -16.86 7.29 -19.64
N SER A 54 -17.10 8.55 -20.04
CA SER A 54 -16.09 9.60 -19.90
C SER A 54 -15.88 10.04 -18.47
N GLY A 55 -16.77 9.67 -17.56
CA GLY A 55 -16.77 10.26 -16.24
C GLY A 55 -17.39 11.64 -16.18
N GLY A 56 -17.92 12.15 -17.30
CA GLY A 56 -18.48 13.48 -17.39
C GLY A 56 -19.84 13.69 -16.77
N SER A 57 -20.56 12.62 -16.45
CA SER A 57 -21.92 12.73 -15.93
C SER A 57 -22.16 11.62 -14.92
N THR A 58 -22.72 12.00 -13.77
CA THR A 58 -23.02 11.06 -12.69
C THR A 58 -24.50 11.14 -12.37
N TYR A 59 -25.04 10.01 -11.90
CA TYR A 59 -26.47 9.86 -11.66
C TYR A 59 -26.67 9.09 -10.36
N TYR A 60 -27.65 9.51 -9.56
CA TYR A 60 -27.83 8.95 -8.23
C TYR A 60 -29.31 8.71 -7.96
N ALA A 61 -29.61 7.61 -7.27
CA ALA A 61 -30.94 7.41 -6.73
C ALA A 61 -31.19 8.38 -5.58
N ASP A 62 -32.45 8.77 -5.43
CA ASP A 62 -32.80 9.76 -4.40
C ASP A 62 -32.38 9.28 -3.02
N SER A 63 -32.36 7.96 -2.79
CA SER A 63 -32.03 7.44 -1.48
C SER A 63 -30.60 7.74 -1.06
N VAL A 64 -29.72 8.06 -2.00
CA VAL A 64 -28.32 8.35 -1.71
C VAL A 64 -27.87 9.72 -2.20
N LYS A 65 -28.73 10.46 -2.89
CA LYS A 65 -28.30 11.74 -3.46
C LYS A 65 -27.88 12.70 -2.36
N GLY A 66 -26.79 13.42 -2.60
CA GLY A 66 -26.22 14.33 -1.62
C GLY A 66 -25.37 13.67 -0.56
N ARG A 67 -25.32 12.35 -0.50
CA ARG A 67 -24.46 11.65 0.44
C ARG A 67 -23.46 10.73 -0.21
N PHE A 68 -23.83 10.08 -1.32
CA PHE A 68 -22.92 9.21 -2.03
C PHE A 68 -22.41 9.93 -3.28
N THR A 69 -21.17 9.63 -3.63
CA THR A 69 -20.51 10.17 -4.81
C THR A 69 -19.90 9.00 -5.57
N THR A 70 -19.95 9.08 -6.89
CA THR A 70 -19.33 8.08 -7.74
C THR A 70 -18.33 8.74 -8.67
N SER A 71 -17.22 8.05 -8.89
CA SER A 71 -16.17 8.51 -9.79
C SER A 71 -15.55 7.30 -10.46
N ARG A 72 -14.61 7.56 -11.39
CA ARG A 72 -13.93 6.49 -12.10
C ARG A 72 -12.57 6.99 -12.55
N ASP A 73 -11.63 6.05 -12.69
CA ASP A 73 -10.30 6.32 -13.23
C ASP A 73 -10.13 5.43 -14.45
N ASN A 74 -10.07 6.05 -15.63
CA ASN A 74 -10.07 5.32 -16.90
C ASN A 74 -8.67 4.92 -17.35
N SER A 75 -7.66 5.11 -16.50
CA SER A 75 -6.36 4.49 -16.69
C SER A 75 -6.18 3.27 -15.80
N LYS A 76 -6.66 3.34 -14.55
CA LYS A 76 -6.65 2.19 -13.66
C LYS A 76 -7.82 1.25 -13.90
N ASN A 77 -8.74 1.59 -14.79
CA ASN A 77 -9.94 0.78 -15.07
C ASN A 77 -10.71 0.48 -13.79
N THR A 78 -10.91 1.50 -12.97
CA THR A 78 -11.51 1.34 -11.66
C THR A 78 -12.67 2.31 -11.49
N LEU A 79 -13.77 1.80 -10.94
CA LEU A 79 -14.95 2.57 -10.58
C LEU A 79 -15.00 2.75 -9.07
N TYR A 80 -15.45 3.91 -8.63
CA TYR A 80 -15.47 4.24 -7.20
C TYR A 80 -16.87 4.64 -6.75
N LEU A 81 -17.13 4.40 -5.45
CA LEU A 81 -18.30 4.93 -4.76
C LEU A 81 -17.83 5.49 -3.43
N GLN A 82 -17.92 6.81 -3.27
CA GLN A 82 -17.56 7.48 -2.02
C GLN A 82 -18.81 7.75 -1.21
N MET A 83 -18.89 7.15 -0.02
CA MET A 83 -20.03 7.32 0.86
C MET A 83 -19.66 8.24 2.01
N ASN A 84 -20.54 9.21 2.28
CA ASN A 84 -20.45 10.06 3.46
C ASN A 84 -21.83 10.10 4.13
N SER A 85 -21.85 10.54 5.39
CA SER A 85 -23.08 10.61 6.17
C SER A 85 -23.86 9.31 6.10
N LEU A 86 -23.16 8.20 6.36
CA LEU A 86 -23.77 6.89 6.25
C LEU A 86 -24.83 6.67 7.33
N ARG A 87 -25.86 5.94 6.97
CA ARG A 87 -26.96 5.61 7.88
C ARG A 87 -27.08 4.10 8.01
N ALA A 88 -27.75 3.67 9.07
CA ALA A 88 -27.93 2.24 9.33
C ALA A 88 -28.57 1.54 8.13
N GLU A 89 -29.55 2.18 7.49
CA GLU A 89 -30.23 1.56 6.35
C GLU A 89 -29.39 1.54 5.08
N ASP A 90 -28.16 2.08 5.10
CA ASP A 90 -27.25 1.87 3.99
C ASP A 90 -26.54 0.52 4.07
N THR A 91 -26.74 -0.24 5.15
CA THR A 91 -26.21 -1.59 5.26
C THR A 91 -26.73 -2.46 4.13
N ALA A 92 -25.81 -3.01 3.34
CA ALA A 92 -26.17 -3.80 2.17
C ALA A 92 -24.90 -4.42 1.61
N VAL A 93 -25.09 -5.40 0.74
CA VAL A 93 -24.04 -5.81 -0.19
C VAL A 93 -24.07 -4.85 -1.37
N TYR A 94 -22.92 -4.30 -1.73
CA TYR A 94 -22.81 -3.35 -2.83
C TYR A 94 -22.17 -4.05 -4.01
N TYR A 95 -22.90 -4.09 -5.13
CA TYR A 95 -22.42 -4.70 -6.36
C TYR A 95 -21.99 -3.63 -7.34
N CYS A 96 -20.84 -3.87 -7.96
CA CYS A 96 -20.42 -3.16 -9.13
C CYS A 96 -21.09 -3.85 -10.32
N ALA A 97 -21.48 -3.06 -11.32
CA ALA A 97 -22.19 -3.65 -12.45
C ALA A 97 -22.00 -2.80 -13.70
N LYS A 98 -22.13 -3.45 -14.85
CA LYS A 98 -22.00 -2.81 -16.15
C LYS A 98 -23.20 -3.18 -17.02
N PHE A 99 -24.10 -2.23 -17.23
CA PHE A 99 -25.28 -2.42 -18.08
C PHE A 99 -25.07 -1.74 -19.42
N SER A 100 -25.33 -2.47 -20.51
CA SER A 100 -24.93 -2.01 -21.84
C SER A 100 -25.96 -1.10 -22.51
N GLY A 101 -27.25 -1.30 -22.28
CA GLY A 101 -28.26 -0.49 -22.94
C GLY A 101 -28.74 -1.03 -24.27
N LYS A 102 -29.04 -0.14 -25.22
CA LYS A 102 -29.41 -0.52 -26.59
C LYS A 102 -28.30 -0.08 -27.53
N ASP A 103 -27.56 -1.03 -28.06
CA ASP A 103 -26.79 -0.81 -29.28
C ASP A 103 -26.95 -2.08 -30.15
N CYS A 104 -26.23 -3.21 -29.96
CA CYS A 104 -24.88 -3.41 -29.42
C CYS A 104 -24.02 -4.40 -30.26
N SER A 105 -24.57 -5.50 -30.81
CA SER A 105 -25.99 -5.91 -30.74
C SER A 105 -26.13 -7.38 -30.36
N GLY A 106 -25.00 -8.05 -30.23
CA GLY A 106 -25.01 -9.44 -29.78
C GLY A 106 -24.43 -9.53 -28.38
N THR A 107 -23.22 -10.08 -28.28
CA THR A 107 -22.61 -10.25 -26.97
C THR A 107 -22.24 -8.91 -26.32
N SER A 108 -22.18 -7.84 -27.11
CA SER A 108 -21.96 -6.51 -26.54
C SER A 108 -23.19 -5.99 -25.80
N CYS A 109 -24.37 -6.58 -26.02
CA CYS A 109 -25.57 -6.24 -25.28
C CYS A 109 -25.70 -6.98 -23.95
N ARG A 110 -24.72 -7.80 -23.59
CA ARG A 110 -24.75 -8.47 -22.29
C ARG A 110 -24.49 -7.48 -21.16
N ASP A 111 -24.98 -7.82 -19.97
CA ASP A 111 -24.67 -7.11 -18.75
C ASP A 111 -23.77 -7.96 -17.87
N TYR A 112 -23.10 -7.30 -16.91
CA TYR A 112 -22.13 -7.96 -16.06
C TYR A 112 -22.25 -7.45 -14.63
N TRP A 113 -22.08 -8.36 -13.68
CA TRP A 113 -22.12 -8.06 -12.26
C TRP A 113 -20.79 -8.37 -11.61
N GLY A 114 -20.48 -7.66 -10.53
CA GLY A 114 -19.40 -8.04 -9.65
C GLY A 114 -19.86 -9.03 -8.60
N GLN A 115 -18.95 -9.35 -7.69
CA GLN A 115 -19.23 -10.31 -6.63
C GLN A 115 -19.85 -9.67 -5.40
N GLY A 116 -19.80 -8.36 -5.28
CA GLY A 116 -20.35 -7.65 -4.15
C GLY A 116 -19.35 -7.53 -3.00
N THR A 117 -19.58 -6.50 -2.18
CA THR A 117 -18.83 -6.33 -0.95
C THR A 117 -19.77 -5.77 0.10
N LEU A 118 -19.64 -6.27 1.33
CA LEU A 118 -20.60 -5.99 2.39
C LEU A 118 -20.24 -4.70 3.12
N VAL A 119 -21.21 -3.83 3.28
CA VAL A 119 -21.05 -2.59 4.04
C VAL A 119 -21.99 -2.64 5.22
N THR A 120 -21.44 -2.51 6.42
CA THR A 120 -22.23 -2.53 7.64
C THR A 120 -22.11 -1.17 8.31
N VAL A 121 -23.25 -0.52 8.51
CA VAL A 121 -23.32 0.74 9.22
C VAL A 121 -24.01 0.46 10.54
N SER A 122 -23.25 0.50 11.63
CA SER A 122 -23.75 0.11 12.93
C SER A 122 -22.91 0.79 14.00
N SER A 123 -23.52 1.00 15.16
CA SER A 123 -22.78 1.51 16.30
C SER A 123 -22.04 0.41 17.04
N ALA A 124 -22.34 -0.86 16.76
CA ALA A 124 -21.59 -1.97 17.32
C ALA A 124 -20.19 -2.02 16.74
N SER A 125 -19.22 -2.36 17.58
CA SER A 125 -17.82 -2.40 17.20
C SER A 125 -17.39 -3.82 16.80
N THR A 126 -16.26 -3.89 16.13
CA THR A 126 -15.72 -5.16 15.66
C THR A 126 -15.29 -6.04 16.84
N LYS A 127 -15.43 -7.34 16.66
CA LYS A 127 -14.85 -8.31 17.59
C LYS A 127 -14.34 -9.50 16.79
N GLY A 128 -13.07 -9.86 17.01
CA GLY A 128 -12.50 -11.03 16.40
C GLY A 128 -13.03 -12.28 17.04
N PRO A 129 -12.97 -13.40 16.32
CA PRO A 129 -13.47 -14.65 16.88
C PRO A 129 -12.44 -15.33 17.76
N SER A 130 -12.94 -16.19 18.65
CA SER A 130 -12.13 -17.21 19.29
C SER A 130 -12.33 -18.51 18.52
N VAL A 131 -11.24 -19.20 18.24
CA VAL A 131 -11.27 -20.42 17.44
C VAL A 131 -10.92 -21.61 18.32
N PHE A 132 -11.74 -22.64 18.25
CA PHE A 132 -11.54 -23.85 19.03
C PHE A 132 -11.57 -25.06 18.10
N PRO A 133 -10.75 -26.07 18.35
CA PRO A 133 -10.79 -27.28 17.53
C PRO A 133 -11.94 -28.19 17.89
N LEU A 134 -12.39 -28.97 16.89
CA LEU A 134 -13.44 -29.97 17.08
C LEU A 134 -12.88 -31.32 16.65
N ALA A 135 -12.50 -32.13 17.63
CA ALA A 135 -11.96 -33.47 17.42
C ALA A 135 -13.10 -34.51 17.43
N PRO A 136 -12.84 -35.78 17.02
CA PRO A 136 -11.63 -36.44 16.54
C PRO A 136 -11.27 -36.06 15.12
N GLY A 144 -16.20 -45.64 8.34
CA GLY A 144 -14.96 -45.59 7.58
C GLY A 144 -14.28 -44.24 7.62
N THR A 145 -15.07 -43.19 7.70
CA THR A 145 -14.55 -41.82 7.73
C THR A 145 -14.79 -41.18 9.09
N ALA A 146 -13.98 -40.17 9.37
CA ALA A 146 -14.05 -39.38 10.59
C ALA A 146 -14.43 -37.95 10.24
N ALA A 147 -14.99 -37.24 11.20
CA ALA A 147 -15.35 -35.84 11.02
C ALA A 147 -14.66 -35.01 12.09
N LEU A 148 -14.11 -33.88 11.67
CA LEU A 148 -13.41 -32.97 12.57
C LEU A 148 -13.62 -31.55 12.02
N GLY A 149 -13.47 -30.57 12.90
CA GLY A 149 -13.73 -29.23 12.45
C GLY A 149 -13.13 -28.17 13.35
N CYS A 150 -13.58 -26.94 13.12
CA CYS A 150 -13.17 -25.78 13.91
C CYS A 150 -14.40 -24.97 14.27
N LEU A 151 -14.43 -24.51 15.52
CA LEU A 151 -15.49 -23.63 16.01
C LEU A 151 -14.99 -22.19 15.97
N VAL A 152 -15.73 -21.32 15.29
CA VAL A 152 -15.37 -19.92 15.11
C VAL A 152 -16.41 -19.10 15.87
N LYS A 153 -16.10 -18.78 17.12
CA LYS A 153 -17.08 -18.32 18.09
C LYS A 153 -16.98 -16.81 18.32
N ASP A 154 -18.15 -16.17 18.38
CA ASP A 154 -18.31 -14.81 18.91
C ASP A 154 -17.50 -13.78 18.11
N TYR A 155 -17.95 -13.51 16.89
CA TYR A 155 -17.31 -12.49 16.08
C TYR A 155 -18.37 -11.55 15.49
N PHE A 156 -17.90 -10.38 15.05
CA PHE A 156 -18.74 -9.39 14.38
C PHE A 156 -17.83 -8.38 13.68
N PRO A 157 -18.20 -8.01 12.44
CA PRO A 157 -19.32 -8.58 11.70
C PRO A 157 -18.88 -9.70 10.78
N GLU A 158 -19.81 -10.19 9.96
CA GLU A 158 -19.48 -11.07 8.84
C GLU A 158 -18.58 -10.29 7.88
N PRO A 159 -17.77 -11.00 7.07
CA PRO A 159 -17.66 -12.45 6.95
C PRO A 159 -16.43 -13.06 7.61
N VAL A 160 -16.42 -14.39 7.68
CA VAL A 160 -15.25 -15.18 8.06
C VAL A 160 -14.97 -16.16 6.93
N THR A 161 -13.69 -16.28 6.57
CA THR A 161 -13.25 -17.32 5.66
C THR A 161 -12.53 -18.41 6.43
N VAL A 162 -12.71 -19.64 6.00
CA VAL A 162 -12.05 -20.79 6.60
C VAL A 162 -11.49 -21.65 5.47
N SER A 163 -10.21 -21.96 5.53
CA SER A 163 -9.61 -22.93 4.64
C SER A 163 -9.01 -24.05 5.50
N TRP A 164 -8.60 -25.13 4.85
CA TRP A 164 -7.99 -26.25 5.53
C TRP A 164 -6.65 -26.56 4.89
N ASN A 165 -5.63 -26.74 5.74
CA ASN A 165 -4.25 -26.93 5.31
C ASN A 165 -3.87 -25.95 4.21
N SER A 166 -4.29 -24.69 4.38
CA SER A 166 -3.90 -23.59 3.49
C SER A 166 -4.28 -23.84 2.04
N GLY A 167 -5.41 -24.51 1.83
CA GLY A 167 -5.92 -24.76 0.50
C GLY A 167 -5.63 -26.14 -0.04
N ALA A 168 -4.75 -26.90 0.63
CA ALA A 168 -4.43 -28.24 0.18
C ALA A 168 -5.56 -29.24 0.45
N LEU A 169 -6.48 -28.93 1.35
CA LEU A 169 -7.57 -29.84 1.70
C LEU A 169 -8.88 -29.14 1.36
N THR A 170 -9.60 -29.67 0.36
CA THR A 170 -10.83 -29.05 -0.12
C THR A 170 -11.99 -30.03 -0.17
N SER A 171 -11.72 -31.31 -0.39
CA SER A 171 -12.77 -32.31 -0.47
C SER A 171 -13.21 -32.72 0.93
N GLY A 172 -14.52 -32.84 1.11
CA GLY A 172 -15.08 -33.13 2.41
C GLY A 172 -15.30 -31.91 3.28
N VAL A 173 -14.87 -30.74 2.82
CA VAL A 173 -14.98 -29.52 3.62
C VAL A 173 -16.37 -28.94 3.46
N HIS A 174 -17.03 -28.70 4.59
CA HIS A 174 -18.31 -27.99 4.61
C HIS A 174 -18.23 -26.94 5.72
N THR A 175 -18.26 -25.68 5.32
CA THR A 175 -18.29 -24.56 6.24
C THR A 175 -19.73 -24.09 6.37
N PHE A 176 -20.29 -24.20 7.57
CA PHE A 176 -21.69 -23.94 7.79
C PHE A 176 -21.97 -22.44 7.89
N PRO A 177 -23.15 -22.00 7.45
CA PRO A 177 -23.55 -20.60 7.68
C PRO A 177 -23.55 -20.26 9.16
N ALA A 178 -23.23 -19.01 9.46
CA ALA A 178 -23.11 -18.56 10.83
C ALA A 178 -24.49 -18.38 11.47
N VAL A 179 -24.54 -18.64 12.77
CA VAL A 179 -25.69 -18.27 13.59
C VAL A 179 -25.49 -16.86 14.10
N LEU A 180 -26.55 -16.05 14.03
CA LEU A 180 -26.55 -14.73 14.65
C LEU A 180 -27.19 -14.88 16.03
N GLN A 181 -26.34 -14.89 17.05
CA GLN A 181 -26.80 -15.05 18.43
C GLN A 181 -27.56 -13.81 18.89
N SER A 182 -28.34 -14.00 19.97
CA SER A 182 -29.08 -12.88 20.54
C SER A 182 -28.14 -11.82 21.10
N SER A 183 -26.91 -12.19 21.43
CA SER A 183 -25.89 -11.23 21.82
C SER A 183 -25.50 -10.28 20.69
N GLY A 184 -25.86 -10.58 19.45
CA GLY A 184 -25.44 -9.79 18.31
C GLY A 184 -24.15 -10.24 17.66
N LEU A 185 -23.49 -11.26 18.20
CA LEU A 185 -22.28 -11.81 17.64
C LEU A 185 -22.56 -13.10 16.87
N TYR A 186 -21.73 -13.36 15.87
CA TYR A 186 -21.87 -14.54 15.04
C TYR A 186 -21.01 -15.69 15.55
N SER A 187 -21.41 -16.90 15.17
CA SER A 187 -20.57 -18.08 15.33
C SER A 187 -20.83 -18.99 14.15
N LEU A 188 -19.78 -19.66 13.67
CA LEU A 188 -19.94 -20.68 12.65
C LEU A 188 -19.01 -21.84 12.95
N SER A 189 -19.17 -22.91 12.19
CA SER A 189 -18.29 -24.06 12.28
C SER A 189 -17.96 -24.54 10.87
N SER A 190 -16.75 -25.04 10.70
CA SER A 190 -16.31 -25.63 9.44
C SER A 190 -15.87 -27.05 9.74
N VAL A 191 -16.46 -28.01 9.03
CA VAL A 191 -16.21 -29.42 9.26
C VAL A 191 -15.64 -30.06 8.00
N VAL A 192 -14.77 -31.05 8.20
CA VAL A 192 -14.16 -31.80 7.11
C VAL A 192 -14.27 -33.29 7.42
N THR A 193 -14.62 -34.07 6.40
CA THR A 193 -14.70 -35.52 6.51
C THR A 193 -13.42 -36.12 5.93
N VAL A 194 -12.73 -36.93 6.73
CA VAL A 194 -11.43 -37.48 6.35
C VAL A 194 -11.40 -38.98 6.62
N PRO A 195 -10.61 -39.77 5.90
CA PRO A 195 -10.47 -41.18 6.24
C PRO A 195 -10.00 -41.35 7.68
N SER A 196 -10.54 -42.38 8.33
CA SER A 196 -10.21 -42.66 9.73
C SER A 196 -8.82 -43.24 9.91
N SER A 197 -8.09 -43.48 8.83
CA SER A 197 -6.76 -44.06 8.90
C SER A 197 -5.69 -42.99 9.02
N SER A 198 -5.82 -41.91 8.25
CA SER A 198 -4.82 -40.86 8.26
C SER A 198 -4.91 -39.99 9.50
N LEU A 199 -5.71 -40.39 10.48
CA LEU A 199 -5.88 -39.58 11.69
C LEU A 199 -4.56 -39.42 12.43
N GLY A 200 -3.81 -40.52 12.56
CA GLY A 200 -2.47 -40.45 13.11
C GLY A 200 -1.38 -40.08 12.12
N THR A 201 -1.65 -40.22 10.83
CA THR A 201 -0.70 -39.83 9.78
C THR A 201 -0.81 -38.35 9.43
N GLN A 202 -2.00 -37.92 9.03
CA GLN A 202 -2.22 -36.61 8.42
C GLN A 202 -2.47 -35.54 9.48
N THR A 203 -1.94 -34.34 9.24
CA THR A 203 -2.12 -33.21 10.12
C THR A 203 -3.20 -32.30 9.55
N TYR A 204 -4.09 -31.82 10.42
CA TYR A 204 -5.22 -31.00 10.01
C TYR A 204 -5.18 -29.66 10.71
N ILE A 205 -5.13 -28.60 9.93
CA ILE A 205 -5.08 -27.22 10.42
C ILE A 205 -6.17 -26.44 9.68
N CYS A 206 -7.05 -25.78 10.42
CA CYS A 206 -7.99 -24.86 9.82
C CYS A 206 -7.41 -23.45 9.88
N ASN A 207 -7.57 -22.72 8.79
CA ASN A 207 -7.05 -21.35 8.68
C ASN A 207 -8.25 -20.42 8.68
N VAL A 208 -8.49 -19.77 9.82
CA VAL A 208 -9.59 -18.84 9.99
C VAL A 208 -9.06 -17.44 9.78
N ASN A 209 -9.79 -16.64 9.01
CA ASN A 209 -9.44 -15.24 8.76
C ASN A 209 -10.68 -14.37 8.84
N HIS A 210 -10.62 -13.34 9.69
CA HIS A 210 -11.69 -12.37 9.89
C HIS A 210 -11.11 -10.99 9.60
N LYS A 211 -11.21 -10.55 8.34
CA LYS A 211 -10.62 -9.27 7.98
C LYS A 211 -11.08 -8.08 8.81
N PRO A 212 -12.37 -7.92 9.17
CA PRO A 212 -12.75 -6.70 9.91
C PRO A 212 -11.96 -6.47 11.19
N SER A 213 -11.40 -7.53 11.79
CA SER A 213 -10.63 -7.38 13.02
C SER A 213 -9.16 -7.75 12.85
N ASN A 214 -8.69 -7.95 11.61
CA ASN A 214 -7.32 -8.38 11.33
C ASN A 214 -6.97 -9.68 12.05
N THR A 215 -7.97 -10.53 12.30
CA THR A 215 -7.74 -11.78 13.01
C THR A 215 -7.42 -12.88 12.00
N LYS A 216 -6.27 -13.53 12.18
CA LYS A 216 -5.88 -14.69 11.40
C LYS A 216 -5.46 -15.76 12.39
N VAL A 217 -6.16 -16.89 12.39
CA VAL A 217 -5.91 -17.97 13.32
C VAL A 217 -5.73 -19.26 12.52
N ASP A 218 -4.68 -20.01 12.85
CA ASP A 218 -4.45 -21.35 12.31
C ASP A 218 -4.56 -22.31 13.48
N LYS A 219 -5.55 -23.19 13.45
CA LYS A 219 -5.81 -24.08 14.57
C LYS A 219 -5.59 -25.52 14.15
N LYS A 220 -4.77 -26.23 14.92
CA LYS A 220 -4.50 -27.62 14.67
C LYS A 220 -5.56 -28.47 15.37
N VAL A 221 -6.08 -29.46 14.66
CA VAL A 221 -7.17 -30.29 15.17
C VAL A 221 -6.65 -31.72 15.28
N GLU A 222 -6.53 -32.22 16.50
CA GLU A 222 -6.03 -33.54 16.82
C GLU A 222 -7.02 -34.33 17.66
N PRO A 223 -6.95 -35.67 17.61
CA PRO A 223 -7.77 -36.50 18.50
C PRO A 223 -7.25 -36.47 19.95
N GLN B 1 -44.63 7.22 -13.85
CA GLN B 1 -43.30 6.80 -13.42
C GLN B 1 -42.99 5.39 -13.92
N LEU B 2 -41.72 5.17 -14.26
CA LEU B 2 -41.28 3.87 -14.75
C LEU B 2 -41.19 2.88 -13.59
N VAL B 3 -42.01 1.83 -13.64
CA VAL B 3 -42.11 0.83 -12.58
C VAL B 3 -42.17 -0.55 -13.22
N LEU B 4 -41.49 -1.52 -12.61
CA LEU B 4 -41.59 -2.93 -13.01
C LEU B 4 -42.28 -3.72 -11.91
N THR B 5 -43.30 -4.49 -12.29
CA THR B 5 -44.14 -5.24 -11.35
C THR B 5 -43.88 -6.72 -11.49
N GLN B 6 -43.37 -7.35 -10.43
CA GLN B 6 -43.20 -8.79 -10.35
C GLN B 6 -43.93 -9.33 -9.15
N SER B 7 -44.58 -10.48 -9.32
CA SER B 7 -45.09 -11.22 -8.18
C SER B 7 -43.93 -11.71 -7.30
N PRO B 8 -44.11 -11.75 -5.99
CA PRO B 8 -42.99 -12.11 -5.11
C PRO B 8 -42.53 -13.55 -5.25
N SER B 9 -43.41 -14.46 -5.66
CA SER B 9 -43.07 -15.88 -5.65
C SER B 9 -43.69 -16.58 -6.86
N ALA B 10 -43.11 -17.73 -7.19
CA ALA B 10 -43.57 -18.58 -8.27
C ALA B 10 -43.09 -20.00 -7.99
N SER B 11 -43.83 -20.98 -8.51
CA SER B 11 -43.51 -22.36 -8.25
C SER B 11 -43.99 -23.22 -9.41
N ALA B 12 -43.26 -24.30 -9.65
CA ALA B 12 -43.65 -25.32 -10.62
C ALA B 12 -42.89 -26.58 -10.27
N SER B 13 -43.23 -27.67 -10.94
CA SER B 13 -42.70 -28.98 -10.55
C SER B 13 -41.39 -29.28 -11.25
N LEU B 14 -40.58 -30.14 -10.61
CA LEU B 14 -39.35 -30.63 -11.19
C LEU B 14 -39.61 -31.22 -12.57
N GLY B 15 -38.78 -30.84 -13.54
CA GLY B 15 -38.94 -31.32 -14.89
C GLY B 15 -39.98 -30.60 -15.70
N ALA B 16 -40.85 -29.81 -15.06
CA ALA B 16 -41.85 -29.03 -15.76
C ALA B 16 -41.28 -27.67 -16.15
N SER B 17 -42.13 -26.83 -16.74
CA SER B 17 -41.74 -25.48 -17.13
C SER B 17 -42.51 -24.45 -16.30
N VAL B 18 -41.93 -23.26 -16.16
CA VAL B 18 -42.56 -22.15 -15.47
C VAL B 18 -42.32 -20.86 -16.27
N ARG B 19 -43.28 -19.95 -16.17
CA ARG B 19 -43.22 -18.64 -16.81
C ARG B 19 -43.18 -17.56 -15.73
N LEU B 20 -42.16 -16.72 -15.77
CA LEU B 20 -42.10 -15.56 -14.90
C LEU B 20 -42.47 -14.31 -15.69
N THR B 21 -43.21 -13.42 -15.06
CA THR B 21 -43.77 -12.26 -15.72
C THR B 21 -43.29 -10.97 -15.07
N CYS B 22 -42.80 -10.05 -15.90
CA CYS B 22 -42.45 -8.69 -15.51
C CYS B 22 -43.33 -7.75 -16.33
N THR B 23 -44.07 -6.86 -15.65
CA THR B 23 -44.96 -5.93 -16.31
C THR B 23 -44.47 -4.49 -16.16
N LEU B 24 -44.32 -3.80 -17.30
CA LEU B 24 -43.95 -2.40 -17.30
C LEU B 24 -45.16 -1.53 -17.00
N SER B 25 -44.95 -0.43 -16.28
CA SER B 25 -46.03 0.51 -16.04
C SER B 25 -46.47 1.14 -17.36
N SER B 26 -47.72 1.59 -17.40
CA SER B 26 -48.30 2.13 -18.63
C SER B 26 -47.45 3.27 -19.18
N GLY B 27 -47.34 3.31 -20.50
CA GLY B 27 -46.53 4.31 -21.16
C GLY B 27 -45.10 3.92 -21.44
N HIS B 28 -44.67 2.74 -21.01
CA HIS B 28 -43.32 2.26 -21.26
C HIS B 28 -43.38 0.87 -21.90
N SER B 29 -44.45 0.62 -22.66
CA SER B 29 -44.77 -0.69 -23.21
C SER B 29 -43.79 -1.16 -24.28
N SER B 30 -42.93 -0.29 -24.79
CA SER B 30 -41.93 -0.66 -25.79
C SER B 30 -40.54 -0.86 -25.19
N TYR B 31 -40.38 -0.69 -23.88
CA TYR B 31 -39.07 -0.68 -23.26
C TYR B 31 -38.41 -2.06 -23.26
N VAL B 32 -37.08 -2.06 -23.26
CA VAL B 32 -36.29 -3.26 -23.10
C VAL B 32 -36.09 -3.53 -21.61
N ILE B 33 -36.20 -4.80 -21.21
CA ILE B 33 -35.88 -5.22 -19.86
C ILE B 33 -34.77 -6.26 -19.93
N ALA B 34 -34.16 -6.51 -18.78
CA ALA B 34 -33.17 -7.57 -18.63
C ALA B 34 -33.61 -8.48 -17.50
N TRP B 35 -33.35 -9.77 -17.63
CA TRP B 35 -33.60 -10.74 -16.58
C TRP B 35 -32.27 -11.08 -15.90
N HIS B 36 -32.28 -11.06 -14.57
CA HIS B 36 -31.12 -11.42 -13.77
C HIS B 36 -31.49 -12.47 -12.76
N GLN B 37 -30.65 -13.50 -12.64
CA GLN B 37 -30.85 -14.59 -11.68
C GLN B 37 -29.92 -14.39 -10.49
N GLN B 38 -30.45 -14.59 -9.28
CA GLN B 38 -29.63 -14.54 -8.07
C GLN B 38 -29.97 -15.73 -7.18
N GLN B 39 -29.06 -16.69 -7.11
CA GLN B 39 -29.20 -17.78 -6.16
C GLN B 39 -28.82 -17.31 -4.76
N SER B 40 -29.28 -18.06 -3.76
CA SER B 40 -29.09 -17.66 -2.38
C SER B 40 -27.61 -17.53 -2.04
N GLU B 41 -27.24 -16.42 -1.40
CA GLU B 41 -25.88 -16.11 -0.96
C GLU B 41 -24.91 -15.93 -2.13
N LYS B 42 -25.44 -15.58 -3.31
CA LYS B 42 -24.62 -15.34 -4.49
C LYS B 42 -25.00 -13.97 -5.06
N GLY B 43 -24.10 -13.41 -5.89
CA GLY B 43 -24.40 -12.19 -6.60
C GLY B 43 -25.21 -12.46 -7.87
N PRO B 44 -25.82 -11.42 -8.44
CA PRO B 44 -26.70 -11.65 -9.59
C PRO B 44 -25.94 -12.17 -10.80
N ARG B 45 -26.66 -12.87 -11.66
CA ARG B 45 -26.12 -13.36 -12.91
C ARG B 45 -27.05 -12.94 -14.04
N TYR B 46 -26.51 -12.18 -14.99
CA TYR B 46 -27.29 -11.74 -16.13
C TYR B 46 -27.72 -12.93 -16.98
N LEU B 47 -28.99 -12.94 -17.39
CA LEU B 47 -29.52 -14.01 -18.23
C LEU B 47 -29.70 -13.56 -19.67
N MET B 48 -30.50 -12.52 -19.92
CA MET B 48 -30.85 -12.12 -21.28
C MET B 48 -31.58 -10.79 -21.23
N LYS B 49 -31.79 -10.22 -22.42
CA LYS B 49 -32.64 -9.06 -22.57
C LYS B 49 -33.87 -9.43 -23.39
N VAL B 50 -34.97 -8.70 -23.16
CA VAL B 50 -36.22 -8.94 -23.85
C VAL B 50 -36.84 -7.59 -24.22
N ASN B 51 -37.00 -7.34 -25.51
CA ASN B 51 -37.73 -6.18 -25.99
C ASN B 51 -39.09 -6.62 -26.52
N SER B 52 -39.82 -5.71 -27.17
CA SER B 52 -41.19 -6.01 -27.58
C SER B 52 -41.27 -7.11 -28.63
N ASP B 53 -40.26 -7.27 -29.48
CA ASP B 53 -40.23 -8.38 -30.44
C ASP B 53 -39.63 -9.65 -29.83
N GLY B 54 -39.74 -9.81 -28.52
CA GLY B 54 -39.07 -10.88 -27.81
C GLY B 54 -37.57 -10.76 -27.82
N SER B 55 -36.91 -11.51 -28.72
CA SER B 55 -35.47 -11.42 -28.95
C SER B 55 -34.69 -11.69 -27.68
N HIS B 56 -33.36 -11.65 -27.76
CA HIS B 56 -32.53 -11.95 -26.60
C HIS B 56 -31.18 -11.25 -26.74
N SER B 57 -30.31 -11.51 -25.76
CA SER B 57 -28.86 -11.37 -25.85
C SER B 57 -28.26 -12.18 -24.72
N LYS B 58 -28.54 -13.48 -24.73
CA LYS B 58 -28.24 -14.38 -23.63
C LYS B 58 -26.81 -14.21 -23.13
N GLY B 59 -26.65 -14.34 -21.82
CA GLY B 59 -25.33 -14.30 -21.24
C GLY B 59 -24.57 -15.59 -21.51
N ASP B 60 -23.30 -15.60 -21.14
CA ASP B 60 -22.46 -16.75 -21.41
C ASP B 60 -22.91 -17.94 -20.55
N GLY B 61 -23.05 -19.10 -21.17
CA GLY B 61 -23.41 -20.31 -20.46
C GLY B 61 -24.86 -20.41 -20.04
N ILE B 62 -25.72 -19.49 -20.48
CA ILE B 62 -27.14 -19.59 -20.13
C ILE B 62 -27.76 -20.75 -20.90
N PRO B 63 -28.42 -21.70 -20.23
CA PRO B 63 -28.93 -22.88 -20.93
C PRO B 63 -30.01 -22.54 -21.95
N ASP B 64 -30.19 -23.44 -22.92
CA ASP B 64 -31.29 -23.33 -23.86
C ASP B 64 -32.65 -23.43 -23.15
N ARG B 65 -32.70 -24.14 -22.02
CA ARG B 65 -33.95 -24.23 -21.24
C ARG B 65 -34.52 -22.86 -20.92
N PHE B 66 -33.68 -21.83 -20.89
CA PHE B 66 -34.09 -20.47 -20.57
C PHE B 66 -34.44 -19.74 -21.85
N SER B 67 -35.58 -19.06 -21.87
CA SER B 67 -35.99 -18.28 -23.03
C SER B 67 -36.84 -17.10 -22.58
N GLY B 68 -36.95 -16.11 -23.46
CA GLY B 68 -37.72 -14.93 -23.17
C GLY B 68 -38.71 -14.63 -24.28
N SER B 69 -39.76 -13.89 -23.91
CA SER B 69 -40.80 -13.52 -24.86
C SER B 69 -41.49 -12.26 -24.33
N SER B 70 -42.39 -11.71 -25.15
CA SER B 70 -42.98 -10.42 -24.86
C SER B 70 -44.40 -10.36 -25.39
N SER B 71 -45.22 -9.55 -24.73
CA SER B 71 -46.60 -9.31 -25.16
C SER B 71 -47.07 -8.01 -24.52
N GLY B 72 -47.30 -6.98 -25.34
CA GLY B 72 -47.74 -5.70 -24.79
C GLY B 72 -46.74 -5.15 -23.80
N ALA B 73 -47.23 -4.81 -22.61
CA ALA B 73 -46.39 -4.29 -21.54
C ALA B 73 -45.73 -5.38 -20.73
N GLU B 74 -45.97 -6.65 -21.04
CA GLU B 74 -45.48 -7.77 -20.25
C GLU B 74 -44.26 -8.40 -20.90
N ARG B 75 -43.28 -8.76 -20.07
CA ARG B 75 -42.07 -9.44 -20.50
C ARG B 75 -41.94 -10.73 -19.72
N TYR B 76 -41.51 -11.79 -20.40
CA TYR B 76 -41.51 -13.12 -19.81
C TYR B 76 -40.14 -13.76 -19.81
N LEU B 77 -39.92 -14.57 -18.77
CA LEU B 77 -38.83 -15.52 -18.72
C LEU B 77 -39.44 -16.89 -18.50
N THR B 78 -39.19 -17.81 -19.42
CA THR B 78 -39.68 -19.17 -19.34
C THR B 78 -38.52 -20.13 -19.14
N ILE B 79 -38.62 -20.99 -18.13
CA ILE B 79 -37.61 -22.00 -17.82
C ILE B 79 -38.28 -23.35 -17.94
N SER B 80 -37.84 -24.14 -18.92
CA SER B 80 -38.36 -25.49 -19.11
C SER B 80 -37.42 -26.51 -18.47
N SER B 81 -37.96 -27.69 -18.21
CA SER B 81 -37.21 -28.81 -17.64
C SER B 81 -36.51 -28.38 -16.35
N LEU B 82 -37.32 -27.90 -15.40
CA LEU B 82 -36.79 -27.27 -14.19
C LEU B 82 -35.93 -28.25 -13.39
N GLN B 83 -34.84 -27.72 -12.86
CA GLN B 83 -33.92 -28.44 -11.99
C GLN B 83 -33.89 -27.74 -10.64
N SER B 84 -33.37 -28.46 -9.63
CA SER B 84 -33.23 -27.85 -8.31
C SER B 84 -32.44 -26.54 -8.38
N GLU B 85 -31.37 -26.53 -9.21
CA GLU B 85 -30.52 -25.34 -9.29
C GLU B 85 -31.25 -24.12 -9.81
N ASP B 86 -32.42 -24.29 -10.46
CA ASP B 86 -33.18 -23.16 -10.95
C ASP B 86 -33.87 -22.39 -9.83
N GLU B 87 -33.96 -22.96 -8.64
CA GLU B 87 -34.48 -22.21 -7.49
C GLU B 87 -33.58 -21.02 -7.22
N ALA B 88 -34.15 -19.83 -7.34
CA ALA B 88 -33.40 -18.58 -7.25
C ALA B 88 -34.41 -17.43 -7.17
N ASP B 89 -33.88 -16.23 -6.95
CA ASP B 89 -34.66 -15.01 -7.12
C ASP B 89 -34.37 -14.47 -8.52
N TYR B 90 -35.44 -14.08 -9.23
CA TYR B 90 -35.31 -13.58 -10.59
C TYR B 90 -35.80 -12.14 -10.61
N TYR B 91 -34.91 -11.24 -11.03
CA TYR B 91 -35.20 -9.81 -11.11
C TYR B 91 -35.26 -9.40 -12.57
N CYS B 92 -36.29 -8.66 -12.91
CA CYS B 92 -36.26 -7.92 -14.16
C CYS B 92 -35.74 -6.51 -13.88
N GLN B 93 -35.14 -5.90 -14.89
CA GLN B 93 -34.51 -4.61 -14.70
C GLN B 93 -34.59 -3.87 -16.01
N THR B 94 -34.83 -2.56 -15.94
CA THR B 94 -34.92 -1.71 -17.11
C THR B 94 -34.23 -0.40 -16.79
N TRP B 95 -34.33 0.56 -17.70
CA TRP B 95 -33.72 1.86 -17.48
C TRP B 95 -34.54 2.93 -18.17
N GLY B 96 -34.44 4.15 -17.64
CA GLY B 96 -35.05 5.32 -18.21
C GLY B 96 -34.02 6.41 -18.44
N ALA B 97 -34.44 7.67 -18.32
CA ALA B 97 -33.61 8.82 -18.65
C ALA B 97 -32.24 8.75 -18.00
N GLY B 98 -32.18 8.93 -16.69
CA GLY B 98 -30.92 8.81 -15.98
C GLY B 98 -31.02 7.87 -14.80
N ILE B 99 -31.71 6.74 -14.98
CA ILE B 99 -32.05 5.85 -13.89
C ILE B 99 -32.01 4.41 -14.37
N LEU B 100 -31.77 3.51 -13.43
CA LEU B 100 -32.11 2.10 -13.57
C LEU B 100 -33.32 1.83 -12.69
N VAL B 101 -34.11 0.83 -13.09
CA VAL B 101 -35.28 0.42 -12.33
C VAL B 101 -35.28 -1.09 -12.24
N PHE B 102 -35.49 -1.60 -11.03
CA PHE B 102 -35.56 -3.04 -10.77
C PHE B 102 -36.98 -3.43 -10.38
N GLY B 103 -37.41 -4.59 -10.84
CA GLY B 103 -38.56 -5.22 -10.22
C GLY B 103 -38.23 -5.70 -8.82
N GLY B 104 -39.28 -6.06 -8.09
CA GLY B 104 -39.07 -6.56 -6.73
C GLY B 104 -38.46 -7.95 -6.65
N GLY B 105 -38.34 -8.65 -7.77
CA GLY B 105 -37.82 -10.01 -7.78
C GLY B 105 -38.90 -11.04 -7.49
N THR B 106 -38.75 -12.21 -8.11
CA THR B 106 -39.62 -13.35 -7.89
C THR B 106 -38.81 -14.53 -7.41
N LYS B 107 -39.21 -15.09 -6.27
CA LYS B 107 -38.59 -16.28 -5.70
C LYS B 107 -39.21 -17.52 -6.34
N LEU B 108 -38.40 -18.31 -7.03
CA LEU B 108 -38.86 -19.51 -7.71
C LEU B 108 -38.61 -20.74 -6.84
N THR B 109 -39.68 -21.47 -6.55
CA THR B 109 -39.60 -22.73 -5.82
C THR B 109 -39.85 -23.86 -6.82
N VAL B 110 -38.99 -24.85 -6.81
CA VAL B 110 -39.09 -26.00 -7.71
C VAL B 110 -39.65 -27.14 -6.89
N LEU B 111 -40.88 -27.52 -7.21
CA LEU B 111 -41.63 -28.47 -6.42
C LEU B 111 -41.30 -29.91 -6.85
N SER B 112 -41.64 -30.84 -5.95
CA SER B 112 -41.60 -32.29 -6.18
C SER B 112 -40.19 -32.86 -6.05
N GLN B 113 -39.28 -32.14 -5.37
CA GLN B 113 -37.92 -32.64 -5.19
C GLN B 113 -37.88 -33.77 -4.18
N PRO B 114 -36.87 -34.65 -4.28
CA PRO B 114 -36.82 -35.82 -3.39
C PRO B 114 -36.60 -35.42 -1.94
N LYS B 115 -37.35 -36.06 -1.05
CA LYS B 115 -37.08 -35.90 0.38
C LYS B 115 -35.75 -36.55 0.72
N ALA B 116 -35.02 -35.94 1.66
CA ALA B 116 -33.71 -36.44 2.08
C ALA B 116 -33.60 -36.31 3.59
N ALA B 117 -33.21 -37.40 4.25
CA ALA B 117 -33.09 -37.37 5.69
C ALA B 117 -31.85 -36.58 6.11
N PRO B 118 -31.91 -35.85 7.22
CA PRO B 118 -30.75 -35.07 7.67
C PRO B 118 -29.61 -35.95 8.17
N SER B 119 -28.39 -35.55 7.83
CA SER B 119 -27.20 -36.07 8.46
C SER B 119 -26.81 -35.14 9.61
N VAL B 120 -26.46 -35.73 10.77
CA VAL B 120 -26.26 -34.98 12.00
C VAL B 120 -24.91 -35.36 12.61
N THR B 121 -24.11 -34.35 12.96
CA THR B 121 -22.86 -34.53 13.69
C THR B 121 -22.86 -33.64 14.92
N LEU B 122 -22.50 -34.20 16.07
CA LEU B 122 -22.55 -33.49 17.34
C LEU B 122 -21.16 -33.51 17.98
N PHE B 123 -20.63 -32.31 18.30
CA PHE B 123 -19.32 -32.19 18.91
C PHE B 123 -19.44 -31.73 20.37
N PRO B 124 -18.60 -32.25 21.25
CA PRO B 124 -18.56 -31.76 22.63
C PRO B 124 -17.71 -30.52 22.75
N PRO B 125 -17.71 -29.85 23.90
CA PRO B 125 -16.78 -28.72 24.09
C PRO B 125 -15.34 -29.15 23.89
N SER B 126 -14.56 -28.28 23.27
CA SER B 126 -13.12 -28.53 23.15
C SER B 126 -12.46 -28.39 24.51
N SER B 127 -11.32 -29.05 24.66
CA SER B 127 -10.57 -28.89 25.91
C SER B 127 -10.16 -27.43 26.07
N GLU B 128 -9.65 -26.82 25.00
CA GLU B 128 -9.20 -25.43 25.06
C GLU B 128 -10.31 -24.49 25.55
N GLU B 129 -11.53 -24.68 25.04
CA GLU B 129 -12.63 -23.81 25.47
C GLU B 129 -13.04 -24.05 26.92
N LEU B 130 -12.87 -25.27 27.44
CA LEU B 130 -13.18 -25.47 28.85
C LEU B 130 -12.17 -24.78 29.77
N GLN B 131 -10.88 -24.73 29.40
CA GLN B 131 -9.98 -23.90 30.21
C GLN B 131 -10.18 -22.41 29.94
N ALA B 132 -10.96 -22.06 28.94
CA ALA B 132 -11.45 -20.68 28.82
C ALA B 132 -12.73 -20.46 29.64
N ASN B 133 -13.07 -21.40 30.51
CA ASN B 133 -14.22 -21.33 31.40
C ASN B 133 -15.53 -21.17 30.63
N LYS B 134 -15.61 -21.75 29.43
CA LYS B 134 -16.84 -21.78 28.65
C LYS B 134 -17.03 -23.19 28.11
N ALA B 135 -18.18 -23.43 27.49
CA ALA B 135 -18.50 -24.76 26.97
C ALA B 135 -19.58 -24.62 25.91
N THR B 136 -19.32 -25.12 24.71
CA THR B 136 -20.26 -25.05 23.61
C THR B 136 -20.45 -26.42 22.99
N LEU B 137 -21.70 -26.82 22.80
CA LEU B 137 -22.05 -28.02 22.06
C LEU B 137 -22.46 -27.61 20.66
N VAL B 138 -21.96 -28.35 19.67
CA VAL B 138 -22.11 -27.98 18.26
C VAL B 138 -22.79 -29.12 17.53
N CYS B 139 -23.99 -28.85 17.02
CA CYS B 139 -24.78 -29.86 16.32
C CYS B 139 -24.93 -29.42 14.87
N LEU B 140 -24.33 -30.17 13.96
CA LEU B 140 -24.27 -29.82 12.55
C LEU B 140 -25.21 -30.71 11.75
N ILE B 141 -26.08 -30.09 10.97
CA ILE B 141 -27.20 -30.76 10.30
C ILE B 141 -27.12 -30.46 8.81
N SER B 142 -26.98 -31.50 7.99
CA SER B 142 -26.78 -31.30 6.56
C SER B 142 -27.53 -32.36 5.75
N ASP B 143 -27.63 -32.10 4.44
CA ASP B 143 -28.11 -33.06 3.46
C ASP B 143 -29.56 -33.46 3.72
N PHE B 144 -30.40 -32.49 4.09
CA PHE B 144 -31.81 -32.77 4.28
C PHE B 144 -32.66 -31.92 3.34
N TYR B 145 -33.81 -32.47 2.97
CA TYR B 145 -34.80 -31.76 2.17
C TYR B 145 -36.18 -32.32 2.52
N PRO B 146 -37.19 -31.44 2.65
CA PRO B 146 -37.19 -29.97 2.53
C PRO B 146 -36.46 -29.27 3.67
N GLY B 147 -36.27 -27.96 3.54
CA GLY B 147 -35.42 -27.21 4.44
C GLY B 147 -36.09 -26.73 5.71
N ALA B 148 -36.57 -27.66 6.52
CA ALA B 148 -37.24 -27.33 7.77
C ALA B 148 -36.96 -28.41 8.80
N VAL B 149 -36.42 -28.02 9.94
CA VAL B 149 -36.09 -28.94 11.02
C VAL B 149 -36.39 -28.27 12.35
N THR B 150 -36.61 -29.10 13.36
CA THR B 150 -36.70 -28.64 14.74
C THR B 150 -35.66 -29.39 15.55
N VAL B 151 -34.97 -28.68 16.43
CA VAL B 151 -33.89 -29.24 17.22
C VAL B 151 -34.35 -29.26 18.68
N ALA B 152 -33.96 -30.32 19.38
CA ALA B 152 -34.29 -30.45 20.80
C ALA B 152 -33.04 -30.91 21.52
N TRP B 153 -32.67 -30.20 22.57
CA TRP B 153 -31.50 -30.53 23.38
C TRP B 153 -31.97 -31.15 24.69
N LYS B 154 -31.21 -32.13 25.18
CA LYS B 154 -31.54 -32.78 26.44
C LYS B 154 -30.30 -32.91 27.32
N ALA B 155 -30.40 -32.39 28.54
CA ALA B 155 -29.46 -32.73 29.61
C ALA B 155 -29.83 -34.11 30.15
N ASP B 156 -29.13 -35.12 29.63
CA ASP B 156 -29.45 -36.52 29.85
C ASP B 156 -30.78 -36.81 29.15
N SER B 157 -31.86 -36.78 29.93
CA SER B 157 -33.21 -36.90 29.43
C SER B 157 -34.01 -35.61 29.57
N SER B 158 -33.74 -34.83 30.61
CA SER B 158 -34.47 -33.58 30.80
C SER B 158 -34.14 -32.62 29.66
N PRO B 159 -35.14 -32.09 28.95
CA PRO B 159 -34.81 -31.19 27.84
C PRO B 159 -34.36 -29.84 28.36
N VAL B 160 -33.51 -29.19 27.58
CA VAL B 160 -32.93 -27.91 27.96
C VAL B 160 -33.20 -26.91 26.84
N LYS B 161 -33.77 -25.76 27.20
CA LYS B 161 -34.07 -24.71 26.24
C LYS B 161 -33.13 -23.52 26.34
N ALA B 162 -32.64 -23.20 27.54
CA ALA B 162 -31.75 -22.06 27.68
C ALA B 162 -30.42 -22.31 26.97
N GLY B 163 -29.83 -21.24 26.47
CA GLY B 163 -28.53 -21.34 25.82
C GLY B 163 -28.55 -21.96 24.44
N VAL B 164 -29.68 -21.94 23.74
CA VAL B 164 -29.80 -22.56 22.41
C VAL B 164 -29.86 -21.46 21.36
N GLU B 165 -29.02 -21.58 20.33
CA GLU B 165 -29.04 -20.71 19.17
C GLU B 165 -29.06 -21.61 17.96
N THR B 166 -30.01 -21.38 17.05
CA THR B 166 -30.20 -22.27 15.90
C THR B 166 -30.40 -21.45 14.63
N THR B 167 -29.68 -21.82 13.57
CA THR B 167 -29.78 -21.13 12.30
C THR B 167 -31.07 -21.49 11.57
N THR B 168 -31.44 -20.65 10.61
CA THR B 168 -32.42 -21.04 9.62
C THR B 168 -31.76 -21.90 8.55
N PRO B 169 -32.40 -22.99 8.12
CA PRO B 169 -31.79 -23.81 7.07
C PRO B 169 -31.55 -23.01 5.80
N SER B 170 -30.44 -23.29 5.15
CA SER B 170 -30.11 -22.64 3.88
C SER B 170 -29.62 -23.71 2.93
N LYS B 171 -29.82 -23.46 1.65
CA LYS B 171 -29.58 -24.47 0.63
C LYS B 171 -28.10 -24.49 0.25
N GLN B 172 -27.49 -25.67 0.33
CA GLN B 172 -26.09 -25.83 -0.01
C GLN B 172 -25.94 -26.17 -1.49
N SER B 173 -24.68 -26.29 -1.92
CA SER B 173 -24.39 -26.53 -3.33
C SER B 173 -24.90 -27.89 -3.80
N ASN B 174 -24.90 -28.89 -2.92
CA ASN B 174 -25.50 -30.20 -3.20
C ASN B 174 -27.02 -30.14 -3.34
N ASN B 175 -27.61 -28.94 -3.30
CA ASN B 175 -29.04 -28.69 -3.43
C ASN B 175 -29.83 -29.33 -2.30
N LYS B 176 -29.17 -29.61 -1.17
CA LYS B 176 -29.83 -29.98 0.06
C LYS B 176 -29.49 -28.94 1.13
N TYR B 177 -30.18 -29.01 2.25
CA TYR B 177 -30.15 -27.95 3.24
C TYR B 177 -29.21 -28.25 4.39
N ALA B 178 -28.68 -27.18 4.99
CA ALA B 178 -27.84 -27.30 6.15
C ALA B 178 -28.30 -26.32 7.22
N ALA B 179 -28.04 -26.67 8.47
CA ALA B 179 -28.33 -25.83 9.62
C ALA B 179 -27.48 -26.31 10.77
N SER B 180 -27.43 -25.50 11.82
CA SER B 180 -26.63 -25.88 12.97
C SER B 180 -27.25 -25.26 14.22
N SER B 181 -27.05 -25.94 15.35
CA SER B 181 -27.60 -25.53 16.63
C SER B 181 -26.49 -25.56 17.67
N TYR B 182 -26.42 -24.52 18.48
CA TYR B 182 -25.38 -24.35 19.47
C TYR B 182 -25.99 -24.29 20.86
N LEU B 183 -25.48 -25.13 21.77
CA LEU B 183 -25.91 -25.14 23.16
C LEU B 183 -24.77 -24.62 24.02
N SER B 184 -25.01 -23.52 24.71
CA SER B 184 -24.02 -22.93 25.61
C SER B 184 -24.24 -23.47 27.01
N LEU B 185 -23.16 -23.90 27.66
CA LEU B 185 -23.22 -24.41 29.02
C LEU B 185 -22.09 -23.81 29.84
N THR B 186 -22.29 -23.81 31.15
CA THR B 186 -21.12 -23.66 31.99
C THR B 186 -20.34 -24.98 31.99
N PRO B 187 -19.01 -24.93 32.13
CA PRO B 187 -18.26 -26.18 32.28
C PRO B 187 -18.76 -27.03 33.43
N GLU B 188 -19.37 -26.42 34.46
CA GLU B 188 -20.01 -27.18 35.52
C GLU B 188 -21.08 -28.11 34.94
N GLN B 189 -22.06 -27.55 34.22
CA GLN B 189 -23.17 -28.37 33.75
C GLN B 189 -22.70 -29.46 32.80
N TRP B 190 -21.72 -29.15 31.94
CA TRP B 190 -21.21 -30.16 31.02
C TRP B 190 -20.69 -31.38 31.78
N LYS B 191 -19.99 -31.16 32.90
CA LYS B 191 -19.40 -32.24 33.67
C LYS B 191 -20.37 -32.89 34.63
N SER B 192 -21.49 -32.21 34.96
CA SER B 192 -22.42 -32.75 35.94
C SER B 192 -23.23 -33.89 35.35
N HIS B 193 -23.83 -33.68 34.19
CA HIS B 193 -24.71 -34.66 33.58
C HIS B 193 -23.89 -35.78 32.93
N ARG B 194 -24.51 -36.97 32.85
CA ARG B 194 -23.82 -38.10 32.24
C ARG B 194 -23.74 -37.98 30.73
N SER B 195 -24.55 -37.12 30.12
CA SER B 195 -24.50 -36.88 28.67
C SER B 195 -25.49 -35.78 28.30
N TYR B 196 -25.31 -35.24 27.10
CA TYR B 196 -26.20 -34.27 26.48
C TYR B 196 -26.54 -34.80 25.08
N SER B 197 -27.69 -34.38 24.55
CA SER B 197 -28.11 -34.91 23.26
C SER B 197 -28.72 -33.83 22.37
N CYS B 198 -28.60 -34.04 21.06
CA CYS B 198 -29.14 -33.17 20.03
C CYS B 198 -30.12 -34.00 19.21
N GLN B 199 -31.40 -33.62 19.26
CA GLN B 199 -32.45 -34.33 18.53
C GLN B 199 -32.96 -33.44 17.40
N VAL B 200 -32.73 -33.87 16.17
CA VAL B 200 -33.19 -33.15 14.99
C VAL B 200 -34.40 -33.90 14.46
N THR B 201 -35.46 -33.16 14.16
CA THR B 201 -36.71 -33.74 13.67
C THR B 201 -37.02 -33.15 12.30
N HIS B 202 -37.25 -34.03 11.34
CA HIS B 202 -37.40 -33.63 9.95
C HIS B 202 -38.45 -34.54 9.32
N GLU B 203 -39.58 -33.96 8.92
CA GLU B 203 -40.71 -34.71 8.37
C GLU B 203 -41.13 -35.87 9.27
N GLY B 204 -41.34 -35.57 10.55
CA GLY B 204 -41.87 -36.53 11.50
C GLY B 204 -40.88 -37.54 12.04
N SER B 205 -39.69 -37.65 11.45
CA SER B 205 -38.68 -38.60 11.88
C SER B 205 -37.56 -37.87 12.62
N THR B 206 -37.04 -38.51 13.67
CA THR B 206 -36.05 -37.90 14.55
C THR B 206 -34.72 -38.62 14.46
N VAL B 207 -33.64 -37.86 14.29
CA VAL B 207 -32.28 -38.35 14.38
C VAL B 207 -31.66 -37.77 15.64
N GLU B 208 -31.02 -38.62 16.43
CA GLU B 208 -30.44 -38.18 17.70
C GLU B 208 -28.98 -38.61 17.79
N LYS B 209 -28.13 -37.68 18.21
CA LYS B 209 -26.75 -37.96 18.57
C LYS B 209 -26.50 -37.45 19.99
N THR B 210 -25.48 -38.03 20.62
CA THR B 210 -25.24 -37.85 22.06
C THR B 210 -23.75 -37.77 22.32
N VAL B 211 -23.36 -36.97 23.31
CA VAL B 211 -21.97 -36.82 23.72
C VAL B 211 -21.91 -36.75 25.23
N ALA B 212 -20.76 -37.13 25.77
CA ALA B 212 -20.56 -37.19 27.22
C ALA B 212 -19.11 -36.84 27.53
N PRO B 213 -18.83 -36.37 28.76
CA PRO B 213 -17.46 -36.10 29.19
C PRO B 213 -16.69 -37.39 29.49
N PRO C 1 -43.40 7.45 -22.88
CA PRO C 1 -42.27 7.99 -23.66
C PRO C 1 -41.47 6.90 -24.37
N LEU C 2 -40.25 7.22 -24.78
CA LEU C 2 -39.35 6.28 -25.42
C LEU C 2 -38.10 6.10 -24.56
N GLN C 3 -37.64 4.87 -24.42
CA GLN C 3 -36.46 4.75 -23.57
C GLN C 3 -35.21 5.12 -24.35
N PRO C 4 -34.31 5.89 -23.74
CA PRO C 4 -33.06 6.25 -24.42
C PRO C 4 -32.19 5.02 -24.66
N GLU C 5 -31.26 5.18 -25.60
CA GLU C 5 -30.35 4.09 -25.94
C GLU C 5 -29.55 3.64 -24.72
N GLN C 6 -29.23 4.60 -23.83
CA GLN C 6 -28.30 4.45 -22.72
C GLN C 6 -28.80 5.31 -21.58
N PRO C 7 -28.84 4.78 -20.35
CA PRO C 7 -29.32 5.60 -19.23
C PRO C 7 -28.31 6.64 -18.75
N PHE C 8 -27.02 6.40 -18.95
CA PHE C 8 -25.98 7.27 -18.38
C PHE C 8 -25.02 7.72 -19.48
N PRO C 9 -25.46 8.62 -20.37
CA PRO C 9 -24.64 9.05 -21.51
C PRO C 9 -23.45 9.92 -21.10
N GLU D 1 -3.37 -26.05 -7.21
CA GLU D 1 -2.44 -26.79 -6.37
C GLU D 1 -1.52 -25.80 -5.65
N VAL D 2 -0.24 -26.18 -5.52
CA VAL D 2 0.77 -25.30 -4.98
C VAL D 2 0.99 -24.12 -5.92
N GLN D 3 1.17 -22.93 -5.34
CA GLN D 3 1.50 -21.75 -6.11
C GLN D 3 2.63 -20.98 -5.43
N LEU D 4 3.62 -20.56 -6.21
CA LEU D 4 4.68 -19.69 -5.76
C LEU D 4 4.77 -18.52 -6.72
N LEU D 5 4.67 -17.29 -6.21
CA LEU D 5 4.66 -16.11 -7.05
C LEU D 5 5.62 -15.07 -6.51
N GLU D 6 6.64 -14.74 -7.31
CA GLU D 6 7.63 -13.75 -6.92
C GLU D 6 7.14 -12.35 -7.21
N SER D 7 7.72 -11.38 -6.49
CA SER D 7 7.51 -9.96 -6.77
C SER D 7 8.71 -9.20 -6.25
N GLY D 8 8.89 -7.97 -6.75
CA GLY D 8 9.91 -7.08 -6.24
C GLY D 8 11.10 -6.85 -7.16
N GLY D 9 11.15 -7.50 -8.33
CA GLY D 9 12.25 -7.27 -9.23
C GLY D 9 12.28 -5.86 -9.76
N GLY D 10 13.44 -5.46 -10.27
CA GLY D 10 13.58 -4.13 -10.82
C GLY D 10 15.05 -3.77 -11.02
N LEU D 11 15.26 -2.48 -11.28
CA LEU D 11 16.57 -1.93 -11.60
C LEU D 11 17.17 -1.25 -10.37
N VAL D 12 18.46 -1.50 -10.14
CA VAL D 12 19.16 -0.95 -8.99
C VAL D 12 20.58 -0.59 -9.41
N GLN D 13 21.10 0.50 -8.85
CA GLN D 13 22.48 0.90 -9.08
C GLN D 13 23.44 -0.08 -8.39
N PRO D 14 24.67 -0.21 -8.88
CA PRO D 14 25.65 -1.01 -8.17
C PRO D 14 25.82 -0.54 -6.72
N GLY D 15 25.89 -1.50 -5.81
CA GLY D 15 25.95 -1.19 -4.40
C GLY D 15 24.62 -0.96 -3.72
N GLY D 16 23.52 -1.01 -4.45
CA GLY D 16 22.22 -0.74 -3.88
C GLY D 16 21.61 -1.96 -3.22
N SER D 17 20.35 -1.82 -2.84
CA SER D 17 19.65 -2.83 -2.07
C SER D 17 18.29 -3.08 -2.71
N LEU D 18 17.78 -4.30 -2.52
CA LEU D 18 16.50 -4.67 -3.09
C LEU D 18 16.00 -5.90 -2.35
N ARG D 19 14.70 -5.95 -2.08
CA ARG D 19 14.07 -7.07 -1.40
C ARG D 19 13.08 -7.76 -2.33
N LEU D 20 13.20 -9.08 -2.44
CA LEU D 20 12.27 -9.89 -3.20
C LEU D 20 11.32 -10.60 -2.25
N SER D 21 10.09 -10.82 -2.71
CA SER D 21 9.11 -11.59 -1.98
C SER D 21 8.63 -12.74 -2.85
N CYS D 22 8.12 -13.77 -2.19
CA CYS D 22 7.57 -14.96 -2.84
C CYS D 22 6.31 -15.32 -2.08
N ALA D 23 5.15 -15.11 -2.69
CA ALA D 23 3.89 -15.49 -2.08
C ALA D 23 3.61 -16.96 -2.39
N ALA D 24 3.39 -17.74 -1.33
CA ALA D 24 3.17 -19.17 -1.44
C ALA D 24 1.74 -19.51 -1.01
N SER D 25 1.14 -20.49 -1.68
CA SER D 25 -0.21 -20.91 -1.35
C SER D 25 -0.39 -22.36 -1.75
N GLY D 26 -1.39 -23.00 -1.14
CA GLY D 26 -1.76 -24.36 -1.48
C GLY D 26 -1.19 -25.44 -0.60
N PHE D 27 -0.41 -25.09 0.43
CA PHE D 27 0.19 -26.09 1.30
C PHE D 27 0.49 -25.44 2.65
N THR D 28 0.74 -26.29 3.63
CA THR D 28 1.14 -25.79 4.95
C THR D 28 2.56 -25.28 4.88
N PHE D 29 2.70 -23.95 4.91
CA PHE D 29 3.95 -23.28 4.58
C PHE D 29 5.09 -23.71 5.50
N SER D 30 4.85 -23.75 6.80
CA SER D 30 5.93 -23.97 7.76
C SER D 30 6.51 -25.38 7.70
N THR D 31 5.89 -26.31 6.97
CA THR D 31 6.40 -27.66 6.90
C THR D 31 7.49 -27.85 5.84
N TYR D 32 7.76 -26.84 5.02
CA TYR D 32 8.75 -26.94 3.95
C TYR D 32 9.80 -25.84 4.06
N ALA D 33 11.05 -26.23 3.84
CA ALA D 33 12.10 -25.26 3.57
C ALA D 33 11.85 -24.59 2.23
N MET D 34 12.24 -23.33 2.13
CA MET D 34 12.03 -22.55 0.92
C MET D 34 13.37 -22.02 0.41
N SER D 35 13.52 -22.00 -0.91
CA SER D 35 14.80 -21.72 -1.53
C SER D 35 14.69 -20.58 -2.55
N TRP D 36 15.81 -19.90 -2.77
CA TRP D 36 15.98 -18.98 -3.87
C TRP D 36 17.02 -19.50 -4.85
N VAL D 37 16.70 -19.42 -6.13
CA VAL D 37 17.57 -19.84 -7.23
C VAL D 37 17.58 -18.72 -8.25
N ARG D 38 18.73 -18.47 -8.87
CA ARG D 38 18.82 -17.39 -9.84
C ARG D 38 19.44 -17.92 -11.12
N GLN D 39 19.30 -17.12 -12.18
CA GLN D 39 19.79 -17.51 -13.50
C GLN D 39 20.22 -16.24 -14.23
N ALA D 40 21.53 -16.03 -14.34
CA ALA D 40 22.05 -14.93 -15.13
C ALA D 40 21.71 -15.17 -16.60
N PRO D 41 21.66 -14.10 -17.40
CA PRO D 41 21.26 -14.25 -18.80
C PRO D 41 22.13 -15.26 -19.54
N GLY D 42 21.48 -16.24 -20.16
CA GLY D 42 22.17 -17.24 -20.95
C GLY D 42 23.00 -18.24 -20.17
N LYS D 43 22.83 -18.34 -18.87
CA LYS D 43 23.62 -19.26 -18.06
C LYS D 43 22.70 -20.25 -17.35
N GLY D 44 23.30 -21.11 -16.54
CA GLY D 44 22.56 -22.16 -15.88
C GLY D 44 21.93 -21.71 -14.59
N LEU D 45 21.11 -22.60 -14.03
CA LEU D 45 20.52 -22.34 -12.73
C LEU D 45 21.58 -22.35 -11.64
N GLU D 46 21.51 -21.37 -10.75
CA GLU D 46 22.47 -21.22 -9.66
C GLU D 46 21.71 -21.08 -8.34
N TRP D 47 22.01 -21.96 -7.39
CA TRP D 47 21.40 -21.86 -6.07
C TRP D 47 21.86 -20.61 -5.34
N VAL D 48 20.93 -19.97 -4.64
CA VAL D 48 21.18 -18.73 -3.91
C VAL D 48 21.05 -18.93 -2.40
N SER D 49 19.90 -19.42 -1.96
CA SER D 49 19.66 -19.47 -0.51
C SER D 49 18.63 -20.55 -0.18
N GLY D 50 18.64 -20.92 1.10
CA GLY D 50 17.61 -21.78 1.65
C GLY D 50 17.31 -21.37 3.07
N ILE D 51 16.08 -21.65 3.51
CA ILE D 51 15.67 -21.35 4.88
C ILE D 51 14.73 -22.45 5.36
N SER D 52 14.94 -22.89 6.60
CA SER D 52 14.15 -23.99 7.14
C SER D 52 12.68 -23.59 7.33
N GLY D 53 11.83 -24.61 7.50
CA GLY D 53 10.41 -24.37 7.67
C GLY D 53 10.10 -23.44 8.83
N SER D 54 10.76 -23.64 9.97
CA SER D 54 10.53 -22.78 11.13
C SER D 54 11.11 -21.38 10.94
N GLY D 55 11.95 -21.17 9.93
CA GLY D 55 12.69 -19.94 9.80
C GLY D 55 13.91 -19.84 10.71
N GLY D 56 14.20 -20.90 11.47
CA GLY D 56 15.29 -20.90 12.43
C GLY D 56 16.68 -21.06 11.86
N SER D 57 16.81 -21.45 10.59
CA SER D 57 18.11 -21.73 10.00
C SER D 57 18.15 -21.23 8.57
N THR D 58 19.21 -20.52 8.21
CA THR D 58 19.41 -20.00 6.87
C THR D 58 20.72 -20.51 6.29
N TYR D 59 20.76 -20.64 4.97
CA TYR D 59 21.87 -21.22 4.24
C TYR D 59 22.09 -20.40 2.98
N TYR D 60 23.36 -20.14 2.64
CA TYR D 60 23.68 -19.26 1.53
C TYR D 60 24.80 -19.85 0.68
N ALA D 61 24.69 -19.65 -0.62
CA ALA D 61 25.81 -19.95 -1.52
C ALA D 61 26.93 -18.93 -1.30
N ASP D 62 28.17 -19.39 -1.51
CA ASP D 62 29.32 -18.53 -1.27
C ASP D 62 29.26 -17.24 -2.08
N SER D 63 28.66 -17.28 -3.26
CA SER D 63 28.62 -16.10 -4.12
C SER D 63 27.79 -14.95 -3.54
N VAL D 64 26.89 -15.23 -2.60
CA VAL D 64 26.05 -14.19 -2.00
C VAL D 64 26.21 -14.10 -0.49
N LYS D 65 27.01 -14.97 0.13
CA LYS D 65 27.16 -14.93 1.57
C LYS D 65 27.74 -13.59 2.00
N GLY D 66 27.20 -13.04 3.09
CA GLY D 66 27.61 -11.75 3.58
C GLY D 66 26.96 -10.55 2.92
N ARG D 67 26.21 -10.75 1.83
CA ARG D 67 25.48 -9.66 1.18
C ARG D 67 23.99 -9.89 1.10
N PHE D 68 23.54 -11.13 0.91
CA PHE D 68 22.13 -11.46 0.83
C PHE D 68 21.68 -12.14 2.12
N THR D 69 20.44 -11.89 2.50
CA THR D 69 19.81 -12.54 3.64
C THR D 69 18.44 -13.04 3.21
N THR D 70 18.03 -14.18 3.74
CA THR D 70 16.71 -14.72 3.48
C THR D 70 15.94 -14.86 4.79
N SER D 71 14.63 -14.59 4.73
CA SER D 71 13.75 -14.73 5.87
C SER D 71 12.39 -15.20 5.35
N ARG D 72 11.48 -15.46 6.27
CA ARG D 72 10.15 -15.93 5.92
C ARG D 72 9.17 -15.52 7.00
N ASP D 73 7.92 -15.33 6.61
CA ASP D 73 6.84 -15.01 7.52
C ASP D 73 5.81 -16.12 7.40
N ASN D 74 5.66 -16.91 8.47
CA ASN D 74 4.84 -18.11 8.42
C ASN D 74 3.37 -17.85 8.75
N SER D 75 2.97 -16.58 8.85
CA SER D 75 1.56 -16.20 8.84
C SER D 75 1.13 -15.65 7.49
N LYS D 76 2.00 -14.90 6.81
CA LYS D 76 1.73 -14.40 5.48
C LYS D 76 2.05 -15.41 4.38
N ASN D 77 2.63 -16.56 4.72
CA ASN D 77 3.05 -17.56 3.74
C ASN D 77 3.96 -16.94 2.68
N THR D 78 4.92 -16.14 3.14
CA THR D 78 5.77 -15.38 2.23
C THR D 78 7.24 -15.63 2.55
N LEU D 79 8.02 -15.82 1.48
CA LEU D 79 9.46 -15.98 1.56
C LEU D 79 10.11 -14.69 1.08
N TYR D 80 11.23 -14.33 1.71
CA TYR D 80 11.90 -13.09 1.37
C TYR D 80 13.36 -13.33 1.00
N LEU D 81 13.88 -12.45 0.16
CA LEU D 81 15.32 -12.38 -0.12
C LEU D 81 15.71 -10.91 -0.06
N GLN D 82 16.51 -10.55 0.94
CA GLN D 82 17.00 -9.19 1.09
C GLN D 82 18.39 -9.09 0.50
N MET D 83 18.55 -8.25 -0.52
CA MET D 83 19.84 -8.04 -1.16
C MET D 83 20.41 -6.69 -0.74
N ASN D 84 21.69 -6.70 -0.37
CA ASN D 84 22.47 -5.49 -0.14
C ASN D 84 23.78 -5.62 -0.89
N SER D 85 24.47 -4.49 -1.05
CA SER D 85 25.76 -4.44 -1.75
C SER D 85 25.68 -5.16 -3.09
N LEU D 86 24.66 -4.82 -3.87
CA LEU D 86 24.44 -5.51 -5.14
C LEU D 86 25.55 -5.19 -6.14
N ARG D 87 25.90 -6.19 -6.94
CA ARG D 87 26.92 -6.08 -7.96
C ARG D 87 26.32 -6.40 -9.33
N ALA D 88 27.01 -5.98 -10.38
CA ALA D 88 26.54 -6.21 -11.74
C ALA D 88 26.30 -7.70 -11.99
N GLU D 89 27.18 -8.55 -11.49
CA GLU D 89 27.02 -9.99 -11.71
C GLU D 89 25.90 -10.61 -10.89
N ASP D 90 25.21 -9.84 -10.05
CA ASP D 90 23.98 -10.33 -9.43
C ASP D 90 22.78 -10.19 -10.35
N THR D 91 22.95 -9.55 -11.52
CA THR D 91 21.86 -9.48 -12.50
C THR D 91 21.42 -10.88 -12.92
N ALA D 92 20.13 -11.17 -12.72
CA ALA D 92 19.61 -12.50 -12.99
C ALA D 92 18.10 -12.47 -12.84
N VAL D 93 17.47 -13.51 -13.38
CA VAL D 93 16.11 -13.84 -12.98
C VAL D 93 16.17 -14.64 -11.68
N TYR D 94 15.42 -14.21 -10.68
CA TYR D 94 15.43 -14.86 -9.38
C TYR D 94 14.15 -15.69 -9.24
N TYR D 95 14.33 -16.99 -9.06
CA TYR D 95 13.22 -17.91 -8.88
C TYR D 95 13.07 -18.28 -7.42
N CYS D 96 11.83 -18.25 -6.95
CA CYS D 96 11.44 -18.87 -5.69
C CYS D 96 11.18 -20.35 -5.96
N ALA D 97 11.52 -21.19 -4.99
CA ALA D 97 11.40 -22.63 -5.22
C ALA D 97 11.18 -23.37 -3.90
N LYS D 98 10.57 -24.54 -4.00
CA LYS D 98 10.30 -25.40 -2.86
C LYS D 98 10.76 -26.82 -3.20
N PHE D 99 11.88 -27.24 -2.62
CA PHE D 99 12.41 -28.57 -2.84
C PHE D 99 12.13 -29.44 -1.63
N SER D 100 11.59 -30.63 -1.86
CA SER D 100 11.04 -31.44 -0.78
C SER D 100 12.08 -32.32 -0.11
N GLY D 101 13.04 -32.84 -0.86
CA GLY D 101 14.03 -33.72 -0.27
C GLY D 101 13.58 -35.17 -0.28
N LYS D 102 13.90 -35.88 0.78
CA LYS D 102 13.43 -37.24 1.04
C LYS D 102 12.44 -37.12 2.19
N ASP D 103 12.11 -38.24 2.82
CA ASP D 103 11.11 -38.26 3.89
C ASP D 103 9.78 -37.72 3.35
N CYS D 104 9.31 -38.37 2.28
CA CYS D 104 8.04 -38.11 1.65
C CYS D 104 7.76 -39.31 0.74
N SER D 105 6.49 -39.49 0.37
CA SER D 105 6.08 -40.72 -0.30
C SER D 105 5.67 -40.53 -1.76
N GLY D 106 5.63 -39.31 -2.27
CA GLY D 106 5.23 -39.06 -3.64
C GLY D 106 4.04 -38.14 -3.59
N THR D 107 4.30 -36.85 -3.79
CA THR D 107 3.31 -35.79 -3.58
C THR D 107 3.00 -35.79 -2.07
N SER D 108 3.75 -35.00 -1.32
CA SER D 108 4.76 -34.13 -1.92
C SER D 108 6.20 -34.58 -1.70
N CYS D 109 6.66 -35.47 -2.58
CA CYS D 109 8.06 -35.49 -2.97
C CYS D 109 8.32 -34.65 -4.22
N ARG D 110 7.27 -34.00 -4.73
CA ARG D 110 7.43 -33.09 -5.86
C ARG D 110 8.15 -31.82 -5.41
N ASP D 111 8.80 -31.18 -6.37
CA ASP D 111 9.39 -29.86 -6.18
C ASP D 111 8.57 -28.82 -6.93
N TYR D 112 8.74 -27.56 -6.55
CA TYR D 112 7.93 -26.50 -7.14
C TYR D 112 8.78 -25.26 -7.41
N TRP D 113 8.49 -24.61 -8.54
CA TRP D 113 9.16 -23.38 -8.97
C TRP D 113 8.14 -22.26 -9.09
N GLY D 114 8.62 -21.03 -8.90
CA GLY D 114 7.88 -19.85 -9.28
C GLY D 114 8.14 -19.48 -10.73
N GLN D 115 7.67 -18.31 -11.12
CA GLN D 115 7.81 -17.83 -12.49
C GLN D 115 9.03 -16.95 -12.66
N GLY D 116 9.69 -16.58 -11.57
CA GLY D 116 10.85 -15.72 -11.62
C GLY D 116 10.49 -14.25 -11.69
N THR D 117 11.44 -13.43 -11.25
CA THR D 117 11.35 -11.99 -11.37
C THR D 117 12.74 -11.46 -11.67
N LEU D 118 12.83 -10.49 -12.56
CA LEU D 118 14.11 -10.05 -13.10
C LEU D 118 14.70 -8.96 -12.22
N VAL D 119 15.97 -9.13 -11.84
CA VAL D 119 16.71 -8.14 -11.08
C VAL D 119 17.89 -7.70 -11.93
N THR D 120 17.98 -6.39 -12.18
CA THR D 120 19.06 -5.82 -13.00
C THR D 120 19.87 -4.87 -12.14
N VAL D 121 21.18 -5.11 -12.05
CA VAL D 121 22.10 -4.24 -11.34
C VAL D 121 22.97 -3.57 -12.39
N SER D 122 22.80 -2.27 -12.58
CA SER D 122 23.47 -1.55 -13.64
C SER D 122 23.55 -0.07 -13.30
N SER D 123 24.55 0.60 -13.87
CA SER D 123 24.65 2.05 -13.72
C SER D 123 23.77 2.80 -14.71
N ALA D 124 23.25 2.13 -15.73
CA ALA D 124 22.27 2.76 -16.61
C ALA D 124 20.96 2.92 -15.86
N SER D 125 20.30 4.07 -16.07
CA SER D 125 19.04 4.33 -15.40
C SER D 125 17.88 3.98 -16.34
N THR D 126 16.69 3.86 -15.76
CA THR D 126 15.52 3.44 -16.51
C THR D 126 15.13 4.48 -17.56
N LYS D 127 14.50 4.00 -18.63
CA LYS D 127 13.88 4.87 -19.62
C LYS D 127 12.58 4.24 -20.07
N GLY D 128 11.50 5.01 -20.02
CA GLY D 128 10.22 4.58 -20.50
C GLY D 128 10.18 4.56 -22.01
N PRO D 129 9.30 3.76 -22.60
CA PRO D 129 9.23 3.69 -24.05
C PRO D 129 8.35 4.79 -24.64
N SER D 130 8.60 5.06 -25.91
CA SER D 130 7.65 5.78 -26.75
C SER D 130 6.86 4.74 -27.55
N VAL D 131 5.55 4.92 -27.62
CA VAL D 131 4.66 3.96 -28.26
C VAL D 131 4.05 4.62 -29.50
N PHE D 132 4.14 3.91 -30.63
CA PHE D 132 3.61 4.36 -31.91
C PHE D 132 2.72 3.28 -32.51
N PRO D 133 1.63 3.66 -33.15
CA PRO D 133 0.78 2.67 -33.81
C PRO D 133 1.38 2.23 -35.13
N LEU D 134 1.04 1.00 -35.52
CA LEU D 134 1.44 0.45 -36.81
C LEU D 134 0.16 0.10 -37.54
N ALA D 135 -0.24 0.96 -38.47
CA ALA D 135 -1.45 0.79 -39.26
C ALA D 135 -1.13 -0.04 -40.51
N PRO D 136 -2.15 -0.49 -41.27
CA PRO D 136 -3.60 -0.35 -41.19
C PRO D 136 -4.23 -1.21 -40.09
N GLY D 144 -6.76 -13.38 -47.52
CA GLY D 144 -6.19 -12.88 -46.29
C GLY D 144 -6.98 -11.71 -45.70
N THR D 145 -6.42 -11.10 -44.65
CA THR D 145 -7.04 -9.95 -43.99
C THR D 145 -5.95 -8.98 -43.57
N ALA D 146 -6.12 -8.38 -42.39
CA ALA D 146 -5.29 -7.22 -42.06
C ALA D 146 -4.47 -7.44 -40.80
N ALA D 147 -3.33 -6.75 -40.75
CA ALA D 147 -2.43 -6.77 -39.60
C ALA D 147 -2.17 -5.35 -39.13
N LEU D 148 -2.17 -5.16 -37.82
CA LEU D 148 -1.94 -3.86 -37.21
C LEU D 148 -1.20 -4.10 -35.90
N GLY D 149 -0.52 -3.07 -35.41
CA GLY D 149 0.24 -3.28 -34.21
C GLY D 149 0.66 -2.01 -33.51
N CYS D 150 1.58 -2.18 -32.56
CA CYS D 150 2.17 -1.09 -31.80
C CYS D 150 3.67 -1.27 -31.75
N LEU D 151 4.40 -0.17 -31.94
CA LEU D 151 5.85 -0.15 -31.82
C LEU D 151 6.19 0.43 -30.45
N VAL D 152 6.93 -0.32 -29.65
CA VAL D 152 7.28 0.07 -28.28
C VAL D 152 8.79 0.31 -28.28
N LYS D 153 9.20 1.58 -28.36
CA LYS D 153 10.57 1.92 -28.74
C LYS D 153 11.36 2.51 -27.59
N ASP D 154 12.62 2.07 -27.46
CA ASP D 154 13.66 2.72 -26.68
C ASP D 154 13.30 2.78 -25.19
N TYR D 155 13.33 1.61 -24.57
CA TYR D 155 13.09 1.49 -23.14
C TYR D 155 14.18 0.66 -22.51
N PHE D 156 14.27 0.76 -21.19
CA PHE D 156 15.21 -0.01 -20.40
C PHE D 156 14.79 0.03 -18.95
N PRO D 157 14.87 -1.13 -18.26
CA PRO D 157 15.18 -2.42 -18.86
C PRO D 157 13.91 -3.16 -19.23
N GLU D 158 14.06 -4.43 -19.61
CA GLU D 158 12.94 -5.35 -19.72
C GLU D 158 12.31 -5.51 -18.34
N PRO D 159 11.02 -5.89 -18.28
CA PRO D 159 10.10 -6.22 -19.38
C PRO D 159 9.06 -5.16 -19.71
N VAL D 160 8.38 -5.36 -20.83
CA VAL D 160 7.20 -4.59 -21.20
C VAL D 160 6.06 -5.58 -21.47
N THR D 161 4.88 -5.27 -20.95
CA THR D 161 3.68 -6.03 -21.28
C THR D 161 2.82 -5.24 -22.26
N VAL D 162 2.19 -5.96 -23.18
CA VAL D 162 1.28 -5.39 -24.16
C VAL D 162 0.01 -6.23 -24.16
N SER D 163 -1.12 -5.59 -23.99
CA SER D 163 -2.42 -6.22 -24.19
C SER D 163 -3.17 -5.42 -25.26
N TRP D 164 -4.29 -5.98 -25.72
CA TRP D 164 -5.12 -5.31 -26.72
C TRP D 164 -6.55 -5.23 -26.22
N ASN D 165 -7.14 -4.05 -26.36
CA ASN D 165 -8.48 -3.74 -25.85
C ASN D 165 -8.64 -4.26 -24.43
N SER D 166 -7.59 -4.09 -23.62
CA SER D 166 -7.60 -4.41 -22.19
C SER D 166 -7.93 -5.88 -21.94
N GLY D 167 -7.50 -6.76 -22.84
CA GLY D 167 -7.74 -8.18 -22.68
C GLY D 167 -8.90 -8.73 -23.49
N ALA D 168 -9.70 -7.85 -24.09
CA ALA D 168 -10.82 -8.31 -24.90
C ALA D 168 -10.35 -8.91 -26.22
N LEU D 169 -9.12 -8.61 -26.64
CA LEU D 169 -8.56 -9.12 -27.88
C LEU D 169 -7.30 -9.91 -27.54
N THR D 170 -7.35 -11.22 -27.74
CA THR D 170 -6.22 -12.08 -27.41
C THR D 170 -5.87 -12.98 -28.58
N SER D 171 -6.85 -13.31 -29.41
CA SER D 171 -6.61 -14.17 -30.56
C SER D 171 -5.98 -13.37 -31.69
N GLY D 172 -4.97 -13.95 -32.31
CA GLY D 172 -4.23 -13.23 -33.32
C GLY D 172 -3.11 -12.35 -32.80
N VAL D 173 -2.96 -12.22 -31.48
CA VAL D 173 -1.94 -11.35 -30.92
C VAL D 173 -0.60 -12.06 -30.92
N HIS D 174 0.41 -11.40 -31.47
CA HIS D 174 1.79 -11.88 -31.44
C HIS D 174 2.65 -10.72 -30.99
N THR D 175 3.18 -10.80 -29.77
CA THR D 175 4.13 -9.83 -29.25
C THR D 175 5.53 -10.39 -29.45
N PHE D 176 6.33 -9.69 -30.25
CA PHE D 176 7.63 -10.21 -30.64
C PHE D 176 8.68 -9.99 -29.55
N PRO D 177 9.66 -10.88 -29.45
CA PRO D 177 10.79 -10.63 -28.54
C PRO D 177 11.48 -9.31 -28.88
N ALA D 178 11.98 -8.66 -27.83
CA ALA D 178 12.56 -7.34 -27.99
C ALA D 178 13.94 -7.43 -28.65
N VAL D 179 14.25 -6.40 -29.43
CA VAL D 179 15.61 -6.20 -29.93
C VAL D 179 16.37 -5.38 -28.89
N LEU D 180 17.59 -5.80 -28.59
CA LEU D 180 18.50 -4.99 -27.78
C LEU D 180 19.38 -4.21 -28.74
N GLN D 181 19.09 -2.93 -28.90
CA GLN D 181 19.84 -2.06 -29.80
C GLN D 181 21.25 -1.81 -29.25
N SER D 182 22.14 -1.37 -30.14
CA SER D 182 23.49 -1.02 -29.72
C SER D 182 23.51 0.17 -28.78
N SER D 183 22.47 1.02 -28.81
CA SER D 183 22.35 2.09 -27.83
C SER D 183 22.15 1.56 -26.41
N GLY D 184 21.87 0.27 -26.24
CA GLY D 184 21.57 -0.28 -24.94
C GLY D 184 20.11 -0.27 -24.58
N LEU D 185 19.25 0.30 -25.42
CA LEU D 185 17.82 0.33 -25.19
C LEU D 185 17.09 -0.74 -26.00
N TYR D 186 15.97 -1.21 -25.47
CA TYR D 186 15.17 -2.24 -26.10
C TYR D 186 14.06 -1.62 -26.94
N SER D 187 13.60 -2.39 -27.92
CA SER D 187 12.36 -2.10 -28.63
C SER D 187 11.69 -3.40 -28.99
N LEU D 188 10.37 -3.42 -28.95
CA LEU D 188 9.61 -4.56 -29.42
C LEU D 188 8.38 -4.08 -30.16
N SER D 189 7.69 -5.03 -30.77
CA SER D 189 6.44 -4.74 -31.46
C SER D 189 5.45 -5.83 -31.14
N SER D 190 4.19 -5.44 -31.06
CA SER D 190 3.08 -6.37 -30.87
C SER D 190 2.14 -6.19 -32.04
N VAL D 191 1.85 -7.28 -32.74
CA VAL D 191 1.00 -7.26 -33.92
C VAL D 191 -0.18 -8.18 -33.66
N VAL D 192 -1.34 -7.79 -34.18
CA VAL D 192 -2.56 -8.59 -34.06
C VAL D 192 -3.18 -8.70 -35.44
N THR D 193 -3.63 -9.91 -35.78
CA THR D 193 -4.30 -10.19 -37.04
C THR D 193 -5.81 -10.13 -36.83
N VAL D 194 -6.47 -9.27 -37.59
CA VAL D 194 -7.91 -9.02 -37.45
C VAL D 194 -8.54 -9.07 -38.84
N PRO D 195 -9.81 -9.46 -38.96
CA PRO D 195 -10.44 -9.40 -40.28
C PRO D 195 -10.49 -7.98 -40.83
N SER D 196 -10.30 -7.88 -42.15
CA SER D 196 -10.37 -6.58 -42.79
C SER D 196 -11.80 -6.05 -42.84
N SER D 197 -12.76 -6.82 -42.34
CA SER D 197 -14.15 -6.47 -42.43
C SER D 197 -14.56 -5.61 -41.23
N SER D 198 -13.58 -5.37 -40.35
CA SER D 198 -13.87 -4.62 -39.14
C SER D 198 -12.97 -3.41 -39.01
N LEU D 199 -12.22 -3.06 -40.07
CA LEU D 199 -11.27 -1.96 -39.94
C LEU D 199 -11.95 -0.63 -39.64
N GLY D 200 -13.05 -0.34 -40.32
CA GLY D 200 -13.78 0.87 -40.01
C GLY D 200 -14.78 0.78 -38.86
N THR D 201 -15.27 -0.42 -38.53
CA THR D 201 -16.18 -0.53 -37.40
C THR D 201 -15.45 -0.71 -36.06
N GLN D 202 -14.55 -1.69 -35.96
CA GLN D 202 -13.95 -2.05 -34.69
C GLN D 202 -12.76 -1.16 -34.38
N THR D 203 -12.63 -0.77 -33.12
CA THR D 203 -11.51 0.04 -32.65
C THR D 203 -10.51 -0.82 -31.91
N TYR D 204 -9.22 -0.58 -32.17
CA TYR D 204 -8.13 -1.38 -31.62
C TYR D 204 -7.18 -0.48 -30.83
N ILE D 205 -6.95 -0.83 -29.57
CA ILE D 205 -6.07 -0.09 -28.67
C ILE D 205 -5.09 -1.06 -28.04
N CYS D 206 -3.79 -0.76 -28.12
CA CYS D 206 -2.80 -1.53 -27.39
C CYS D 206 -2.49 -0.86 -26.05
N ASN D 207 -2.38 -1.69 -25.03
CA ASN D 207 -2.10 -1.21 -23.67
C ASN D 207 -0.68 -1.65 -23.32
N VAL D 208 0.24 -0.70 -23.36
CA VAL D 208 1.65 -0.92 -23.07
C VAL D 208 1.91 -0.54 -21.63
N ASN D 209 2.68 -1.36 -20.92
CA ASN D 209 3.01 -1.04 -19.55
C ASN D 209 4.49 -1.36 -19.32
N HIS D 210 5.24 -0.38 -18.84
CA HIS D 210 6.66 -0.56 -18.53
C HIS D 210 6.82 -0.18 -17.05
N LYS D 211 6.63 -1.18 -16.19
CA LYS D 211 6.65 -0.93 -14.76
C LYS D 211 7.94 -0.29 -14.23
N PRO D 212 9.14 -0.66 -14.71
CA PRO D 212 10.34 0.00 -14.17
C PRO D 212 10.29 1.52 -14.26
N SER D 213 9.54 2.07 -15.21
CA SER D 213 9.45 3.52 -15.36
C SER D 213 8.06 4.07 -15.10
N ASN D 214 7.14 3.24 -14.59
CA ASN D 214 5.74 3.65 -14.37
C ASN D 214 5.10 4.21 -15.63
N THR D 215 5.53 3.72 -16.79
CA THR D 215 4.99 4.19 -18.06
C THR D 215 3.77 3.33 -18.41
N LYS D 216 2.64 4.00 -18.64
CA LYS D 216 1.42 3.36 -19.08
C LYS D 216 0.90 4.12 -20.28
N VAL D 217 0.83 3.45 -21.43
CA VAL D 217 0.41 4.07 -22.67
C VAL D 217 -0.71 3.23 -23.27
N ASP D 218 -1.79 3.89 -23.66
CA ASP D 218 -2.88 3.29 -24.42
C ASP D 218 -2.90 3.99 -25.76
N LYS D 219 -2.58 3.26 -26.82
CA LYS D 219 -2.45 3.87 -28.14
C LYS D 219 -3.50 3.29 -29.08
N LYS D 220 -4.36 4.14 -29.62
CA LYS D 220 -5.36 3.65 -30.56
C LYS D 220 -4.73 3.54 -31.94
N VAL D 221 -4.97 2.41 -32.60
CA VAL D 221 -4.39 2.10 -33.90
C VAL D 221 -5.50 2.19 -34.94
N GLU D 222 -5.39 3.15 -35.84
CA GLU D 222 -6.38 3.42 -36.87
C GLU D 222 -5.75 3.36 -38.25
N PRO D 223 -6.56 3.12 -39.29
CA PRO D 223 -6.04 3.28 -40.64
C PRO D 223 -5.86 4.76 -40.92
N LYS D 224 -4.86 5.11 -41.73
CA LYS D 224 -4.59 6.52 -41.98
C LYS D 224 -4.51 6.84 -43.46
N GLN E 1 32.94 -33.40 -2.08
CA GLN E 1 32.52 -32.24 -2.87
C GLN E 1 31.48 -32.66 -3.91
N LEU E 2 30.23 -32.33 -3.63
CA LEU E 2 29.10 -32.80 -4.43
C LEU E 2 29.02 -32.02 -5.73
N VAL E 3 29.15 -32.73 -6.85
CA VAL E 3 29.16 -32.12 -8.18
C VAL E 3 28.29 -32.98 -9.09
N LEU E 4 27.51 -32.33 -9.94
CA LEU E 4 26.75 -33.02 -10.97
C LEU E 4 27.28 -32.66 -12.34
N THR E 5 27.58 -33.67 -13.15
CA THR E 5 28.18 -33.50 -14.47
C THR E 5 27.14 -33.84 -15.53
N GLN E 6 26.79 -32.85 -16.36
CA GLN E 6 25.94 -33.06 -17.52
C GLN E 6 26.70 -32.64 -18.77
N SER E 7 26.55 -33.41 -19.84
CA SER E 7 27.03 -32.94 -21.12
C SER E 7 26.24 -31.71 -21.53
N PRO E 8 26.88 -30.74 -22.18
CA PRO E 8 26.17 -29.50 -22.53
C PRO E 8 25.06 -29.66 -23.56
N SER E 9 25.13 -30.67 -24.43
CA SER E 9 24.18 -30.75 -25.54
C SER E 9 23.79 -32.19 -25.81
N ALA E 10 22.64 -32.35 -26.48
CA ALA E 10 22.12 -33.64 -26.90
C ALA E 10 21.17 -33.42 -28.08
N SER E 11 21.05 -34.43 -28.92
CA SER E 11 20.25 -34.29 -30.13
C SER E 11 19.70 -35.64 -30.54
N ALA E 12 18.50 -35.61 -31.11
CA ALA E 12 17.88 -36.79 -31.70
C ALA E 12 16.78 -36.35 -32.64
N SER E 13 16.22 -37.32 -33.37
CA SER E 13 15.25 -37.02 -34.40
C SER E 13 13.84 -37.01 -33.83
N LEU E 14 12.96 -36.26 -34.49
CA LEU E 14 11.54 -36.25 -34.15
C LEU E 14 11.00 -37.66 -34.14
N GLY E 15 10.24 -37.99 -33.09
CA GLY E 15 9.67 -39.32 -32.96
C GLY E 15 10.59 -40.39 -32.39
N ALA E 16 11.89 -40.13 -32.31
CA ALA E 16 12.83 -41.08 -31.73
C ALA E 16 12.92 -40.87 -30.21
N SER E 17 13.80 -41.64 -29.57
CA SER E 17 14.06 -41.48 -28.14
C SER E 17 15.46 -40.96 -27.92
N VAL E 18 15.65 -40.23 -26.83
CA VAL E 18 16.96 -39.74 -26.42
C VAL E 18 17.07 -39.84 -24.91
N ARG E 19 18.29 -40.07 -24.43
CA ARG E 19 18.56 -40.20 -23.00
C ARG E 19 19.58 -39.16 -22.58
N LEU E 20 19.27 -38.43 -21.52
CA LEU E 20 20.18 -37.46 -20.92
C LEU E 20 20.77 -38.07 -19.66
N THR E 21 22.06 -37.80 -19.43
CA THR E 21 22.79 -38.43 -18.34
C THR E 21 23.30 -37.38 -17.37
N CYS E 22 23.07 -37.63 -16.09
CA CYS E 22 23.60 -36.84 -14.99
C CYS E 22 24.46 -37.75 -14.12
N THR E 23 25.72 -37.35 -13.89
CA THR E 23 26.67 -38.15 -13.12
C THR E 23 27.00 -37.50 -11.79
N LEU E 24 26.81 -38.25 -10.70
CA LEU E 24 27.22 -37.77 -9.38
C LEU E 24 28.72 -37.98 -9.15
N SER E 25 29.34 -37.03 -8.46
CA SER E 25 30.74 -37.16 -8.10
C SER E 25 30.95 -38.35 -7.17
N SER E 26 32.18 -38.88 -7.18
CA SER E 26 32.51 -40.06 -6.40
C SER E 26 32.19 -39.84 -4.93
N GLY E 27 31.65 -40.89 -4.30
CA GLY E 27 31.24 -40.81 -2.91
C GLY E 27 29.78 -40.43 -2.71
N HIS E 28 29.06 -40.12 -3.78
CA HIS E 28 27.65 -39.74 -3.71
C HIS E 28 26.81 -40.59 -4.66
N SER E 29 27.21 -41.85 -4.87
CA SER E 29 26.57 -42.70 -5.87
C SER E 29 25.14 -43.07 -5.50
N SER E 30 24.73 -42.86 -4.24
CA SER E 30 23.40 -43.20 -3.79
C SER E 30 22.47 -41.99 -3.71
N TYR E 31 22.93 -40.80 -4.08
CA TYR E 31 22.13 -39.60 -3.85
C TYR E 31 20.92 -39.54 -4.77
N VAL E 32 19.90 -38.85 -4.31
CA VAL E 32 18.70 -38.55 -5.08
C VAL E 32 18.93 -37.28 -5.89
N ILE E 33 18.53 -37.31 -7.15
CA ILE E 33 18.53 -36.11 -7.98
C ILE E 33 17.11 -35.85 -8.46
N ALA E 34 16.90 -34.64 -8.97
CA ALA E 34 15.66 -34.24 -9.61
C ALA E 34 15.98 -33.73 -11.01
N TRP E 35 15.08 -34.00 -11.95
CA TRP E 35 15.20 -33.48 -13.31
C TRP E 35 14.28 -32.28 -13.46
N HIS E 36 14.79 -31.20 -14.03
CA HIS E 36 14.00 -30.01 -14.30
C HIS E 36 14.14 -29.63 -15.77
N GLN E 37 13.00 -29.32 -16.39
CA GLN E 37 12.96 -28.85 -17.75
C GLN E 37 12.75 -27.34 -17.78
N GLN E 38 13.50 -26.66 -18.65
CA GLN E 38 13.32 -25.23 -18.87
C GLN E 38 13.29 -24.97 -20.37
N GLN E 39 12.10 -24.70 -20.89
CA GLN E 39 11.95 -24.23 -22.25
C GLN E 39 12.29 -22.75 -22.32
N SER E 40 12.68 -22.29 -23.51
CA SER E 40 13.03 -20.89 -23.64
C SER E 40 11.80 -20.03 -23.33
N GLU E 41 12.04 -18.85 -22.76
CA GLU E 41 11.05 -17.86 -22.38
C GLU E 41 10.38 -18.21 -21.04
N LYS E 42 10.63 -19.38 -20.47
CA LYS E 42 9.86 -19.88 -19.34
C LYS E 42 10.77 -20.16 -18.14
N GLY E 43 10.13 -20.35 -16.99
CA GLY E 43 10.79 -20.83 -15.80
C GLY E 43 10.90 -22.34 -15.79
N PRO E 44 11.72 -22.86 -14.87
CA PRO E 44 11.93 -24.31 -14.82
C PRO E 44 10.65 -25.03 -14.43
N ARG E 45 10.56 -26.29 -14.85
CA ARG E 45 9.43 -27.15 -14.51
C ARG E 45 9.96 -28.46 -13.95
N TYR E 46 9.55 -28.81 -12.74
CA TYR E 46 9.95 -30.07 -12.14
C TYR E 46 9.41 -31.25 -12.93
N LEU E 47 10.25 -32.26 -13.15
CA LEU E 47 9.84 -33.46 -13.87
C LEU E 47 9.65 -34.65 -12.94
N MET E 48 10.69 -35.05 -12.24
CA MET E 48 10.69 -36.28 -11.45
C MET E 48 11.95 -36.31 -10.60
N LYS E 49 11.98 -37.26 -9.68
CA LYS E 49 13.18 -37.57 -8.92
C LYS E 49 13.67 -38.97 -9.29
N VAL E 50 14.98 -39.17 -9.18
CA VAL E 50 15.60 -40.46 -9.50
C VAL E 50 16.64 -40.76 -8.43
N ASN E 51 16.43 -41.85 -7.70
CA ASN E 51 17.43 -42.37 -6.77
C ASN E 51 18.03 -43.64 -7.35
N SER E 52 18.77 -44.38 -6.51
CA SER E 52 19.45 -45.58 -6.99
C SER E 52 18.47 -46.64 -7.47
N ASP E 53 17.24 -46.63 -6.94
CA ASP E 53 16.21 -47.57 -7.40
C ASP E 53 15.50 -47.07 -8.65
N GLY E 54 16.13 -46.18 -9.41
CA GLY E 54 15.42 -45.55 -10.51
C GLY E 54 14.25 -44.78 -9.95
N SER E 55 13.05 -45.37 -10.05
CA SER E 55 11.85 -44.85 -9.41
C SER E 55 11.56 -43.43 -9.87
N HIS E 56 10.54 -42.80 -9.30
CA HIS E 56 10.18 -41.46 -9.72
C HIS E 56 9.50 -40.75 -8.55
N SER E 57 9.00 -39.55 -8.83
CA SER E 57 7.93 -38.90 -8.09
C SER E 57 7.37 -37.82 -9.01
N LYS E 58 6.93 -38.26 -10.19
CA LYS E 58 6.60 -37.37 -11.31
C LYS E 58 5.71 -36.20 -10.91
N GLY E 59 5.97 -35.06 -11.54
CA GLY E 59 5.15 -33.88 -11.34
C GLY E 59 3.82 -34.00 -12.07
N ASP E 60 2.95 -33.02 -11.81
CA ASP E 60 1.60 -33.05 -12.38
C ASP E 60 1.65 -32.83 -13.87
N GLY E 61 0.96 -33.69 -14.62
CA GLY E 61 0.88 -33.53 -16.07
C GLY E 61 2.14 -33.90 -16.83
N ILE E 62 3.13 -34.46 -16.18
CA ILE E 62 4.34 -34.87 -16.91
C ILE E 62 4.01 -36.11 -17.74
N PRO E 63 4.28 -36.10 -19.05
CA PRO E 63 3.86 -37.22 -19.90
C PRO E 63 4.56 -38.53 -19.54
N ASP E 64 3.90 -39.63 -19.92
CA ASP E 64 4.51 -40.95 -19.85
C ASP E 64 5.75 -41.06 -20.72
N ARG E 65 5.81 -40.30 -21.83
CA ARG E 65 6.99 -40.30 -22.69
C ARG E 65 8.26 -40.00 -21.92
N PHE E 66 8.15 -39.33 -20.77
CA PHE E 66 9.29 -39.00 -19.93
C PHE E 66 9.46 -40.09 -18.89
N SER E 67 10.69 -40.57 -18.70
CA SER E 67 10.95 -41.57 -17.70
C SER E 67 12.36 -41.40 -17.16
N GLY E 68 12.59 -41.97 -15.97
CA GLY E 68 13.88 -41.91 -15.34
C GLY E 68 14.35 -43.30 -14.94
N SER E 69 15.67 -43.42 -14.83
CA SER E 69 16.30 -44.69 -14.48
C SER E 69 17.67 -44.36 -13.91
N SER E 70 18.35 -45.39 -13.42
CA SER E 70 19.59 -45.16 -12.68
C SER E 70 20.54 -46.34 -12.87
N SER E 71 21.84 -46.04 -12.76
CA SER E 71 22.88 -47.06 -12.86
C SER E 71 24.15 -46.52 -12.20
N GLY E 72 24.53 -47.10 -11.07
CA GLY E 72 25.71 -46.63 -10.38
C GLY E 72 25.57 -45.16 -10.02
N ALA E 73 26.58 -44.37 -10.39
CA ALA E 73 26.58 -42.94 -10.14
C ALA E 73 25.84 -42.14 -11.20
N GLU E 74 25.29 -42.79 -12.22
CA GLU E 74 24.64 -42.12 -13.33
C GLU E 74 23.12 -42.14 -13.14
N ARG E 75 22.49 -41.02 -13.45
CA ARG E 75 21.04 -40.86 -13.41
C ARG E 75 20.57 -40.38 -14.79
N TYR E 76 19.46 -40.94 -15.27
CA TYR E 76 19.03 -40.70 -16.63
C TYR E 76 17.63 -40.12 -16.71
N LEU E 77 17.42 -39.33 -17.76
CA LEU E 77 16.09 -38.91 -18.20
C LEU E 77 15.95 -39.40 -19.63
N THR E 78 14.95 -40.26 -19.86
CA THR E 78 14.69 -40.78 -21.19
C THR E 78 13.37 -40.21 -21.70
N ILE E 79 13.39 -39.64 -22.89
CA ILE E 79 12.22 -39.05 -23.52
C ILE E 79 11.98 -39.82 -24.81
N SER E 80 10.87 -40.53 -24.88
CA SER E 80 10.51 -41.28 -26.08
C SER E 80 9.52 -40.47 -26.92
N SER E 81 9.45 -40.83 -28.20
CA SER E 81 8.51 -40.21 -29.15
C SER E 81 8.66 -38.69 -29.14
N LEU E 82 9.90 -38.25 -29.40
CA LEU E 82 10.23 -36.84 -29.22
C LEU E 82 9.36 -35.94 -30.08
N GLN E 83 8.95 -34.81 -29.50
CA GLN E 83 8.19 -33.76 -30.18
C GLN E 83 9.00 -32.48 -30.17
N SER E 84 8.59 -31.54 -31.01
CA SER E 84 9.22 -30.23 -31.05
C SER E 84 9.23 -29.58 -29.66
N GLU E 85 8.15 -29.76 -28.89
CA GLU E 85 8.04 -29.11 -27.59
C GLU E 85 9.08 -29.59 -26.60
N ASP E 86 9.71 -30.74 -26.84
CA ASP E 86 10.71 -31.27 -25.91
C ASP E 86 12.04 -30.56 -26.01
N GLU E 87 12.24 -29.76 -27.05
CA GLU E 87 13.43 -28.91 -27.13
C GLU E 87 13.45 -27.95 -25.95
N ALA E 88 14.46 -28.09 -25.10
CA ALA E 88 14.53 -27.33 -23.86
C ALA E 88 15.93 -27.53 -23.27
N ASP E 89 16.20 -26.81 -22.18
CA ASP E 89 17.35 -27.08 -21.35
C ASP E 89 16.92 -27.98 -20.20
N TYR E 90 17.71 -29.01 -19.92
CA TYR E 90 17.39 -29.96 -18.85
C TYR E 90 18.47 -29.91 -17.78
N TYR E 91 18.07 -29.63 -16.56
CA TYR E 91 18.97 -29.55 -15.43
C TYR E 91 18.69 -30.70 -14.48
N CYS E 92 19.75 -31.41 -14.08
CA CYS E 92 19.64 -32.25 -12.90
C CYS E 92 20.07 -31.46 -11.69
N GLN E 93 19.52 -31.83 -10.55
CA GLN E 93 19.74 -31.07 -9.33
C GLN E 93 19.68 -32.04 -8.17
N THR E 94 20.53 -31.81 -7.18
CA THR E 94 20.57 -32.63 -5.98
C THR E 94 20.80 -31.70 -4.79
N TRP E 95 21.03 -32.28 -3.61
CA TRP E 95 21.26 -31.49 -2.42
C TRP E 95 22.19 -32.24 -1.50
N GLY E 96 22.91 -31.47 -0.70
CA GLY E 96 23.78 -32.03 0.33
C GLY E 96 23.46 -31.47 1.70
N ALA E 97 24.48 -31.33 2.54
CA ALA E 97 24.31 -30.94 3.94
C ALA E 97 23.43 -29.71 4.06
N GLY E 98 23.95 -28.55 3.67
CA GLY E 98 23.14 -27.34 3.68
C GLY E 98 23.20 -26.64 2.34
N ILE E 99 23.15 -27.41 1.25
CA ILE E 99 23.40 -26.89 -0.08
C ILE E 99 22.46 -27.58 -1.08
N LEU E 100 22.19 -26.87 -2.17
CA LEU E 100 21.72 -27.48 -3.41
C LEU E 100 22.85 -27.44 -4.42
N VAL E 101 22.83 -28.40 -5.35
CA VAL E 101 23.83 -28.47 -6.41
C VAL E 101 23.10 -28.69 -7.73
N PHE E 102 23.46 -27.92 -8.74
CA PHE E 102 22.89 -28.03 -10.07
C PHE E 102 23.93 -28.52 -11.05
N GLY E 103 23.50 -29.35 -11.99
CA GLY E 103 24.30 -29.57 -13.19
C GLY E 103 24.31 -28.33 -14.07
N GLY E 104 25.22 -28.34 -15.05
CA GLY E 104 25.31 -27.24 -15.98
C GLY E 104 24.17 -27.17 -16.99
N GLY E 105 23.33 -28.19 -17.05
CA GLY E 105 22.25 -28.22 -18.03
C GLY E 105 22.68 -28.84 -19.34
N THR E 106 21.73 -29.52 -19.98
CA THR E 106 21.90 -30.09 -21.32
C THR E 106 20.85 -29.50 -22.23
N LYS E 107 21.28 -28.90 -23.34
CA LYS E 107 20.37 -28.38 -24.36
C LYS E 107 20.01 -29.51 -25.32
N LEU E 108 18.72 -29.85 -25.38
CA LEU E 108 18.23 -30.92 -26.24
C LEU E 108 17.68 -30.33 -27.54
N THR E 109 18.23 -30.76 -28.66
CA THR E 109 17.76 -30.36 -29.98
C THR E 109 17.05 -31.53 -30.64
N VAL E 110 15.83 -31.28 -31.13
CA VAL E 110 15.02 -32.28 -31.81
C VAL E 110 15.05 -31.98 -33.30
N LEU E 111 15.76 -32.78 -34.07
CA LEU E 111 15.91 -32.47 -35.48
C LEU E 111 14.76 -33.05 -36.30
N SER E 112 14.67 -32.59 -37.54
CA SER E 112 13.83 -33.17 -38.60
C SER E 112 12.39 -32.66 -38.59
N GLN E 113 12.17 -31.50 -37.99
CA GLN E 113 10.85 -30.89 -37.97
C GLN E 113 10.49 -30.35 -39.36
N PRO E 114 9.20 -30.17 -39.66
CA PRO E 114 8.82 -29.77 -41.02
C PRO E 114 9.37 -28.40 -41.40
N LYS E 115 9.82 -28.30 -42.64
CA LYS E 115 10.35 -27.04 -43.16
C LYS E 115 9.21 -26.04 -43.34
N ALA E 116 9.48 -24.79 -42.96
CA ALA E 116 8.47 -23.75 -43.07
C ALA E 116 9.13 -22.42 -43.38
N ALA E 117 8.66 -21.77 -44.46
CA ALA E 117 9.17 -20.46 -44.86
C ALA E 117 8.60 -19.39 -43.95
N PRO E 118 9.36 -18.33 -43.68
CA PRO E 118 8.86 -17.25 -42.83
C PRO E 118 7.75 -16.46 -43.50
N SER E 119 6.76 -16.06 -42.70
CA SER E 119 5.82 -15.03 -43.09
C SER E 119 6.37 -13.69 -42.60
N VAL E 120 6.30 -12.68 -43.45
CA VAL E 120 6.99 -11.42 -43.21
C VAL E 120 5.97 -10.30 -43.29
N THR E 121 5.97 -9.42 -42.29
CA THR E 121 5.14 -8.22 -42.29
C THR E 121 6.02 -7.02 -42.07
N LEU E 122 5.85 -5.99 -42.90
CA LEU E 122 6.70 -4.81 -42.87
C LEU E 122 5.83 -3.57 -42.70
N PHE E 123 6.14 -2.78 -41.66
CA PHE E 123 5.40 -1.56 -41.38
C PHE E 123 6.26 -0.34 -41.69
N PRO E 124 5.66 0.72 -42.23
CA PRO E 124 6.40 1.96 -42.44
C PRO E 124 6.43 2.78 -41.17
N PRO E 125 7.22 3.87 -41.12
CA PRO E 125 7.15 4.75 -39.95
C PRO E 125 5.75 5.30 -39.77
N SER E 126 5.30 5.37 -38.53
CA SER E 126 4.01 6.00 -38.27
C SER E 126 4.13 7.51 -38.47
N SER E 127 3.02 8.12 -38.84
CA SER E 127 3.02 9.58 -39.00
C SER E 127 3.29 10.27 -37.67
N GLU E 128 2.93 9.61 -36.56
CA GLU E 128 3.24 10.17 -35.25
C GLU E 128 4.74 10.23 -35.01
N GLU E 129 5.47 9.19 -35.41
CA GLU E 129 6.91 9.21 -35.20
C GLU E 129 7.61 10.16 -36.16
N LEU E 130 7.07 10.36 -37.36
CA LEU E 130 7.64 11.36 -38.24
C LEU E 130 7.37 12.76 -37.72
N GLN E 131 6.28 12.93 -36.97
CA GLN E 131 6.04 14.20 -36.29
C GLN E 131 7.15 14.48 -35.28
N ALA E 132 7.65 13.45 -34.61
CA ALA E 132 8.78 13.57 -33.69
C ALA E 132 10.12 13.60 -34.42
N ASN E 133 10.11 13.80 -35.73
CA ASN E 133 11.33 13.90 -36.54
C ASN E 133 12.18 12.64 -36.40
N LYS E 134 11.52 11.48 -36.38
CA LYS E 134 12.18 10.19 -36.42
C LYS E 134 11.43 9.29 -37.39
N ALA E 135 11.96 8.09 -37.61
CA ALA E 135 11.36 7.15 -38.54
C ALA E 135 11.93 5.75 -38.34
N THR E 136 11.08 4.77 -38.11
CA THR E 136 11.51 3.39 -37.89
C THR E 136 10.72 2.47 -38.82
N LEU E 137 11.44 1.59 -39.51
CA LEU E 137 10.82 0.53 -40.30
C LEU E 137 10.83 -0.75 -39.48
N VAL E 138 9.70 -1.45 -39.46
CA VAL E 138 9.50 -2.60 -38.58
C VAL E 138 9.17 -3.80 -39.44
N CYS E 139 10.07 -4.78 -39.43
CA CYS E 139 9.93 -6.00 -40.21
C CYS E 139 9.79 -7.18 -39.26
N LEU E 140 8.62 -7.81 -39.28
CA LEU E 140 8.28 -8.88 -38.35
C LEU E 140 8.32 -10.21 -39.07
N ILE E 141 9.07 -11.16 -38.51
CA ILE E 141 9.37 -12.43 -39.17
C ILE E 141 8.97 -13.55 -38.22
N SER E 142 8.05 -14.42 -38.67
CA SER E 142 7.50 -15.44 -37.79
C SER E 142 7.24 -16.73 -38.57
N ASP E 143 7.00 -17.80 -37.79
CA ASP E 143 6.47 -19.05 -38.32
C ASP E 143 7.43 -19.74 -39.27
N PHE E 144 8.72 -19.73 -38.95
CA PHE E 144 9.71 -20.40 -39.82
C PHE E 144 10.47 -21.50 -39.08
N TYR E 145 10.89 -22.50 -39.87
CA TYR E 145 11.75 -23.58 -39.41
C TYR E 145 12.58 -24.11 -40.58
N PRO E 146 13.89 -24.35 -40.35
CA PRO E 146 14.60 -24.19 -39.07
C PRO E 146 14.76 -22.72 -38.64
N GLY E 147 15.21 -22.52 -37.41
CA GLY E 147 15.19 -21.19 -36.81
C GLY E 147 16.38 -20.32 -37.10
N ALA E 148 16.62 -20.04 -38.38
CA ALA E 148 17.72 -19.19 -38.80
C ALA E 148 17.34 -18.48 -40.08
N VAL E 149 17.46 -17.16 -40.07
CA VAL E 149 17.17 -16.32 -41.24
C VAL E 149 18.22 -15.21 -41.27
N THR E 150 18.42 -14.66 -42.45
CA THR E 150 19.27 -13.49 -42.64
C THR E 150 18.43 -12.39 -43.26
N VAL E 151 18.60 -11.16 -42.76
CA VAL E 151 17.80 -10.04 -43.18
C VAL E 151 18.66 -9.06 -43.96
N ALA E 152 18.10 -8.49 -45.01
CA ALA E 152 18.79 -7.51 -45.82
C ALA E 152 17.81 -6.40 -46.14
N TRP E 153 18.18 -5.16 -45.83
CA TRP E 153 17.34 -4.02 -46.14
C TRP E 153 17.88 -3.32 -47.38
N LYS E 154 16.96 -2.75 -48.16
CA LYS E 154 17.34 -2.04 -49.37
C LYS E 154 16.52 -0.77 -49.50
N ALA E 155 17.19 0.32 -49.87
CA ALA E 155 16.52 1.54 -50.30
C ALA E 155 16.47 1.52 -51.82
N ASP E 156 15.25 1.52 -52.37
CA ASP E 156 15.04 1.37 -53.80
C ASP E 156 15.56 -0.01 -54.21
N SER E 157 16.75 -0.04 -54.81
CA SER E 157 17.50 -1.26 -55.08
C SER E 157 18.80 -1.34 -54.31
N SER E 158 19.38 -0.19 -53.95
CA SER E 158 20.64 -0.12 -53.24
C SER E 158 20.54 -0.69 -51.84
N PRO E 159 21.50 -1.51 -51.40
CA PRO E 159 21.42 -2.09 -50.05
C PRO E 159 21.65 -1.03 -48.98
N VAL E 160 21.17 -1.32 -47.78
CA VAL E 160 21.18 -0.38 -46.67
C VAL E 160 21.99 -0.98 -45.52
N LYS E 161 23.00 -0.26 -45.08
CA LYS E 161 24.01 -0.72 -44.14
C LYS E 161 23.68 -0.31 -42.70
N ALA E 162 23.45 0.99 -42.48
CA ALA E 162 23.44 1.57 -41.15
C ALA E 162 22.03 1.68 -40.59
N GLY E 163 21.94 1.67 -39.27
CA GLY E 163 20.66 1.78 -38.60
C GLY E 163 19.84 0.52 -38.60
N VAL E 164 20.48 -0.64 -38.74
CA VAL E 164 19.78 -1.92 -38.79
C VAL E 164 20.01 -2.61 -37.46
N GLU E 165 18.91 -3.04 -36.82
CA GLU E 165 18.97 -3.80 -35.59
C GLU E 165 18.11 -5.04 -35.81
N THR E 166 18.67 -6.22 -35.56
CA THR E 166 17.98 -7.46 -35.86
C THR E 166 18.12 -8.42 -34.70
N THR E 167 17.01 -9.03 -34.30
CA THR E 167 17.03 -9.97 -33.20
C THR E 167 17.68 -11.28 -33.64
N THR E 168 18.11 -12.05 -32.65
CA THR E 168 18.41 -13.44 -32.94
C THR E 168 17.10 -14.23 -32.95
N PRO E 169 16.90 -15.13 -33.92
CA PRO E 169 15.66 -15.90 -33.92
C PRO E 169 15.52 -16.69 -32.63
N SER E 170 14.32 -16.69 -32.07
CA SER E 170 14.09 -17.46 -30.86
C SER E 170 12.72 -18.11 -30.92
N LYS E 171 12.64 -19.27 -30.26
CA LYS E 171 11.43 -20.05 -30.19
C LYS E 171 10.67 -19.62 -28.95
N GLN E 172 9.41 -19.22 -29.12
CA GLN E 172 8.66 -18.77 -27.94
C GLN E 172 7.51 -19.75 -27.72
N SER E 173 6.80 -19.55 -26.59
CA SER E 173 5.80 -20.47 -26.07
C SER E 173 4.83 -20.98 -27.14
N ASN E 174 4.57 -20.17 -28.17
CA ASN E 174 3.81 -20.64 -29.34
C ASN E 174 4.53 -21.72 -30.15
N ASN E 175 5.74 -22.11 -29.74
CA ASN E 175 6.57 -23.20 -30.25
C ASN E 175 6.98 -23.11 -31.73
N LYS E 176 6.93 -21.96 -32.38
CA LYS E 176 7.67 -21.79 -33.63
C LYS E 176 8.53 -20.55 -33.50
N TYR E 177 9.36 -20.28 -34.51
CA TYR E 177 10.39 -19.27 -34.37
C TYR E 177 9.91 -17.91 -34.88
N ALA E 178 10.39 -16.87 -34.23
CA ALA E 178 10.09 -15.49 -34.61
C ALA E 178 11.37 -14.66 -34.55
N ALA E 179 11.38 -13.59 -35.33
CA ALA E 179 12.47 -12.62 -35.31
C ALA E 179 11.96 -11.31 -35.87
N SER E 180 12.74 -10.25 -35.68
CA SER E 180 12.34 -8.94 -36.17
C SER E 180 13.59 -8.10 -36.43
N SER E 181 13.45 -7.18 -37.38
CA SER E 181 14.53 -6.28 -37.77
C SER E 181 13.98 -4.87 -37.86
N TYR E 182 14.73 -3.92 -37.31
CA TYR E 182 14.31 -2.53 -37.25
C TYR E 182 15.30 -1.68 -38.02
N LEU E 183 14.81 -0.86 -38.94
CA LEU E 183 15.63 0.06 -39.71
C LEU E 183 15.30 1.49 -39.31
N SER E 184 16.28 2.20 -38.75
CA SER E 184 16.11 3.59 -38.37
C SER E 184 16.58 4.50 -39.49
N LEU E 185 15.77 5.51 -39.80
CA LEU E 185 16.08 6.47 -40.84
C LEU E 185 15.78 7.88 -40.34
N THR E 186 16.39 8.85 -40.97
CA THR E 186 15.84 10.19 -40.83
C THR E 186 14.55 10.29 -41.63
N PRO E 187 13.59 11.12 -41.20
CA PRO E 187 12.40 11.35 -42.02
C PRO E 187 12.73 11.80 -43.43
N GLU E 188 13.92 12.37 -43.64
CA GLU E 188 14.31 12.83 -44.97
C GLU E 188 14.71 11.67 -45.88
N GLN E 189 15.43 10.67 -45.36
CA GLN E 189 15.73 9.51 -46.17
C GLN E 189 14.47 8.73 -46.51
N TRP E 190 13.56 8.59 -45.54
CA TRP E 190 12.31 7.88 -45.78
C TRP E 190 11.53 8.52 -46.92
N LYS E 191 11.51 9.86 -46.97
CA LYS E 191 10.76 10.57 -47.99
C LYS E 191 11.53 10.71 -49.30
N SER E 192 12.86 10.53 -49.27
CA SER E 192 13.65 10.68 -50.49
C SER E 192 13.50 9.49 -51.42
N HIS E 193 13.69 8.27 -50.91
CA HIS E 193 13.65 7.09 -51.75
C HIS E 193 12.21 6.72 -52.10
N ARG E 194 12.06 5.93 -53.18
CA ARG E 194 10.71 5.59 -53.61
C ARG E 194 10.13 4.43 -52.79
N SER E 195 10.97 3.52 -52.31
CA SER E 195 10.50 2.43 -51.47
C SER E 195 11.66 1.85 -50.68
N TYR E 196 11.31 1.10 -49.64
CA TYR E 196 12.24 0.34 -48.84
C TYR E 196 11.74 -1.10 -48.77
N SER E 197 12.67 -2.03 -48.56
CA SER E 197 12.34 -3.45 -48.53
C SER E 197 13.11 -4.12 -47.40
N CYS E 198 12.60 -5.27 -46.95
CA CYS E 198 13.16 -5.98 -45.81
C CYS E 198 13.86 -7.28 -46.17
N GLN E 199 13.40 -7.97 -47.22
CA GLN E 199 13.98 -9.21 -47.74
C GLN E 199 14.54 -10.17 -46.69
N VAL E 200 13.83 -11.27 -46.44
CA VAL E 200 14.27 -12.28 -45.49
C VAL E 200 14.63 -13.53 -46.28
N THR E 201 15.76 -14.14 -45.92
CA THR E 201 16.26 -15.31 -46.61
C THR E 201 16.32 -16.50 -45.65
N HIS E 202 15.72 -17.61 -46.07
CA HIS E 202 15.55 -18.79 -45.23
C HIS E 202 15.72 -20.03 -46.09
N GLU E 203 16.77 -20.80 -45.82
CA GLU E 203 17.11 -21.99 -46.61
C GLU E 203 17.14 -21.69 -48.11
N GLY E 204 17.89 -20.65 -48.47
CA GLY E 204 18.12 -20.30 -49.86
C GLY E 204 16.98 -19.57 -50.55
N SER E 205 15.80 -19.52 -49.95
CA SER E 205 14.66 -18.82 -50.54
C SER E 205 14.47 -17.50 -49.80
N THR E 206 14.15 -16.45 -50.55
CA THR E 206 14.04 -15.11 -50.00
C THR E 206 12.60 -14.62 -50.10
N VAL E 207 12.10 -14.08 -48.99
CA VAL E 207 10.80 -13.42 -48.95
C VAL E 207 11.03 -11.93 -48.80
N GLU E 208 10.31 -11.14 -49.60
CA GLU E 208 10.49 -9.69 -49.62
C GLU E 208 9.16 -8.99 -49.43
N LYS E 209 9.16 -7.97 -48.58
CA LYS E 209 8.06 -7.02 -48.43
C LYS E 209 8.59 -5.62 -48.64
N THR E 210 7.69 -4.71 -49.03
CA THR E 210 8.07 -3.39 -49.49
C THR E 210 7.04 -2.37 -49.02
N VAL E 211 7.51 -1.17 -48.68
CA VAL E 211 6.66 -0.07 -48.23
C VAL E 211 7.14 1.22 -48.88
N ALA E 212 6.23 2.18 -49.01
CA ALA E 212 6.52 3.44 -49.65
C ALA E 212 5.73 4.54 -48.97
N PRO E 213 6.17 5.80 -49.06
CA PRO E 213 5.42 6.93 -48.51
C PRO E 213 4.18 7.27 -49.34
N PRO F 1 29.85 -39.74 1.29
CA PRO F 1 29.00 -39.64 2.49
C PRO F 1 27.58 -40.16 2.28
N LEU F 2 26.68 -39.75 3.16
CA LEU F 2 25.26 -40.10 3.06
C LEU F 2 24.45 -38.83 2.86
N GLN F 3 23.47 -38.93 1.99
CA GLN F 3 22.69 -37.75 1.67
C GLN F 3 21.68 -37.48 2.77
N PRO F 4 21.56 -36.23 3.24
CA PRO F 4 20.55 -35.92 4.24
C PRO F 4 19.17 -35.96 3.61
N GLU F 5 18.17 -36.08 4.47
CA GLU F 5 16.81 -36.13 3.94
C GLU F 5 16.32 -34.75 3.55
N GLN F 6 16.82 -33.70 4.20
CA GLN F 6 16.41 -32.33 3.95
C GLN F 6 17.66 -31.46 3.99
N PRO F 7 17.92 -30.66 2.94
CA PRO F 7 19.14 -29.84 2.94
C PRO F 7 19.09 -28.70 3.92
N PHE F 8 17.91 -28.21 4.29
CA PHE F 8 17.77 -27.02 5.12
C PHE F 8 16.87 -27.33 6.31
N PRO F 9 17.35 -28.14 7.27
CA PRO F 9 16.55 -28.60 8.41
C PRO F 9 16.24 -27.49 9.42
N GLU G 1 -0.90 24.18 13.19
CA GLU G 1 -2.21 24.76 12.94
C GLU G 1 -2.93 23.86 11.93
N VAL G 2 -3.68 24.49 11.02
CA VAL G 2 -4.22 23.76 9.89
C VAL G 2 -3.06 23.32 9.01
N GLN G 3 -3.15 22.10 8.48
CA GLN G 3 -2.28 21.77 7.36
C GLN G 3 -3.00 20.91 6.32
N LEU G 4 -2.63 21.18 5.08
CA LEU G 4 -3.17 20.54 3.90
C LEU G 4 -1.98 20.02 3.11
N LEU G 5 -1.96 18.73 2.79
CA LEU G 5 -0.82 18.14 2.10
C LEU G 5 -1.31 17.38 0.89
N GLU G 6 -0.92 17.84 -0.29
CA GLU G 6 -1.32 17.20 -1.53
C GLU G 6 -0.42 15.99 -1.82
N SER G 7 -0.96 15.05 -2.58
CA SER G 7 -0.17 13.94 -3.07
C SER G 7 -0.81 13.40 -4.33
N GLY G 8 -0.02 12.67 -5.11
CA GLY G 8 -0.52 11.98 -6.29
C GLY G 8 -0.09 12.55 -7.63
N GLY G 9 0.63 13.67 -7.64
CA GLY G 9 1.08 14.23 -8.89
C GLY G 9 2.09 13.34 -9.60
N GLY G 10 2.25 13.58 -10.90
CA GLY G 10 3.17 12.77 -11.67
C GLY G 10 2.98 13.00 -13.16
N LEU G 11 3.57 12.11 -13.94
CA LEU G 11 3.59 12.22 -15.39
C LEU G 11 2.50 11.34 -15.98
N VAL G 12 1.75 11.88 -16.94
CA VAL G 12 0.61 11.20 -17.54
C VAL G 12 0.62 11.44 -19.04
N GLN G 13 0.27 10.42 -19.81
CA GLN G 13 0.12 10.59 -21.24
C GLN G 13 -1.13 11.41 -21.54
N PRO G 14 -1.15 12.14 -22.65
CA PRO G 14 -2.37 12.85 -23.05
C PRO G 14 -3.53 11.88 -23.18
N GLY G 15 -4.70 12.29 -22.68
CA GLY G 15 -5.85 11.42 -22.64
C GLY G 15 -5.91 10.49 -21.45
N GLY G 16 -4.88 10.52 -20.59
CA GLY G 16 -4.82 9.64 -19.43
C GLY G 16 -5.54 10.21 -18.24
N SER G 17 -5.38 9.51 -17.11
CA SER G 17 -6.14 9.79 -15.90
C SER G 17 -5.20 9.80 -14.71
N LEU G 18 -5.58 10.56 -13.68
CA LEU G 18 -4.77 10.68 -12.49
C LEU G 18 -5.64 11.21 -11.37
N ARG G 19 -5.46 10.70 -10.17
CA ARG G 19 -6.22 11.15 -9.01
C ARG G 19 -5.27 11.76 -7.98
N LEU G 20 -5.61 12.98 -7.54
CA LEU G 20 -4.85 13.69 -6.52
C LEU G 20 -5.57 13.58 -5.18
N SER G 21 -4.77 13.59 -4.11
CA SER G 21 -5.31 13.59 -2.75
C SER G 21 -4.78 14.80 -1.98
N CYS G 22 -5.52 15.18 -0.95
CA CYS G 22 -5.17 16.29 -0.07
C CYS G 22 -5.52 15.85 1.34
N ALA G 23 -4.51 15.55 2.15
CA ALA G 23 -4.74 15.17 3.54
C ALA G 23 -4.82 16.42 4.42
N ALA G 24 -5.90 16.54 5.19
CA ALA G 24 -6.14 17.70 6.02
C ALA G 24 -6.12 17.34 7.49
N SER G 25 -5.63 18.28 8.30
CA SER G 25 -5.59 18.11 9.75
C SER G 25 -5.61 19.50 10.40
N GLY G 26 -5.99 19.51 11.67
CA GLY G 26 -5.99 20.74 12.44
C GLY G 26 -7.32 21.44 12.54
N PHE G 27 -8.38 20.89 11.94
CA PHE G 27 -9.70 21.49 11.97
C PHE G 27 -10.72 20.38 11.73
N THR G 28 -11.98 20.68 12.03
CA THR G 28 -13.05 19.74 11.75
C THR G 28 -13.30 19.74 10.24
N PHE G 29 -12.89 18.67 9.58
CA PHE G 29 -12.83 18.66 8.12
C PHE G 29 -14.19 18.93 7.50
N SER G 30 -15.23 18.27 8.01
CA SER G 30 -16.56 18.30 7.39
C SER G 30 -17.26 19.65 7.51
N THR G 31 -16.77 20.59 8.31
CA THR G 31 -17.46 21.85 8.46
C THR G 31 -17.10 22.87 7.38
N TYR G 32 -16.11 22.58 6.55
CA TYR G 32 -15.63 23.53 5.55
C TYR G 32 -15.69 22.93 4.16
N ALA G 33 -16.10 23.76 3.20
CA ALA G 33 -15.92 23.44 1.80
C ALA G 33 -14.43 23.44 1.45
N MET G 34 -14.06 22.59 0.50
CA MET G 34 -12.66 22.41 0.11
C MET G 34 -12.51 22.65 -1.38
N SER G 35 -11.38 23.26 -1.77
CA SER G 35 -11.19 23.73 -3.13
C SER G 35 -9.90 23.16 -3.71
N TRP G 36 -9.87 23.07 -5.04
CA TRP G 36 -8.64 22.85 -5.78
C TRP G 36 -8.34 24.08 -6.64
N VAL G 37 -7.07 24.49 -6.63
CA VAL G 37 -6.56 25.59 -7.42
C VAL G 37 -5.30 25.10 -8.11
N ARG G 38 -5.10 25.51 -9.36
CA ARG G 38 -3.94 25.06 -10.10
C ARG G 38 -3.20 26.25 -10.69
N GLN G 39 -1.97 25.99 -11.12
CA GLN G 39 -1.09 27.03 -11.64
C GLN G 39 -0.21 26.42 -12.72
N ALA G 40 -0.50 26.76 -13.98
CA ALA G 40 0.36 26.35 -15.08
C ALA G 40 1.72 27.04 -14.97
N PRO G 41 2.77 26.47 -15.56
CA PRO G 41 4.11 27.05 -15.42
C PRO G 41 4.15 28.51 -15.88
N GLY G 42 4.63 29.39 -15.00
CA GLY G 42 4.76 30.81 -15.29
C GLY G 42 3.47 31.61 -15.41
N LYS G 43 2.34 31.06 -15.00
CA LYS G 43 1.06 31.76 -15.12
C LYS G 43 0.45 31.90 -13.71
N GLY G 44 -0.74 32.51 -13.63
CA GLY G 44 -1.41 32.80 -12.39
C GLY G 44 -2.24 31.64 -11.85
N LEU G 45 -2.78 31.85 -10.65
CA LEU G 45 -3.66 30.88 -10.03
C LEU G 45 -4.98 30.75 -10.79
N GLU G 46 -5.44 29.53 -10.98
CA GLU G 46 -6.69 29.24 -11.69
C GLU G 46 -7.53 28.31 -10.83
N TRP G 47 -8.75 28.75 -10.51
CA TRP G 47 -9.67 27.91 -9.76
C TRP G 47 -10.08 26.70 -10.59
N VAL G 48 -10.16 25.54 -9.94
CA VAL G 48 -10.49 24.29 -10.61
C VAL G 48 -11.83 23.74 -10.13
N SER G 49 -11.97 23.56 -8.82
CA SER G 49 -13.16 22.90 -8.29
C SER G 49 -13.40 23.30 -6.84
N GLY G 50 -14.63 23.07 -6.40
CA GLY G 50 -14.98 23.21 -5.00
C GLY G 50 -15.98 22.14 -4.62
N ILE G 51 -15.98 21.79 -3.34
CA ILE G 51 -16.91 20.78 -2.83
C ILE G 51 -17.33 21.16 -1.42
N SER G 52 -18.63 21.03 -1.15
CA SER G 52 -19.19 21.41 0.14
C SER G 52 -18.71 20.49 1.25
N GLY G 53 -18.88 20.96 2.49
CA GLY G 53 -18.45 20.20 3.65
C GLY G 53 -19.04 18.80 3.71
N SER G 54 -20.35 18.67 3.43
CA SER G 54 -20.99 17.36 3.45
C SER G 54 -20.60 16.50 2.26
N GLY G 55 -19.97 17.07 1.23
CA GLY G 55 -19.76 16.37 -0.01
C GLY G 55 -20.96 16.31 -0.93
N GLY G 56 -22.08 16.93 -0.55
CA GLY G 56 -23.30 16.87 -1.34
C GLY G 56 -23.33 17.72 -2.58
N SER G 57 -22.40 18.66 -2.74
CA SER G 57 -22.43 19.59 -3.85
C SER G 57 -21.01 19.86 -4.35
N THR G 58 -20.82 19.76 -5.66
CA THR G 58 -19.53 20.01 -6.29
C THR G 58 -19.67 21.10 -7.33
N TYR G 59 -18.58 21.84 -7.54
CA TYR G 59 -18.58 23.00 -8.42
C TYR G 59 -17.28 23.00 -9.22
N TYR G 60 -17.36 23.35 -10.49
CA TYR G 60 -16.22 23.22 -11.40
C TYR G 60 -16.07 24.45 -12.29
N ALA G 61 -14.81 24.82 -12.54
CA ALA G 61 -14.52 25.78 -13.58
C ALA G 61 -14.78 25.14 -14.95
N ASP G 62 -15.20 25.98 -15.91
CA ASP G 62 -15.55 25.46 -17.23
C ASP G 62 -14.40 24.71 -17.87
N SER G 63 -13.16 25.12 -17.58
CA SER G 63 -12.00 24.51 -18.23
C SER G 63 -11.83 23.04 -17.88
N VAL G 64 -12.45 22.57 -16.79
CA VAL G 64 -12.31 21.18 -16.37
C VAL G 64 -13.63 20.45 -16.28
N LYS G 65 -14.76 21.14 -16.47
CA LYS G 65 -16.05 20.49 -16.32
C LYS G 65 -16.22 19.35 -17.31
N GLY G 66 -16.76 18.23 -16.82
CA GLY G 66 -16.91 17.02 -17.63
C GLY G 66 -15.68 16.16 -17.75
N ARG G 67 -14.53 16.63 -17.27
CA ARG G 67 -13.31 15.83 -17.28
C ARG G 67 -12.73 15.65 -15.88
N PHE G 68 -12.83 16.65 -15.02
CA PHE G 68 -12.34 16.54 -13.65
C PHE G 68 -13.50 16.34 -12.69
N THR G 69 -13.25 15.55 -11.66
CA THR G 69 -14.22 15.28 -10.61
C THR G 69 -13.52 15.46 -9.27
N THR G 70 -14.25 16.02 -8.30
CA THR G 70 -13.73 16.15 -6.95
C THR G 70 -14.65 15.42 -5.98
N SER G 71 -14.05 14.81 -4.97
CA SER G 71 -14.78 14.11 -3.92
C SER G 71 -14.04 14.28 -2.60
N ARG G 72 -14.62 13.77 -1.52
CA ARG G 72 -14.02 13.89 -0.20
C ARG G 72 -14.47 12.73 0.67
N ASP G 73 -13.63 12.37 1.63
CA ASP G 73 -13.91 11.34 2.63
C ASP G 73 -13.83 12.00 3.99
N ASN G 74 -14.97 12.12 4.67
CA ASN G 74 -15.03 12.87 5.92
C ASN G 74 -14.68 12.05 7.15
N SER G 75 -14.21 10.81 6.96
CA SER G 75 -13.57 10.07 8.03
C SER G 75 -12.05 10.09 7.92
N LYS G 76 -11.53 10.02 6.71
CA LYS G 76 -10.09 10.14 6.47
C LYS G 76 -9.62 11.58 6.41
N ASN G 77 -10.54 12.54 6.45
CA ASN G 77 -10.22 13.96 6.34
C ASN G 77 -9.38 14.23 5.09
N THR G 78 -9.82 13.66 3.97
CA THR G 78 -9.07 13.71 2.72
C THR G 78 -9.95 14.25 1.61
N LEU G 79 -9.37 15.13 0.79
CA LEU G 79 -10.01 15.70 -0.39
C LEU G 79 -9.39 15.08 -1.63
N TYR G 80 -10.21 14.84 -2.66
CA TYR G 80 -9.74 14.19 -3.88
C TYR G 80 -10.04 15.02 -5.11
N LEU G 81 -9.22 14.84 -6.14
CA LEU G 81 -9.47 15.36 -7.48
C LEU G 81 -9.19 14.23 -8.47
N GLN G 82 -10.24 13.73 -9.12
CA GLN G 82 -10.11 12.68 -10.12
C GLN G 82 -10.08 13.32 -11.50
N MET G 83 -8.98 13.12 -12.21
CA MET G 83 -8.80 13.68 -13.55
C MET G 83 -8.95 12.57 -14.58
N ASN G 84 -9.72 12.85 -15.63
CA ASN G 84 -9.79 12.01 -16.81
C ASN G 84 -9.63 12.91 -18.03
N SER G 85 -9.33 12.29 -19.17
CA SER G 85 -9.14 13.01 -20.42
C SER G 85 -8.17 14.18 -20.27
N LEU G 86 -7.03 13.91 -19.65
CA LEU G 86 -6.06 14.97 -19.39
C LEU G 86 -5.49 15.50 -20.69
N ARG G 87 -5.21 16.80 -20.70
CA ARG G 87 -4.63 17.46 -21.85
C ARG G 87 -3.31 18.09 -21.45
N ALA G 88 -2.49 18.39 -22.45
CA ALA G 88 -1.18 18.99 -22.20
C ALA G 88 -1.31 20.29 -21.39
N GLU G 89 -2.33 21.09 -21.69
CA GLU G 89 -2.55 22.35 -20.99
C GLU G 89 -3.10 22.16 -19.57
N ASP G 90 -3.36 20.91 -19.13
CA ASP G 90 -3.65 20.69 -17.72
C ASP G 90 -2.38 20.59 -16.88
N THR G 91 -1.21 20.62 -17.52
CA THR G 91 0.05 20.64 -16.79
C THR G 91 0.11 21.86 -15.88
N ALA G 92 0.28 21.61 -14.59
CA ALA G 92 0.24 22.68 -13.59
C ALA G 92 0.64 22.09 -12.25
N VAL G 93 0.95 22.98 -11.32
CA VAL G 93 0.95 22.62 -9.91
C VAL G 93 -0.48 22.71 -9.40
N TYR G 94 -0.94 21.66 -8.73
CA TYR G 94 -2.29 21.61 -8.20
C TYR G 94 -2.24 21.83 -6.70
N TYR G 95 -2.89 22.90 -6.23
CA TYR G 95 -2.94 23.23 -4.82
C TYR G 95 -4.29 22.88 -4.23
N CYS G 96 -4.25 22.25 -3.06
CA CYS G 96 -5.40 22.10 -2.19
C CYS G 96 -5.55 23.36 -1.34
N ALA G 97 -6.78 23.79 -1.10
CA ALA G 97 -6.99 25.04 -0.38
C ALA G 97 -8.33 25.04 0.34
N LYS G 98 -8.41 25.84 1.40
CA LYS G 98 -9.62 25.98 2.20
C LYS G 98 -9.93 27.46 2.37
N PHE G 99 -10.97 27.93 1.69
CA PHE G 99 -11.41 29.32 1.77
C PHE G 99 -12.65 29.40 2.65
N SER G 100 -12.64 30.37 3.58
CA SER G 100 -13.63 30.38 4.66
C SER G 100 -14.94 31.07 4.31
N GLY G 101 -14.91 32.10 3.47
CA GLY G 101 -16.12 32.85 3.21
C GLY G 101 -16.32 34.01 4.15
N LYS G 102 -17.58 34.30 4.51
CA LYS G 102 -17.88 35.38 5.45
C LYS G 102 -18.49 34.89 6.76
N ASP G 103 -17.95 33.82 7.35
CA ASP G 103 -18.54 33.22 8.55
C ASP G 103 -17.55 33.28 9.71
N CYS G 104 -17.13 34.51 10.05
CA CYS G 104 -16.14 34.73 11.11
C CYS G 104 -16.21 36.20 11.54
N SER G 105 -15.76 36.63 12.73
CA SER G 105 -14.96 36.00 13.82
C SER G 105 -13.52 35.64 13.41
N GLY G 106 -12.73 36.70 13.21
CA GLY G 106 -11.31 36.66 12.89
C GLY G 106 -10.67 35.37 12.43
N THR G 107 -9.86 34.76 13.32
CA THR G 107 -9.14 33.52 13.03
C THR G 107 -9.90 32.62 12.06
N SER G 108 -11.20 32.46 12.26
CA SER G 108 -12.00 31.61 11.37
C SER G 108 -12.00 32.11 9.94
N CYS G 109 -11.77 33.41 9.71
CA CYS G 109 -11.74 33.98 8.37
C CYS G 109 -10.42 33.79 7.65
N ARG G 110 -9.45 33.12 8.23
CA ARG G 110 -8.23 32.87 7.48
C ARG G 110 -8.48 31.84 6.39
N ASP G 111 -7.69 31.92 5.33
CA ASP G 111 -7.67 30.91 4.29
C ASP G 111 -6.39 30.12 4.42
N TYR G 112 -6.38 28.93 3.84
CA TYR G 112 -5.23 28.04 3.98
C TYR G 112 -4.91 27.39 2.64
N TRP G 113 -3.61 27.23 2.39
CA TRP G 113 -3.11 26.61 1.18
C TRP G 113 -2.29 25.37 1.52
N GLY G 114 -2.25 24.43 0.58
CA GLY G 114 -1.30 23.34 0.63
C GLY G 114 0.02 23.72 -0.01
N GLN G 115 0.86 22.70 -0.24
CA GLN G 115 2.16 22.90 -0.84
C GLN G 115 2.16 22.66 -2.35
N GLY G 116 1.08 22.13 -2.89
CA GLY G 116 1.00 21.81 -4.30
C GLY G 116 1.65 20.47 -4.62
N THR G 117 1.20 19.89 -5.73
CA THR G 117 1.81 18.71 -6.29
C THR G 117 1.78 18.85 -7.80
N LEU G 118 2.86 18.47 -8.46
CA LEU G 118 3.02 18.80 -9.87
C LEU G 118 2.42 17.71 -10.75
N VAL G 119 1.61 18.13 -11.72
CA VAL G 119 1.04 17.25 -12.72
C VAL G 119 1.58 17.64 -14.09
N THR G 120 2.19 16.68 -14.77
CA THR G 120 2.73 16.88 -16.11
C THR G 120 1.99 15.98 -17.09
N VAL G 121 1.39 16.57 -18.11
CA VAL G 121 0.71 15.83 -19.17
C VAL G 121 1.54 15.97 -20.43
N SER G 122 2.15 14.88 -20.88
CA SER G 122 3.08 14.92 -21.98
C SER G 122 3.15 13.56 -22.65
N SER G 123 3.45 13.57 -23.95
CA SER G 123 3.66 12.34 -24.68
C SER G 123 5.09 11.80 -24.53
N ALA G 124 6.00 12.62 -24.04
CA ALA G 124 7.34 12.14 -23.72
C ALA G 124 7.28 11.23 -22.49
N SER G 125 8.04 10.14 -22.52
CA SER G 125 8.05 9.23 -21.40
C SER G 125 9.19 9.59 -20.45
N THR G 126 9.11 9.06 -19.24
CA THR G 126 10.08 9.38 -18.20
C THR G 126 11.46 8.84 -18.56
N LYS G 127 12.50 9.55 -18.09
CA LYS G 127 13.86 9.05 -18.19
C LYS G 127 14.64 9.43 -16.93
N GLY G 128 15.28 8.43 -16.31
CA GLY G 128 16.11 8.66 -15.16
C GLY G 128 17.43 9.30 -15.50
N PRO G 129 18.04 9.98 -14.53
CA PRO G 129 19.31 10.67 -14.77
C PRO G 129 20.52 9.76 -14.59
N SER G 130 21.62 10.18 -15.21
CA SER G 130 22.95 9.71 -14.87
C SER G 130 23.61 10.71 -13.93
N VAL G 131 24.24 10.21 -12.88
CA VAL G 131 24.84 11.04 -11.83
C VAL G 131 26.35 10.88 -11.90
N PHE G 132 27.07 12.00 -11.88
CA PHE G 132 28.51 12.00 -11.94
C PHE G 132 29.06 12.86 -10.80
N PRO G 133 30.20 12.48 -10.22
CA PRO G 133 30.80 13.29 -9.17
C PRO G 133 31.53 14.50 -9.76
N LEU G 134 31.59 15.56 -8.96
CA LEU G 134 32.33 16.77 -9.30
C LEU G 134 33.34 17.05 -8.20
N ALA G 135 34.60 16.68 -8.44
CA ALA G 135 35.69 16.91 -7.49
C ALA G 135 36.35 18.26 -7.78
N PRO G 136 37.18 18.78 -6.84
CA PRO G 136 37.60 18.27 -5.53
C PRO G 136 36.48 18.30 -4.50
N ALA G 146 37.54 24.93 -0.96
CA ALA G 146 37.28 24.05 -2.09
C ALA G 146 35.79 23.77 -2.26
N ALA G 147 35.38 23.47 -3.49
CA ALA G 147 33.99 23.18 -3.81
C ALA G 147 33.88 21.84 -4.53
N LEU G 148 32.83 21.09 -4.21
CA LEU G 148 32.57 19.80 -4.84
C LEU G 148 31.06 19.60 -4.96
N GLY G 149 30.67 18.75 -5.90
CA GLY G 149 29.26 18.57 -6.17
C GLY G 149 28.95 17.31 -6.96
N CYS G 150 27.71 17.25 -7.46
CA CYS G 150 27.22 16.15 -8.26
C CYS G 150 26.50 16.68 -9.49
N LEU G 151 26.75 16.05 -10.64
CA LEU G 151 26.08 16.40 -11.89
C LEU G 151 24.95 15.41 -12.17
N VAL G 152 23.75 15.94 -12.38
CA VAL G 152 22.55 15.14 -12.60
C VAL G 152 22.10 15.42 -14.03
N LYS G 153 22.40 14.50 -14.95
CA LYS G 153 22.29 14.75 -16.39
C LYS G 153 21.14 13.96 -17.01
N ASP G 154 20.36 14.63 -17.86
CA ASP G 154 19.49 14.01 -18.84
C ASP G 154 18.36 13.20 -18.18
N TYR G 155 17.44 13.94 -17.56
CA TYR G 155 16.28 13.32 -16.93
C TYR G 155 15.01 14.04 -17.36
N PHE G 156 13.88 13.36 -17.13
CA PHE G 156 12.56 13.93 -17.38
C PHE G 156 11.51 13.10 -16.65
N PRO G 157 10.52 13.75 -16.03
CA PRO G 157 10.40 15.21 -15.90
C PRO G 157 11.01 15.70 -14.60
N GLU G 158 10.83 16.98 -14.30
CA GLU G 158 11.09 17.48 -12.96
C GLU G 158 10.10 16.77 -12.04
N PRO G 159 10.44 16.63 -10.74
CA PRO G 159 11.64 17.14 -10.08
C PRO G 159 12.71 16.11 -9.76
N VAL G 160 13.86 16.64 -9.34
CA VAL G 160 14.93 15.86 -8.72
C VAL G 160 15.18 16.48 -7.36
N THR G 161 15.26 15.65 -6.33
CA THR G 161 15.67 16.08 -5.02
C THR G 161 17.09 15.58 -4.77
N VAL G 162 17.90 16.42 -4.11
CA VAL G 162 19.28 16.09 -3.80
C VAL G 162 19.55 16.42 -2.35
N SER G 163 20.08 15.44 -1.62
CA SER G 163 20.59 15.63 -0.28
C SER G 163 22.06 15.21 -0.24
N TRP G 164 22.71 15.51 0.86
CA TRP G 164 24.11 15.13 1.08
C TRP G 164 24.23 14.41 2.41
N ASN G 165 24.95 13.28 2.40
CA ASN G 165 25.10 12.41 3.56
C ASN G 165 23.80 12.18 4.29
N SER G 166 22.73 11.90 3.53
CA SER G 166 21.42 11.53 4.05
C SER G 166 20.81 12.62 4.94
N GLY G 167 21.11 13.88 4.65
CA GLY G 167 20.51 15.00 5.33
C GLY G 167 21.34 15.61 6.44
N ALA G 168 22.44 14.98 6.85
CA ALA G 168 23.25 15.49 7.94
C ALA G 168 24.04 16.74 7.57
N LEU G 169 24.20 17.04 6.28
CA LEU G 169 24.99 18.17 5.83
C LEU G 169 24.06 19.15 5.12
N THR G 170 24.00 20.38 5.62
CA THR G 170 23.08 21.37 5.07
C THR G 170 23.77 22.67 4.67
N SER G 171 24.86 23.03 5.35
CA SER G 171 25.55 24.28 5.08
C SER G 171 26.51 24.16 3.89
N GLY G 172 26.56 25.22 3.08
CA GLY G 172 27.37 25.25 1.89
C GLY G 172 26.73 24.70 0.63
N VAL G 173 25.53 24.14 0.73
CA VAL G 173 24.88 23.56 -0.43
C VAL G 173 24.16 24.63 -1.23
N HIS G 174 24.24 24.52 -2.56
CA HIS G 174 23.19 25.07 -3.40
C HIS G 174 22.98 24.15 -4.58
N THR G 175 21.77 23.62 -4.69
CA THR G 175 21.34 22.89 -5.86
C THR G 175 20.80 23.88 -6.87
N PHE G 176 21.45 23.97 -8.02
CA PHE G 176 21.09 24.99 -8.99
C PHE G 176 19.83 24.59 -9.75
N PRO G 177 19.03 25.57 -10.19
CA PRO G 177 17.89 25.24 -11.05
C PRO G 177 18.35 24.53 -12.31
N ALA G 178 17.51 23.61 -12.79
CA ALA G 178 17.88 22.77 -13.90
C ALA G 178 17.85 23.55 -15.21
N VAL G 179 18.72 23.16 -16.13
CA VAL G 179 18.65 23.62 -17.51
C VAL G 179 17.71 22.68 -18.27
N LEU G 180 16.82 23.25 -19.08
CA LEU G 180 16.00 22.47 -19.99
C LEU G 180 16.71 22.45 -21.33
N GLN G 181 17.32 21.32 -21.66
CA GLN G 181 18.05 21.19 -22.92
C GLN G 181 17.08 21.21 -24.10
N SER G 182 17.61 21.52 -25.28
CA SER G 182 16.79 21.51 -26.48
C SER G 182 16.31 20.11 -26.82
N SER G 183 17.04 19.08 -26.35
CA SER G 183 16.62 17.69 -26.49
C SER G 183 15.33 17.37 -25.73
N GLY G 184 14.87 18.26 -24.84
CA GLY G 184 13.72 18.00 -24.02
C GLY G 184 14.01 17.40 -22.66
N LEU G 185 15.27 17.10 -22.35
CA LEU G 185 15.68 16.56 -21.07
C LEU G 185 16.29 17.65 -20.19
N TYR G 186 16.17 17.47 -18.88
CA TYR G 186 16.72 18.40 -17.91
C TYR G 186 18.10 17.96 -17.43
N SER G 187 18.87 18.92 -16.94
CA SER G 187 20.10 18.66 -16.21
C SER G 187 20.25 19.71 -15.11
N LEU G 188 20.79 19.29 -13.96
CA LEU G 188 21.13 20.22 -12.89
C LEU G 188 22.43 19.79 -12.23
N SER G 189 22.91 20.63 -11.32
CA SER G 189 24.06 20.32 -10.49
C SER G 189 23.79 20.80 -9.07
N SER G 190 24.29 20.03 -8.10
CA SER G 190 24.20 20.40 -6.68
C SER G 190 25.62 20.42 -6.12
N VAL G 191 26.02 21.56 -5.58
CA VAL G 191 27.38 21.78 -5.10
C VAL G 191 27.37 22.12 -3.62
N VAL G 192 28.43 21.72 -2.94
CA VAL G 192 28.66 22.01 -1.53
C VAL G 192 30.02 22.65 -1.41
N THR G 193 30.10 23.72 -0.63
CA THR G 193 31.35 24.44 -0.39
C THR G 193 31.93 23.91 0.91
N VAL G 194 33.14 23.38 0.85
CA VAL G 194 33.73 22.74 2.03
C VAL G 194 35.17 23.19 2.21
N PRO G 195 35.61 23.48 3.44
CA PRO G 195 37.04 23.73 3.69
C PRO G 195 37.88 22.49 3.36
N SER G 196 39.14 22.73 3.01
CA SER G 196 40.02 21.65 2.61
C SER G 196 40.30 20.65 3.74
N SER G 197 39.75 20.90 4.93
CA SER G 197 39.92 20.00 6.05
C SER G 197 38.74 19.04 6.09
N SER G 198 38.89 17.95 6.86
CA SER G 198 37.94 16.83 6.87
C SER G 198 37.89 16.21 5.48
N LEU G 199 38.95 16.41 4.70
CA LEU G 199 39.05 15.90 3.34
C LEU G 199 39.43 14.43 3.26
N GLY G 200 40.49 14.04 3.99
CA GLY G 200 40.85 12.64 4.03
C GLY G 200 40.09 11.85 5.07
N THR G 201 39.54 12.53 6.07
CA THR G 201 38.73 11.90 7.09
C THR G 201 37.27 11.77 6.65
N GLN G 202 36.63 12.89 6.33
CA GLN G 202 35.21 12.90 6.04
C GLN G 202 34.99 12.63 4.56
N THR G 203 34.04 11.75 4.26
CA THR G 203 33.64 11.40 2.90
C THR G 203 32.30 12.05 2.58
N TYR G 204 32.15 12.51 1.34
CA TYR G 204 30.98 13.27 0.93
C TYR G 204 30.23 12.51 -0.15
N ILE G 205 28.95 12.25 0.11
CA ILE G 205 28.08 11.49 -0.78
C ILE G 205 26.82 12.31 -1.03
N CYS G 206 26.47 12.50 -2.29
CA CYS G 206 25.20 13.10 -2.65
C CYS G 206 24.17 12.01 -2.88
N ASN G 207 22.95 12.24 -2.39
CA ASN G 207 21.86 11.30 -2.56
C ASN G 207 20.89 11.92 -3.55
N VAL G 208 20.93 11.43 -4.77
CA VAL G 208 20.07 11.92 -5.84
C VAL G 208 18.83 11.04 -5.86
N ASN G 209 17.67 11.67 -5.99
CA ASN G 209 16.42 10.93 -6.05
C ASN G 209 15.55 11.55 -7.14
N HIS G 210 15.11 10.72 -8.09
CA HIS G 210 14.25 11.14 -9.18
C HIS G 210 13.03 10.23 -9.09
N LYS G 211 12.06 10.67 -8.29
CA LYS G 211 10.90 9.82 -8.00
C LYS G 211 10.06 9.45 -9.22
N PRO G 212 9.94 10.29 -10.27
CA PRO G 212 9.17 9.85 -11.45
C PRO G 212 9.73 8.61 -12.13
N SER G 213 11.02 8.33 -12.00
CA SER G 213 11.63 7.18 -12.64
C SER G 213 12.13 6.14 -11.64
N ASN G 214 11.78 6.30 -10.36
CA ASN G 214 12.23 5.39 -9.30
C ASN G 214 13.74 5.28 -9.24
N THR G 215 14.44 6.33 -9.69
CA THR G 215 15.90 6.35 -9.67
C THR G 215 16.37 6.95 -8.36
N LYS G 216 17.19 6.20 -7.62
CA LYS G 216 17.86 6.71 -6.44
C LYS G 216 19.32 6.31 -6.52
N VAL G 217 20.20 7.31 -6.57
CA VAL G 217 21.64 7.10 -6.73
C VAL G 217 22.33 7.81 -5.57
N ASP G 218 23.27 7.11 -4.93
CA ASP G 218 24.14 7.69 -3.93
C ASP G 218 25.54 7.62 -4.53
N LYS G 219 26.11 8.75 -4.90
CA LYS G 219 27.39 8.68 -5.57
C LYS G 219 28.42 9.43 -4.73
N LYS G 220 29.52 8.74 -4.44
CA LYS G 220 30.53 9.18 -3.49
C LYS G 220 31.48 10.15 -4.16
N VAL G 221 31.75 11.26 -3.49
CA VAL G 221 32.54 12.35 -4.07
C VAL G 221 33.84 12.46 -3.29
N GLU G 222 34.94 12.12 -3.94
CA GLU G 222 36.29 12.20 -3.40
C GLU G 222 37.14 12.98 -4.38
N PRO G 223 38.25 13.57 -3.92
CA PRO G 223 39.13 14.29 -4.84
C PRO G 223 39.92 13.33 -5.74
N LYS G 224 40.44 13.90 -6.82
CA LYS G 224 41.24 13.15 -7.78
C LYS G 224 42.58 12.74 -7.17
N GLN H 1 -20.51 39.37 -14.96
CA GLN H 1 -19.51 38.35 -14.69
C GLN H 1 -18.47 38.88 -13.70
N LEU H 2 -18.32 38.16 -12.59
CA LEU H 2 -17.42 38.56 -11.52
C LEU H 2 -15.98 38.45 -12.00
N VAL H 3 -15.28 39.59 -12.04
CA VAL H 3 -13.92 39.65 -12.56
C VAL H 3 -13.08 40.53 -11.64
N LEU H 4 -11.84 40.10 -11.39
CA LEU H 4 -10.86 40.89 -10.66
C LEU H 4 -9.74 41.32 -11.61
N THR H 5 -9.46 42.62 -11.63
CA THR H 5 -8.48 43.21 -12.54
C THR H 5 -7.27 43.68 -11.74
N GLN H 6 -6.10 43.11 -12.02
CA GLN H 6 -4.84 43.55 -11.44
C GLN H 6 -3.87 43.93 -12.56
N SER H 7 -3.13 45.02 -12.33
CA SER H 7 -2.02 45.34 -13.21
C SER H 7 -0.95 44.25 -13.11
N PRO H 8 -0.28 43.94 -14.21
CA PRO H 8 0.68 42.81 -14.18
C PRO H 8 1.91 43.05 -13.31
N SER H 9 2.31 44.30 -13.06
CA SER H 9 3.55 44.54 -12.35
C SER H 9 3.44 45.77 -11.47
N ALA H 10 4.34 45.83 -10.48
CA ALA H 10 4.48 46.96 -9.58
C ALA H 10 5.89 46.93 -9.00
N SER H 11 6.40 48.10 -8.65
CA SER H 11 7.76 48.17 -8.15
C SER H 11 7.93 49.40 -7.26
N ALA H 12 8.85 49.27 -6.30
CA ALA H 12 9.31 50.39 -5.48
C ALA H 12 10.64 49.99 -4.87
N SER H 13 11.29 50.96 -4.23
CA SER H 13 12.64 50.75 -3.71
C SER H 13 12.59 50.25 -2.28
N LEU H 14 13.67 49.56 -1.85
CA LEU H 14 13.75 49.13 -0.46
C LEU H 14 13.48 50.30 0.48
N GLY H 15 12.64 50.06 1.48
CA GLY H 15 12.28 51.09 2.44
C GLY H 15 11.16 52.00 2.01
N ALA H 16 10.77 51.99 0.74
CA ALA H 16 9.66 52.80 0.26
C ALA H 16 8.34 52.05 0.44
N SER H 17 7.25 52.68 0.00
CA SER H 17 5.92 52.07 0.06
C SER H 17 5.40 51.82 -1.35
N VAL H 18 4.55 50.81 -1.46
CA VAL H 18 3.87 50.49 -2.72
C VAL H 18 2.44 50.12 -2.38
N ARG H 19 1.53 50.48 -3.28
CA ARG H 19 0.13 50.10 -3.15
C ARG H 19 -0.29 49.29 -4.36
N LEU H 20 -0.80 48.09 -4.12
CA LEU H 20 -1.36 47.24 -5.16
C LEU H 20 -2.87 47.43 -5.19
N THR H 21 -3.43 47.46 -6.39
CA THR H 21 -4.85 47.74 -6.58
C THR H 21 -5.52 46.55 -7.26
N CYS H 22 -6.63 46.12 -6.66
CA CYS H 22 -7.51 45.10 -7.23
C CYS H 22 -8.88 45.75 -7.42
N THR H 23 -9.39 45.71 -8.66
CA THR H 23 -10.67 46.32 -8.98
C THR H 23 -11.71 45.24 -9.28
N LEU H 24 -12.82 45.28 -8.58
CA LEU H 24 -13.94 44.39 -8.88
C LEU H 24 -14.73 44.92 -10.07
N SER H 25 -15.20 44.01 -10.91
CA SER H 25 -16.03 44.38 -12.05
C SER H 25 -17.33 45.01 -11.57
N SER H 26 -17.93 45.84 -12.43
CA SER H 26 -19.12 46.60 -12.08
C SER H 26 -20.24 45.68 -11.59
N GLY H 27 -20.94 46.14 -10.55
CA GLY H 27 -21.99 45.35 -9.93
C GLY H 27 -21.56 44.50 -8.76
N HIS H 28 -20.26 44.47 -8.43
CA HIS H 28 -19.76 43.70 -7.31
C HIS H 28 -18.90 44.57 -6.39
N SER H 29 -19.22 45.85 -6.32
CA SER H 29 -18.39 46.81 -5.57
C SER H 29 -18.41 46.57 -4.07
N SER H 30 -19.32 45.73 -3.57
CA SER H 30 -19.40 45.45 -2.14
C SER H 30 -18.75 44.12 -1.77
N TYR H 31 -18.19 43.40 -2.74
CA TYR H 31 -17.70 42.05 -2.47
C TYR H 31 -16.46 42.07 -1.61
N VAL H 32 -16.27 41.00 -0.87
CA VAL H 32 -15.06 40.76 -0.09
C VAL H 32 -14.03 40.10 -0.98
N ILE H 33 -12.79 40.58 -0.91
CA ILE H 33 -11.68 39.91 -1.58
C ILE H 33 -10.66 39.50 -0.52
N ALA H 34 -9.78 38.60 -0.92
CA ALA H 34 -8.66 38.17 -0.11
C ALA H 34 -7.37 38.37 -0.91
N TRP H 35 -6.30 38.73 -0.20
CA TRP H 35 -4.98 38.87 -0.80
C TRP H 35 -4.15 37.65 -0.49
N HIS H 36 -3.48 37.12 -1.50
CA HIS H 36 -2.59 35.99 -1.32
C HIS H 36 -1.23 36.34 -1.93
N GLN H 37 -0.18 36.03 -1.18
CA GLN H 37 1.19 36.26 -1.61
C GLN H 37 1.79 34.95 -2.07
N GLN H 38 2.53 34.99 -3.18
CA GLN H 38 3.26 33.82 -3.65
C GLN H 38 4.67 34.23 -4.02
N GLN H 39 5.62 33.81 -3.19
CA GLN H 39 7.04 33.99 -3.49
C GLN H 39 7.50 32.97 -4.52
N SER H 40 8.64 33.26 -5.13
CA SER H 40 9.15 32.44 -6.22
C SER H 40 9.38 31.00 -5.78
N GLU H 41 8.79 30.05 -6.52
CA GLU H 41 8.91 28.60 -6.35
C GLU H 41 8.20 28.09 -5.10
N LYS H 42 7.37 28.90 -4.45
CA LYS H 42 6.61 28.51 -3.26
C LYS H 42 5.12 28.53 -3.59
N GLY H 43 4.35 27.78 -2.80
CA GLY H 43 2.91 27.88 -2.83
C GLY H 43 2.41 29.17 -2.21
N PRO H 44 1.13 29.50 -2.44
CA PRO H 44 0.59 30.77 -1.96
C PRO H 44 0.49 30.82 -0.44
N ARG H 45 0.48 32.05 0.06
CA ARG H 45 0.31 32.35 1.49
C ARG H 45 -0.82 33.36 1.63
N TYR H 46 -1.84 33.00 2.38
CA TYR H 46 -2.94 33.92 2.65
C TYR H 46 -2.45 35.12 3.46
N LEU H 47 -2.86 36.32 3.06
CA LEU H 47 -2.49 37.55 3.75
C LEU H 47 -3.61 38.13 4.59
N MET H 48 -4.72 38.49 3.97
CA MET H 48 -5.80 39.20 4.66
C MET H 48 -7.00 39.23 3.73
N LYS H 49 -8.13 39.68 4.29
CA LYS H 49 -9.33 39.96 3.53
C LYS H 49 -9.63 41.45 3.60
N VAL H 50 -10.29 41.96 2.56
CA VAL H 50 -10.65 43.37 2.48
C VAL H 50 -12.06 43.47 1.94
N ASN H 51 -12.98 44.02 2.74
CA ASN H 51 -14.33 44.31 2.31
C ASN H 51 -14.47 45.82 2.14
N SER H 52 -15.72 46.29 1.96
CA SER H 52 -15.96 47.71 1.77
C SER H 52 -15.57 48.52 3.01
N ASP H 53 -15.56 47.89 4.18
CA ASP H 53 -15.15 48.53 5.42
C ASP H 53 -13.63 48.55 5.60
N GLY H 54 -12.85 48.44 4.53
CA GLY H 54 -11.43 48.26 4.68
C GLY H 54 -11.18 46.96 5.41
N SER H 55 -10.95 47.07 6.72
CA SER H 55 -10.88 45.92 7.62
C SER H 55 -9.81 44.93 7.21
N HIS H 56 -9.71 43.82 7.92
CA HIS H 56 -8.70 42.82 7.64
C HIS H 56 -9.20 41.46 8.11
N SER H 57 -8.33 40.46 8.00
CA SER H 57 -8.37 39.25 8.79
C SER H 57 -6.99 38.62 8.66
N LYS H 58 -5.96 39.39 9.04
CA LYS H 58 -4.58 39.06 8.74
C LYS H 58 -4.24 37.63 9.09
N GLY H 59 -3.41 37.00 8.26
CA GLY H 59 -2.92 35.68 8.54
C GLY H 59 -1.87 35.71 9.63
N ASP H 60 -1.46 34.54 10.07
CA ASP H 60 -0.51 34.47 11.18
C ASP H 60 0.85 35.01 10.77
N GLY H 61 1.41 35.90 11.59
CA GLY H 61 2.73 36.46 11.35
C GLY H 61 2.83 37.52 10.27
N ILE H 62 1.71 38.00 9.76
CA ILE H 62 1.76 39.04 8.71
C ILE H 62 2.23 40.36 9.32
N PRO H 63 3.25 41.01 8.74
CA PRO H 63 3.82 42.21 9.35
C PRO H 63 2.84 43.38 9.42
N ASP H 64 3.15 44.31 10.34
CA ASP H 64 2.42 45.58 10.42
C ASP H 64 2.54 46.38 9.13
N ARG H 65 3.69 46.27 8.44
CA ARG H 65 3.90 46.94 7.18
C ARG H 65 2.83 46.65 6.14
N PHE H 66 2.12 45.53 6.29
CA PHE H 66 1.05 45.16 5.38
C PHE H 66 -0.27 45.70 5.92
N SER H 67 -1.05 46.34 5.04
CA SER H 67 -2.37 46.81 5.43
C SER H 67 -3.26 46.78 4.20
N GLY H 68 -4.56 46.76 4.46
CA GLY H 68 -5.53 46.73 3.40
C GLY H 68 -6.56 47.83 3.58
N SER H 69 -7.14 48.25 2.45
CA SER H 69 -8.11 49.33 2.45
C SER H 69 -8.96 49.18 1.20
N SER H 70 -9.99 50.03 1.11
CA SER H 70 -11.00 49.89 0.07
C SER H 70 -11.54 51.26 -0.32
N SER H 71 -11.99 51.36 -1.56
CA SER H 71 -12.63 52.58 -2.06
C SER H 71 -13.46 52.19 -3.27
N GLY H 72 -14.79 52.26 -3.14
CA GLY H 72 -15.65 51.87 -4.23
C GLY H 72 -15.40 50.43 -4.64
N ALA H 73 -15.19 50.21 -5.93
CA ALA H 73 -14.92 48.88 -6.45
C ALA H 73 -13.46 48.48 -6.31
N GLU H 74 -12.62 49.34 -5.75
CA GLU H 74 -11.18 49.09 -5.69
C GLU H 74 -10.79 48.57 -4.31
N ARG H 75 -9.89 47.59 -4.30
CA ARG H 75 -9.35 47.04 -3.07
C ARG H 75 -7.84 47.15 -3.12
N TYR H 76 -7.24 47.52 -2.00
CA TYR H 76 -5.82 47.83 -1.97
C TYR H 76 -5.07 46.97 -0.97
N LEU H 77 -3.82 46.65 -1.32
CA LEU H 77 -2.84 46.14 -0.40
C LEU H 77 -1.68 47.13 -0.41
N THR H 78 -1.39 47.72 0.73
CA THR H 78 -0.30 48.68 0.85
C THR H 78 0.81 48.07 1.69
N ILE H 79 2.03 48.10 1.16
CA ILE H 79 3.19 47.54 1.83
C ILE H 79 4.17 48.70 2.02
N SER H 80 4.39 49.08 3.27
CA SER H 80 5.36 50.12 3.61
C SER H 80 6.66 49.50 4.09
N SER H 81 7.73 50.29 4.05
CA SER H 81 9.05 49.88 4.51
C SER H 81 9.46 48.58 3.84
N LEU H 82 9.48 48.61 2.50
CA LEU H 82 9.64 47.40 1.71
C LEU H 82 10.94 46.68 2.04
N GLN H 83 10.86 45.34 2.09
CA GLN H 83 12.01 44.49 2.31
C GLN H 83 12.22 43.63 1.07
N SER H 84 13.43 43.11 0.94
CA SER H 84 13.74 42.23 -0.17
C SER H 84 12.77 41.04 -0.24
N GLU H 85 12.37 40.52 0.92
CA GLU H 85 11.46 39.37 0.99
C GLU H 85 10.03 39.70 0.56
N ASP H 86 9.69 40.97 0.42
CA ASP H 86 8.35 41.31 -0.07
C ASP H 86 8.20 41.13 -1.58
N GLU H 87 9.29 40.96 -2.31
CA GLU H 87 9.24 40.66 -3.73
C GLU H 87 8.53 39.34 -3.98
N ALA H 88 7.39 39.40 -4.67
CA ALA H 88 6.55 38.22 -4.87
C ALA H 88 5.47 38.55 -5.88
N ASP H 89 4.67 37.54 -6.21
CA ASP H 89 3.43 37.71 -6.94
C ASP H 89 2.29 37.85 -5.93
N TYR H 90 1.41 38.82 -6.17
CA TYR H 90 0.27 39.07 -5.28
C TYR H 90 -1.03 38.85 -6.05
N TYR H 91 -1.85 37.93 -5.57
CA TYR H 91 -3.13 37.64 -6.19
C TYR H 91 -4.23 38.09 -5.25
N CYS H 92 -5.16 38.87 -5.79
CA CYS H 92 -6.41 39.07 -5.07
C CYS H 92 -7.38 38.00 -5.56
N GLN H 93 -8.29 37.63 -4.68
CA GLN H 93 -9.20 36.54 -4.96
C GLN H 93 -10.51 36.83 -4.27
N THR H 94 -11.61 36.47 -4.93
CA THR H 94 -12.95 36.64 -4.39
C THR H 94 -13.76 35.41 -4.77
N TRP H 95 -15.05 35.46 -4.50
CA TRP H 95 -15.93 34.35 -4.83
C TRP H 95 -17.31 34.89 -5.12
N GLY H 96 -18.05 34.14 -5.93
CA GLY H 96 -19.44 34.45 -6.23
C GLY H 96 -20.31 33.26 -5.90
N ALA H 97 -21.40 33.09 -6.66
CA ALA H 97 -22.42 32.09 -6.37
C ALA H 97 -21.83 30.70 -6.13
N GLY H 98 -21.34 30.05 -7.18
CA GLY H 98 -20.70 28.76 -7.02
C GLY H 98 -19.32 28.74 -7.65
N ILE H 99 -18.56 29.83 -7.47
CA ILE H 99 -17.29 30.02 -8.16
C ILE H 99 -16.31 30.74 -7.24
N LEU H 100 -15.02 30.51 -7.50
CA LEU H 100 -13.96 31.39 -7.05
C LEU H 100 -13.44 32.15 -8.26
N VAL H 101 -12.92 33.35 -8.02
CA VAL H 101 -12.36 34.17 -9.08
C VAL H 101 -11.02 34.71 -8.60
N PHE H 102 -10.00 34.58 -9.43
CA PHE H 102 -8.68 35.11 -9.15
C PHE H 102 -8.39 36.25 -10.12
N GLY H 103 -7.74 37.28 -9.63
CA GLY H 103 -7.10 38.23 -10.50
C GLY H 103 -5.91 37.62 -11.22
N GLY H 104 -5.41 38.34 -12.21
CA GLY H 104 -4.26 37.86 -12.94
C GLY H 104 -2.97 37.88 -12.15
N GLY H 105 -2.96 38.53 -10.99
CA GLY H 105 -1.75 38.65 -10.20
C GLY H 105 -0.92 39.85 -10.58
N THR H 106 -0.25 40.43 -9.57
CA THR H 106 0.69 41.52 -9.77
C THR H 106 2.05 41.07 -9.25
N LYS H 107 3.06 41.16 -10.11
CA LYS H 107 4.43 40.87 -9.70
C LYS H 107 5.06 42.13 -9.13
N LEU H 108 5.43 42.08 -7.86
CA LEU H 108 6.09 43.21 -7.21
C LEU H 108 7.60 42.97 -7.22
N THR H 109 8.34 43.91 -7.80
CA THR H 109 9.80 43.88 -7.79
C THR H 109 10.30 44.93 -6.82
N VAL H 110 11.20 44.54 -5.94
CA VAL H 110 11.72 45.41 -4.90
C VAL H 110 13.10 45.86 -5.35
N LEU H 111 13.22 47.14 -5.68
CA LEU H 111 14.42 47.71 -6.28
C LEU H 111 15.40 48.19 -5.19
N SER H 112 16.62 48.51 -5.65
CA SER H 112 17.69 49.21 -4.93
C SER H 112 18.62 48.33 -4.10
N GLN H 113 18.63 47.03 -4.34
CA GLN H 113 19.59 46.21 -3.63
C GLN H 113 20.97 46.34 -4.29
N PRO H 114 22.05 46.08 -3.55
CA PRO H 114 23.39 46.40 -4.09
C PRO H 114 23.73 45.57 -5.33
N LYS H 115 24.38 46.24 -6.28
CA LYS H 115 24.94 45.54 -7.42
C LYS H 115 25.96 44.51 -6.96
N ALA H 116 25.95 43.35 -7.60
CA ALA H 116 26.81 42.25 -7.21
C ALA H 116 27.37 41.55 -8.43
N ALA H 117 28.68 41.40 -8.47
CA ALA H 117 29.36 40.71 -9.54
C ALA H 117 29.16 39.20 -9.39
N PRO H 118 29.07 38.47 -10.51
CA PRO H 118 28.88 37.02 -10.43
C PRO H 118 30.09 36.31 -9.85
N SER H 119 29.82 35.31 -9.01
CA SER H 119 30.82 34.31 -8.64
C SER H 119 30.68 33.13 -9.58
N VAL H 120 31.81 32.61 -10.06
CA VAL H 120 31.81 31.64 -11.16
C VAL H 120 32.62 30.42 -10.74
N THR H 121 32.06 29.24 -10.95
CA THR H 121 32.73 27.97 -10.72
C THR H 121 32.63 27.12 -11.98
N LEU H 122 33.74 26.57 -12.44
CA LEU H 122 33.79 25.80 -13.67
C LEU H 122 34.39 24.43 -13.38
N PHE H 123 33.65 23.35 -13.73
CA PHE H 123 34.12 21.99 -13.48
C PHE H 123 34.50 21.29 -14.78
N PRO H 124 35.51 20.44 -14.76
CA PRO H 124 35.82 19.64 -15.95
C PRO H 124 34.92 18.41 -16.02
N PRO H 125 34.94 17.67 -17.13
CA PRO H 125 34.16 16.43 -17.21
C PRO H 125 34.53 15.45 -16.10
N SER H 126 33.52 14.76 -15.57
CA SER H 126 33.76 13.73 -14.58
C SER H 126 34.43 12.53 -15.24
N SER H 127 35.22 11.79 -14.45
CA SER H 127 35.92 10.63 -14.98
C SER H 127 34.96 9.58 -15.51
N GLU H 128 33.87 9.31 -14.78
CA GLU H 128 32.86 8.37 -15.27
C GLU H 128 32.30 8.79 -16.63
N GLU H 129 32.18 10.09 -16.88
CA GLU H 129 31.46 10.51 -18.07
C GLU H 129 32.34 10.48 -19.32
N LEU H 130 33.65 10.70 -19.20
CA LEU H 130 34.49 10.60 -20.39
C LEU H 130 34.61 9.17 -20.90
N GLN H 131 34.61 8.18 -20.00
CA GLN H 131 34.62 6.80 -20.47
C GLN H 131 33.28 6.37 -21.05
N ALA H 132 32.24 7.17 -20.88
CA ALA H 132 30.97 6.99 -21.58
C ALA H 132 30.95 7.71 -22.92
N ASN H 133 32.10 8.18 -23.40
CA ASN H 133 32.25 8.83 -24.70
C ASN H 133 31.34 10.04 -24.86
N LYS H 134 31.33 10.90 -23.83
CA LYS H 134 30.72 12.21 -23.93
C LYS H 134 31.32 13.06 -22.82
N ALA H 135 31.32 14.38 -23.03
CA ALA H 135 31.97 15.30 -22.11
C ALA H 135 31.18 16.59 -22.04
N THR H 136 30.82 17.01 -20.83
CA THR H 136 30.06 18.23 -20.62
C THR H 136 30.80 19.11 -19.63
N LEU H 137 30.92 20.39 -19.97
CA LEU H 137 31.48 21.40 -19.09
C LEU H 137 30.35 22.13 -18.39
N VAL H 138 30.51 22.34 -17.08
CA VAL H 138 29.46 22.91 -16.25
C VAL H 138 30.01 24.16 -15.57
N CYS H 139 29.42 25.30 -15.90
CA CYS H 139 29.82 26.61 -15.39
C CYS H 139 28.70 27.15 -14.53
N LEU H 140 28.96 27.31 -13.24
CA LEU H 140 27.95 27.72 -12.27
C LEU H 140 28.17 29.17 -11.90
N ILE H 141 27.11 29.96 -12.02
CA ILE H 141 27.19 31.41 -11.89
C ILE H 141 26.17 31.81 -10.83
N SER H 142 26.64 32.40 -9.74
CA SER H 142 25.76 32.70 -8.61
C SER H 142 26.13 34.02 -7.96
N ASP H 143 25.20 34.51 -7.15
CA ASP H 143 25.40 35.67 -6.29
C ASP H 143 25.68 36.96 -7.08
N PHE H 144 24.91 37.19 -8.14
CA PHE H 144 24.98 38.41 -8.92
C PHE H 144 23.65 39.15 -8.92
N TYR H 145 23.73 40.47 -9.07
CA TYR H 145 22.57 41.35 -9.23
C TYR H 145 22.96 42.57 -10.04
N PRO H 146 22.11 43.02 -10.98
CA PRO H 146 20.79 42.49 -11.39
C PRO H 146 20.86 41.15 -12.11
N GLY H 147 19.70 40.56 -12.39
CA GLY H 147 19.64 39.20 -12.91
C GLY H 147 19.76 39.10 -14.41
N ALA H 148 20.89 39.56 -14.95
CA ALA H 148 21.13 39.49 -16.39
C ALA H 148 22.61 39.24 -16.60
N VAL H 149 22.93 38.16 -17.29
CA VAL H 149 24.30 37.76 -17.56
C VAL H 149 24.36 37.17 -18.96
N THR H 150 25.53 37.30 -19.59
CA THR H 150 25.85 36.60 -20.82
C THR H 150 27.13 35.81 -20.60
N VAL H 151 27.14 34.59 -21.12
CA VAL H 151 28.22 33.62 -20.90
C VAL H 151 28.97 33.42 -22.21
N ALA H 152 30.28 33.22 -22.11
CA ALA H 152 31.11 32.98 -23.27
C ALA H 152 32.04 31.83 -22.96
N TRP H 153 32.02 30.82 -23.83
CA TRP H 153 32.91 29.67 -23.73
C TRP H 153 33.97 29.80 -24.79
N LYS H 154 35.23 29.85 -24.37
CA LYS H 154 36.35 29.84 -25.29
C LYS H 154 37.13 28.54 -25.10
N ALA H 155 37.30 27.80 -26.19
CA ALA H 155 38.25 26.69 -26.22
C ALA H 155 39.64 27.27 -26.04
N ASP H 156 40.39 27.34 -27.13
CA ASP H 156 41.71 27.95 -27.14
C ASP H 156 41.53 29.44 -26.91
N SER H 157 41.53 30.22 -27.99
CA SER H 157 41.18 31.63 -27.90
C SER H 157 39.87 31.92 -28.61
N SER H 158 39.60 31.26 -29.73
CA SER H 158 38.35 31.44 -30.43
C SER H 158 37.20 30.81 -29.64
N PRO H 159 36.13 31.54 -29.36
CA PRO H 159 35.04 30.99 -28.56
C PRO H 159 34.22 29.96 -29.33
N VAL H 160 33.40 29.22 -28.59
CA VAL H 160 32.63 28.11 -29.13
C VAL H 160 31.14 28.42 -29.00
N LYS H 161 30.34 27.87 -29.91
CA LYS H 161 28.92 28.21 -30.01
C LYS H 161 28.00 27.01 -29.87
N ALA H 162 28.09 26.04 -30.78
CA ALA H 162 27.10 24.96 -30.79
C ALA H 162 27.20 24.12 -29.52
N GLY H 163 26.06 23.54 -29.14
CA GLY H 163 26.01 22.71 -27.96
C GLY H 163 26.04 23.44 -26.65
N VAL H 164 25.65 24.71 -26.63
CA VAL H 164 25.62 25.51 -25.40
C VAL H 164 24.17 25.69 -24.99
N GLU H 165 23.89 25.37 -23.72
CA GLU H 165 22.59 25.63 -23.12
C GLU H 165 22.82 26.29 -21.78
N THR H 166 22.12 27.40 -21.55
CA THR H 166 22.33 28.23 -20.37
C THR H 166 20.98 28.53 -19.76
N THR H 167 20.89 28.40 -18.44
CA THR H 167 19.63 28.65 -17.76
C THR H 167 19.32 30.14 -17.76
N THR H 168 18.08 30.45 -17.52
CA THR H 168 17.70 31.82 -17.20
C THR H 168 18.01 32.12 -15.73
N PRO H 169 18.55 33.30 -15.43
CA PRO H 169 18.84 33.64 -14.04
C PRO H 169 17.60 33.60 -13.17
N SER H 170 17.74 33.06 -11.97
CA SER H 170 16.66 32.97 -11.00
C SER H 170 17.19 33.27 -9.60
N LYS H 171 16.26 33.63 -8.71
CA LYS H 171 16.59 34.09 -7.36
C LYS H 171 16.96 32.90 -6.48
N GLN H 172 18.03 33.05 -5.69
CA GLN H 172 18.34 32.07 -4.66
C GLN H 172 17.61 32.43 -3.38
N SER H 173 17.87 31.66 -2.33
CA SER H 173 17.29 31.92 -1.01
C SER H 173 17.77 33.26 -0.45
N ASN H 174 19.04 33.58 -0.69
CA ASN H 174 19.60 34.88 -0.32
C ASN H 174 19.06 36.04 -1.17
N ASN H 175 18.09 35.78 -2.07
CA ASN H 175 17.51 36.83 -2.92
C ASN H 175 18.56 37.46 -3.82
N LYS H 176 19.55 36.66 -4.17
CA LYS H 176 20.57 36.98 -5.15
C LYS H 176 20.35 36.03 -6.32
N TYR H 177 21.00 36.28 -7.46
CA TYR H 177 20.69 35.53 -8.67
C TYR H 177 21.69 34.40 -8.92
N ALA H 178 21.19 33.33 -9.55
CA ALA H 178 22.01 32.19 -9.94
C ALA H 178 21.67 31.76 -11.35
N ALA H 179 22.64 31.15 -12.03
CA ALA H 179 22.45 30.61 -13.36
C ALA H 179 23.56 29.61 -13.63
N SER H 180 23.40 28.84 -14.71
CA SER H 180 24.40 27.85 -15.08
C SER H 180 24.36 27.66 -16.59
N SER H 181 25.51 27.31 -17.16
CA SER H 181 25.66 27.14 -18.59
C SER H 181 26.42 25.85 -18.87
N TYR H 182 25.91 25.07 -19.82
CA TYR H 182 26.47 23.77 -20.16
C TYR H 182 26.90 23.75 -21.62
N LEU H 183 28.16 23.42 -21.86
CA LEU H 183 28.70 23.24 -23.21
C LEU H 183 29.06 21.76 -23.35
N SER H 184 28.38 21.07 -24.27
CA SER H 184 28.61 19.66 -24.50
C SER H 184 29.62 19.43 -25.61
N LEU H 185 30.57 18.53 -25.38
CA LEU H 185 31.57 18.16 -26.35
C LEU H 185 31.75 16.65 -26.38
N THR H 186 32.26 16.15 -27.49
CA THR H 186 32.82 14.81 -27.48
C THR H 186 34.14 14.83 -26.72
N PRO H 187 34.54 13.73 -26.09
CA PRO H 187 35.84 13.69 -25.41
C PRO H 187 37.02 14.07 -26.29
N GLU H 188 36.85 14.14 -27.61
CA GLU H 188 37.99 14.41 -28.48
C GLU H 188 38.33 15.90 -28.51
N GLN H 189 37.33 16.79 -28.51
CA GLN H 189 37.63 18.21 -28.39
C GLN H 189 38.21 18.54 -27.03
N TRP H 190 37.68 17.90 -25.98
CA TRP H 190 38.18 18.14 -24.64
C TRP H 190 39.67 17.87 -24.54
N LYS H 191 40.14 16.81 -25.19
CA LYS H 191 41.55 16.43 -25.15
C LYS H 191 42.39 17.16 -26.19
N SER H 192 41.77 17.71 -27.22
CA SER H 192 42.54 18.39 -28.27
C SER H 192 42.99 19.78 -27.83
N HIS H 193 42.06 20.62 -27.40
CA HIS H 193 42.40 21.99 -27.04
C HIS H 193 43.04 22.04 -25.65
N ARG H 194 43.85 23.07 -25.42
CA ARG H 194 44.69 23.09 -24.24
C ARG H 194 43.87 23.22 -22.96
N SER H 195 42.74 23.91 -23.02
CA SER H 195 41.89 24.19 -21.87
C SER H 195 40.66 24.93 -22.37
N TYR H 196 39.66 25.05 -21.51
CA TYR H 196 38.44 25.77 -21.81
C TYR H 196 38.20 26.83 -20.75
N SER H 197 37.45 27.86 -21.11
CA SER H 197 37.18 28.96 -20.20
C SER H 197 35.73 29.39 -20.31
N CYS H 198 35.21 29.94 -19.21
CA CYS H 198 33.83 30.40 -19.10
C CYS H 198 33.89 31.91 -18.81
N GLN H 199 33.43 32.72 -19.77
CA GLN H 199 33.47 34.17 -19.64
C GLN H 199 32.07 34.70 -19.42
N VAL H 200 31.79 35.21 -18.22
CA VAL H 200 30.50 35.80 -17.89
C VAL H 200 30.67 37.30 -17.82
N THR H 201 29.73 38.04 -18.42
CA THR H 201 29.78 39.48 -18.46
C THR H 201 28.52 40.04 -17.79
N HIS H 202 28.73 40.96 -16.84
CA HIS H 202 27.67 41.48 -15.99
C HIS H 202 27.94 42.96 -15.76
N GLU H 203 27.07 43.81 -16.31
CA GLU H 203 27.27 45.26 -16.30
C GLU H 203 28.68 45.62 -16.77
N GLY H 204 29.06 45.05 -17.92
CA GLY H 204 30.32 45.37 -18.57
C GLY H 204 31.56 44.69 -18.04
N SER H 205 31.49 44.01 -16.89
CA SER H 205 32.65 43.36 -16.30
C SER H 205 32.63 41.86 -16.55
N THR H 206 33.80 41.28 -16.81
CA THR H 206 33.92 39.88 -17.19
C THR H 206 34.68 39.11 -16.11
N VAL H 207 34.12 37.97 -15.70
CA VAL H 207 34.77 37.04 -14.78
C VAL H 207 35.08 35.74 -15.51
N GLU H 208 36.29 35.20 -15.30
CA GLU H 208 36.74 33.98 -15.96
C GLU H 208 37.26 32.96 -14.95
N LYS H 209 36.83 31.72 -15.12
CA LYS H 209 37.44 30.54 -14.53
C LYS H 209 37.78 29.54 -15.63
N THR H 210 38.76 28.68 -15.30
CA THR H 210 39.43 27.85 -16.28
C THR H 210 39.71 26.50 -15.64
N VAL H 211 39.65 25.44 -16.45
CA VAL H 211 39.94 24.11 -15.96
C VAL H 211 40.69 23.33 -17.04
N ALA H 212 41.45 22.33 -16.61
CA ALA H 212 42.33 21.56 -17.49
C ALA H 212 42.37 20.13 -17.00
N PRO H 213 42.77 19.18 -17.87
CA PRO H 213 42.93 17.79 -17.44
C PRO H 213 44.14 17.58 -16.54
N PRO I 1 -24.85 41.81 -8.38
CA PRO I 1 -25.56 40.86 -7.52
C PRO I 1 -25.16 41.02 -6.05
N LEU I 2 -25.45 40.00 -5.24
CA LEU I 2 -25.07 39.98 -3.84
C LEU I 2 -24.12 38.83 -3.58
N GLN I 3 -23.07 39.10 -2.81
CA GLN I 3 -22.07 38.06 -2.58
C GLN I 3 -22.59 37.10 -1.51
N PRO I 4 -22.51 35.79 -1.74
CA PRO I 4 -22.94 34.84 -0.72
C PRO I 4 -21.93 34.72 0.42
N GLU I 5 -22.41 34.17 1.53
CA GLU I 5 -21.55 33.90 2.66
C GLU I 5 -20.49 32.87 2.32
N GLN I 6 -20.80 31.95 1.41
CA GLN I 6 -19.98 30.80 1.16
C GLN I 6 -20.21 30.47 -0.31
N PRO I 7 -19.16 30.27 -1.11
CA PRO I 7 -19.37 29.91 -2.52
C PRO I 7 -19.82 28.48 -2.73
N PHE I 8 -19.60 27.58 -1.78
CA PHE I 8 -19.88 26.15 -1.96
C PHE I 8 -20.69 25.61 -0.79
N PRO I 9 -21.96 26.01 -0.66
CA PRO I 9 -22.78 25.50 0.45
C PRO I 9 -23.20 24.05 0.27
N GLU J 1 17.75 15.89 13.95
CA GLU J 1 18.91 15.02 14.08
C GLU J 1 18.54 13.60 13.66
N VAL J 2 19.11 12.60 14.35
CA VAL J 2 18.75 11.21 14.13
C VAL J 2 17.32 10.98 14.60
N GLN J 3 16.58 10.13 13.89
CA GLN J 3 15.34 9.59 14.43
C GLN J 3 15.08 8.21 13.87
N LEU J 4 14.51 7.37 14.75
CA LEU J 4 14.20 5.97 14.49
C LEU J 4 12.74 5.78 14.81
N LEU J 5 11.97 5.24 13.87
CA LEU J 5 10.53 5.12 14.02
C LEU J 5 10.10 3.69 13.72
N GLU J 6 9.58 3.02 14.73
CA GLU J 6 9.10 1.66 14.59
C GLU J 6 7.67 1.66 14.03
N SER J 7 7.33 0.55 13.38
CA SER J 7 5.96 0.29 12.96
C SER J 7 5.79 -1.21 12.81
N GLY J 8 4.53 -1.64 12.81
CA GLY J 8 4.20 -3.03 12.55
C GLY J 8 3.75 -3.80 13.77
N GLY J 9 3.77 -3.18 14.95
CA GLY J 9 3.31 -3.87 16.13
C GLY J 9 1.83 -4.17 16.07
N GLY J 10 1.43 -5.12 16.90
CA GLY J 10 0.03 -5.52 16.93
C GLY J 10 -0.14 -6.81 17.68
N LEU J 11 -1.32 -7.39 17.52
CA LEU J 11 -1.71 -8.60 18.23
C LEU J 11 -1.55 -9.81 17.32
N VAL J 12 -1.00 -10.89 17.88
CA VAL J 12 -0.74 -12.11 17.14
C VAL J 12 -1.05 -13.30 18.06
N GLN J 13 -1.58 -14.36 17.48
CA GLN J 13 -1.86 -15.57 18.23
C GLN J 13 -0.55 -16.28 18.61
N PRO J 14 -0.54 -17.06 19.69
CA PRO J 14 0.64 -17.85 20.02
C PRO J 14 1.03 -18.76 18.86
N GLY J 15 2.33 -18.81 18.58
CA GLY J 15 2.83 -19.57 17.45
C GLY J 15 2.78 -18.83 16.14
N GLY J 16 2.24 -17.62 16.13
CA GLY J 16 2.09 -16.85 14.91
C GLY J 16 3.34 -16.07 14.58
N SER J 17 3.21 -15.22 13.57
CA SER J 17 4.33 -14.51 12.99
C SER J 17 3.98 -13.03 12.84
N LEU J 18 5.02 -12.19 12.88
CA LEU J 18 4.86 -10.75 12.76
C LEU J 18 6.21 -10.15 12.41
N ARG J 19 6.20 -9.14 11.54
CA ARG J 19 7.41 -8.45 11.14
C ARG J 19 7.34 -6.99 11.60
N LEU J 20 8.38 -6.53 12.26
CA LEU J 20 8.51 -5.14 12.68
C LEU J 20 9.46 -4.40 11.74
N SER J 21 9.20 -3.11 11.57
CA SER J 21 10.05 -2.24 10.78
C SER J 21 10.52 -1.05 11.62
N CYS J 22 11.65 -0.47 11.20
CA CYS J 22 12.22 0.71 11.86
C CYS J 22 12.75 1.60 10.77
N ALA J 23 12.10 2.75 10.56
CA ALA J 23 12.54 3.71 9.56
C ALA J 23 13.57 4.64 10.17
N ALA J 24 14.74 4.75 9.53
CA ALA J 24 15.84 5.54 10.05
C ALA J 24 16.14 6.72 9.14
N SER J 25 16.49 7.85 9.74
CA SER J 25 16.82 9.06 9.00
C SER J 25 17.73 9.94 9.85
N GLY J 26 18.46 10.83 9.19
CA GLY J 26 19.31 11.79 9.86
C GLY J 26 20.77 11.38 9.95
N PHE J 27 21.13 10.23 9.40
CA PHE J 27 22.50 9.73 9.45
C PHE J 27 22.70 8.77 8.28
N THR J 28 23.95 8.44 8.01
CA THR J 28 24.26 7.45 6.98
C THR J 28 23.96 6.07 7.52
N PHE J 29 22.88 5.46 7.03
CA PHE J 29 22.35 4.24 7.64
C PHE J 29 23.36 3.10 7.60
N SER J 30 24.02 2.91 6.46
CA SER J 30 24.89 1.76 6.27
C SER J 30 26.15 1.83 7.12
N THR J 31 26.40 2.95 7.78
CA THR J 31 27.60 3.13 8.61
C THR J 31 27.43 2.58 10.03
N TYR J 32 26.21 2.28 10.46
CA TYR J 32 25.98 1.88 11.83
C TYR J 32 25.28 0.53 11.92
N ALA J 33 25.74 -0.29 12.87
CA ALA J 33 24.98 -1.46 13.26
C ALA J 33 23.69 -1.04 13.94
N MET J 34 22.65 -1.85 13.77
CA MET J 34 21.32 -1.53 14.29
C MET J 34 20.84 -2.67 15.19
N SER J 35 20.14 -2.29 16.27
CA SER J 35 19.75 -3.24 17.30
C SER J 35 18.25 -3.19 17.54
N TRP J 36 17.71 -4.30 18.03
CA TRP J 36 16.37 -4.37 18.59
C TRP J 36 16.46 -4.65 20.09
N VAL J 37 15.69 -3.90 20.88
CA VAL J 37 15.62 -4.08 22.32
C VAL J 37 14.14 -4.09 22.70
N ARG J 38 13.77 -4.94 23.64
CA ARG J 38 12.37 -5.06 24.03
C ARG J 38 12.22 -4.95 25.54
N GLN J 39 10.98 -4.74 25.97
CA GLN J 39 10.68 -4.56 27.39
C GLN J 39 9.31 -5.13 27.70
N ALA J 40 9.30 -6.27 28.39
CA ALA J 40 8.04 -6.86 28.85
C ALA J 40 7.39 -5.94 29.88
N PRO J 41 6.06 -6.03 30.04
CA PRO J 41 5.36 -5.13 30.96
C PRO J 41 5.94 -5.20 32.37
N GLY J 42 6.31 -4.03 32.89
CA GLY J 42 6.85 -3.94 34.24
C GLY J 42 8.22 -4.54 34.44
N LYS J 43 8.94 -4.85 33.35
CA LYS J 43 10.25 -5.46 33.45
C LYS J 43 11.31 -4.57 32.81
N GLY J 44 12.56 -5.06 32.81
CA GLY J 44 13.67 -4.27 32.34
C GLY J 44 13.90 -4.38 30.84
N LEU J 45 14.81 -3.54 30.35
CA LEU J 45 15.22 -3.61 28.95
C LEU J 45 15.99 -4.90 28.70
N GLU J 46 15.65 -5.57 27.60
CA GLU J 46 16.26 -6.85 27.22
C GLU J 46 16.72 -6.76 25.78
N TRP J 47 18.01 -7.01 25.54
CA TRP J 47 18.53 -7.03 24.19
C TRP J 47 17.94 -8.17 23.38
N VAL J 48 17.63 -7.89 22.12
CA VAL J 48 16.97 -8.85 21.23
C VAL J 48 17.90 -9.26 20.07
N SER J 49 18.38 -8.29 19.30
CA SER J 49 19.15 -8.63 18.12
C SER J 49 20.05 -7.47 17.72
N GLY J 50 21.06 -7.79 16.92
CA GLY J 50 21.90 -6.78 16.32
C GLY J 50 22.26 -7.19 14.91
N ILE J 51 22.55 -6.20 14.07
CA ILE J 51 22.91 -6.44 12.69
C ILE J 51 23.94 -5.40 12.25
N SER J 52 24.98 -5.86 11.55
CA SER J 52 26.07 -4.99 11.14
C SER J 52 25.59 -3.95 10.13
N GLY J 53 26.41 -2.92 9.93
CA GLY J 53 26.05 -1.88 8.98
C GLY J 53 25.78 -2.42 7.58
N SER J 54 26.65 -3.32 7.10
CA SER J 54 26.47 -3.89 5.78
C SER J 54 25.33 -4.90 5.71
N GLY J 55 24.80 -5.34 6.85
CA GLY J 55 23.89 -6.45 6.87
C GLY J 55 24.55 -7.81 6.77
N GLY J 56 25.89 -7.86 6.75
CA GLY J 56 26.61 -9.11 6.58
C GLY J 56 26.65 -10.00 7.80
N SER J 57 26.26 -9.50 8.97
CA SER J 57 26.38 -10.28 10.20
C SER J 57 25.19 -10.00 11.10
N THR J 58 24.57 -11.06 11.61
CA THR J 58 23.43 -10.95 12.50
C THR J 58 23.74 -11.63 13.83
N TYR J 59 23.14 -11.09 14.89
CA TYR J 59 23.41 -11.52 16.26
C TYR J 59 22.09 -11.53 17.02
N TYR J 60 21.91 -12.56 17.85
CA TYR J 60 20.63 -12.77 18.52
C TYR J 60 20.86 -13.16 19.97
N ALA J 61 19.98 -12.66 20.84
CA ALA J 61 19.95 -13.15 22.21
C ALA J 61 19.41 -14.58 22.22
N ASP J 62 19.92 -15.37 23.17
CA ASP J 62 19.55 -16.78 23.22
C ASP J 62 18.03 -16.95 23.33
N SER J 63 17.36 -16.00 23.98
CA SER J 63 15.92 -16.10 24.19
C SER J 63 15.13 -16.03 22.89
N VAL J 64 15.71 -15.53 21.80
CA VAL J 64 14.99 -15.42 20.53
C VAL J 64 15.69 -16.15 19.39
N LYS J 65 16.88 -16.71 19.62
CA LYS J 65 17.60 -17.37 18.54
C LYS J 65 16.80 -18.56 18.00
N GLY J 66 16.82 -18.71 16.68
CA GLY J 66 16.04 -19.76 16.03
C GLY J 66 14.59 -19.44 15.84
N ARG J 67 14.10 -18.32 16.39
CA ARG J 67 12.73 -17.89 16.17
C ARG J 67 12.63 -16.50 15.56
N PHE J 68 13.53 -15.60 15.90
CA PHE J 68 13.55 -14.24 15.35
C PHE J 68 14.66 -14.10 14.33
N THR J 69 14.40 -13.25 13.34
CA THR J 69 15.34 -12.92 12.28
C THR J 69 15.39 -11.40 12.15
N THR J 70 16.58 -10.87 11.90
CA THR J 70 16.74 -9.45 11.63
C THR J 70 17.40 -9.23 10.28
N SER J 71 16.95 -8.20 9.57
CA SER J 71 17.52 -7.82 8.29
C SER J 71 17.47 -6.30 8.16
N ARG J 72 18.05 -5.79 7.08
CA ARG J 72 18.06 -4.36 6.83
C ARG J 72 18.12 -4.11 5.33
N ASP J 73 17.56 -2.96 4.92
CA ASP J 73 17.60 -2.51 3.54
C ASP J 73 18.30 -1.16 3.54
N ASN J 74 19.49 -1.10 2.95
CA ASN J 74 20.33 0.09 3.03
C ASN J 74 20.03 1.10 1.93
N SER J 75 18.97 0.89 1.15
CA SER J 75 18.42 1.92 0.30
C SER J 75 17.17 2.56 0.89
N LYS J 76 16.32 1.77 1.54
CA LYS J 76 15.15 2.29 2.23
C LYS J 76 15.48 2.81 3.62
N ASN J 77 16.72 2.63 4.08
CA ASN J 77 17.15 3.03 5.42
C ASN J 77 16.22 2.45 6.47
N THR J 78 15.94 1.16 6.35
CA THR J 78 14.97 0.48 7.21
C THR J 78 15.58 -0.77 7.82
N LEU J 79 15.32 -0.96 9.12
CA LEU J 79 15.72 -2.14 9.87
C LEU J 79 14.49 -2.99 10.11
N TYR J 80 14.65 -4.31 10.05
CA TYR J 80 13.53 -5.24 10.19
C TYR J 80 13.79 -6.23 11.31
N LEU J 81 12.70 -6.71 11.91
CA LEU J 81 12.73 -7.84 12.83
C LEU J 81 11.60 -8.79 12.44
N GLN J 82 11.96 -9.98 11.95
CA GLN J 82 10.98 -11.00 11.56
C GLN J 82 10.83 -11.99 12.71
N MET J 83 9.62 -12.08 13.25
CA MET J 83 9.31 -12.99 14.33
C MET J 83 8.50 -14.17 13.81
N ASN J 84 8.91 -15.37 14.20
CA ASN J 84 8.13 -16.59 13.98
C ASN J 84 8.09 -17.36 15.30
N SER J 85 7.15 -18.30 15.38
CA SER J 85 6.96 -19.12 16.57
C SER J 85 6.86 -18.27 17.84
N LEU J 86 6.01 -17.25 17.77
CA LEU J 86 5.88 -16.32 18.87
C LEU J 86 5.24 -16.99 20.10
N ARG J 87 5.67 -16.55 21.27
CA ARG J 87 5.16 -17.05 22.55
C ARG J 87 4.58 -15.89 23.36
N ALA J 88 3.77 -16.24 24.35
CA ALA J 88 3.14 -15.22 25.20
C ALA J 88 4.19 -14.33 25.86
N GLU J 89 5.31 -14.91 26.31
CA GLU J 89 6.34 -14.11 26.96
C GLU J 89 7.14 -13.25 25.99
N ASP J 90 6.86 -13.32 24.69
CA ASP J 90 7.41 -12.34 23.77
C ASP J 90 6.62 -11.04 23.76
N THR J 91 5.50 -10.98 24.48
CA THR J 91 4.76 -9.74 24.64
C THR J 91 5.64 -8.70 25.30
N ALA J 92 5.85 -7.58 24.61
CA ALA J 92 6.74 -6.53 25.07
C ALA J 92 6.59 -5.34 24.13
N VAL J 93 7.09 -4.19 24.58
CA VAL J 93 7.38 -3.09 23.67
C VAL J 93 8.76 -3.34 23.06
N TYR J 94 8.83 -3.28 21.73
CA TYR J 94 10.06 -3.52 20.99
C TYR J 94 10.59 -2.19 20.46
N TYR J 95 11.78 -1.80 20.90
CA TYR J 95 12.42 -0.57 20.45
C TYR J 95 13.56 -0.91 19.48
N CYS J 96 13.63 -0.18 18.37
CA CYS J 96 14.85 -0.17 17.59
C CYS J 96 15.79 0.87 18.17
N ALA J 97 17.08 0.59 18.08
CA ALA J 97 18.07 1.44 18.71
C ALA J 97 19.36 1.38 17.91
N LYS J 98 20.17 2.42 18.07
CA LYS J 98 21.45 2.53 17.37
C LYS J 98 22.54 2.82 18.40
N PHE J 99 23.37 1.82 18.69
CA PHE J 99 24.47 1.95 19.63
C PHE J 99 25.76 2.08 18.83
N SER J 100 26.58 3.08 19.20
CA SER J 100 27.69 3.52 18.37
C SER J 100 28.98 2.73 18.58
N GLY J 101 29.24 2.25 19.80
CA GLY J 101 30.48 1.58 20.09
C GLY J 101 31.58 2.50 20.60
N LYS J 102 32.85 2.24 20.25
CA LYS J 102 33.94 3.13 20.62
C LYS J 102 34.61 3.82 19.45
N ASP J 103 34.59 3.23 18.25
CA ASP J 103 35.22 3.84 17.07
C ASP J 103 34.31 4.99 16.61
N CYS J 104 34.39 6.09 17.35
CA CYS J 104 33.58 7.28 17.10
C CYS J 104 34.23 8.46 17.82
N SER J 105 33.92 9.66 17.34
CA SER J 105 34.63 10.87 17.78
C SER J 105 34.01 11.50 19.03
N GLY J 106 32.75 11.89 18.96
CA GLY J 106 32.06 12.50 20.09
C GLY J 106 30.56 12.53 19.87
N THR J 107 30.08 13.38 18.96
CA THR J 107 28.65 13.41 18.71
C THR J 107 28.22 12.11 18.04
N SER J 108 29.07 11.56 17.17
CA SER J 108 28.90 10.23 16.59
C SER J 108 29.13 9.11 17.61
N CYS J 109 29.35 9.44 18.88
CA CYS J 109 29.42 8.46 19.95
C CYS J 109 28.14 8.39 20.77
N ARG J 110 27.13 9.18 20.42
CA ARG J 110 25.83 9.10 21.07
C ARG J 110 25.09 7.83 20.65
N ASP J 111 24.18 7.40 21.51
CA ASP J 111 23.24 6.34 21.16
C ASP J 111 21.86 6.95 20.93
N TYR J 112 21.01 6.21 20.23
CA TYR J 112 19.70 6.71 19.87
C TYR J 112 18.67 5.60 20.01
N TRP J 113 17.47 5.97 20.48
CA TRP J 113 16.37 5.05 20.65
C TRP J 113 15.19 5.47 19.78
N GLY J 114 14.38 4.49 19.39
CA GLY J 114 13.08 4.75 18.83
C GLY J 114 12.04 4.87 19.93
N GLN J 115 10.78 5.02 19.52
CA GLN J 115 9.69 5.16 20.48
C GLN J 115 9.03 3.83 20.83
N GLY J 116 9.44 2.73 20.22
CA GLY J 116 8.88 1.44 20.52
C GLY J 116 7.55 1.19 19.82
N THR J 117 7.23 -0.09 19.68
CA THR J 117 5.94 -0.52 19.18
C THR J 117 5.53 -1.77 19.94
N LEU J 118 4.25 -1.86 20.28
CA LEU J 118 3.78 -2.90 21.18
C LEU J 118 3.39 -4.16 20.41
N VAL J 119 3.90 -5.30 20.86
CA VAL J 119 3.55 -6.61 20.31
C VAL J 119 2.89 -7.41 21.42
N THR J 120 1.68 -7.89 21.16
CA THR J 120 0.93 -8.68 22.12
C THR J 120 0.74 -10.07 21.53
N VAL J 121 1.21 -11.08 22.26
CA VAL J 121 1.04 -12.47 21.86
C VAL J 121 0.08 -13.12 22.85
N SER J 122 -1.13 -13.42 22.38
CA SER J 122 -2.18 -13.91 23.27
C SER J 122 -3.20 -14.69 22.44
N SER J 123 -3.90 -15.60 23.12
CA SER J 123 -5.01 -16.31 22.49
C SER J 123 -6.28 -15.48 22.46
N ALA J 124 -6.33 -14.37 23.19
CA ALA J 124 -7.45 -13.44 23.10
C ALA J 124 -7.42 -12.70 21.77
N SER J 125 -8.59 -12.48 21.19
CA SER J 125 -8.73 -11.79 19.92
C SER J 125 -9.08 -10.33 20.14
N THR J 126 -8.95 -9.55 19.07
CA THR J 126 -9.18 -8.11 19.13
C THR J 126 -10.65 -7.80 19.42
N LYS J 127 -10.87 -6.67 20.10
CA LYS J 127 -12.22 -6.10 20.23
C LYS J 127 -12.12 -4.59 20.15
N GLY J 128 -12.91 -3.99 19.26
CA GLY J 128 -12.99 -2.56 19.16
C GLY J 128 -13.79 -1.99 20.31
N PRO J 129 -13.55 -0.73 20.64
CA PRO J 129 -14.28 -0.10 21.75
C PRO J 129 -15.64 0.43 21.31
N SER J 130 -16.52 0.61 22.29
CA SER J 130 -17.68 1.47 22.15
C SER J 130 -17.34 2.82 22.74
N VAL J 131 -17.71 3.88 22.02
CA VAL J 131 -17.39 5.25 22.42
C VAL J 131 -18.67 5.97 22.78
N PHE J 132 -18.68 6.61 23.96
CA PHE J 132 -19.84 7.34 24.46
C PHE J 132 -19.45 8.74 24.86
N PRO J 133 -20.32 9.72 24.63
CA PRO J 133 -20.03 11.08 25.06
C PRO J 133 -20.25 11.26 26.56
N LEU J 134 -19.50 12.19 27.13
CA LEU J 134 -19.62 12.56 28.54
C LEU J 134 -19.92 14.05 28.60
N ALA J 135 -21.19 14.38 28.84
CA ALA J 135 -21.66 15.77 28.94
C ALA J 135 -21.53 16.25 30.39
N PRO J 136 -21.73 17.56 30.66
CA PRO J 136 -22.04 18.73 29.81
C PRO J 136 -20.87 19.17 28.95
N GLY J 144 -17.08 28.88 38.23
CA GLY J 144 -16.67 27.61 37.68
C GLY J 144 -16.81 27.51 36.18
N THR J 145 -16.13 26.54 35.57
CA THR J 145 -16.17 26.29 34.15
C THR J 145 -16.84 24.95 33.87
N ALA J 146 -16.55 24.37 32.71
CA ALA J 146 -17.21 23.13 32.30
C ALA J 146 -16.19 22.09 31.85
N ALA J 147 -16.57 20.82 32.06
CA ALA J 147 -15.77 19.67 31.66
C ALA J 147 -16.62 18.71 30.84
N LEU J 148 -16.01 18.15 29.79
CA LEU J 148 -16.69 17.19 28.94
C LEU J 148 -15.66 16.20 28.41
N GLY J 149 -16.12 15.02 28.01
CA GLY J 149 -15.19 14.02 27.57
C GLY J 149 -15.82 12.91 26.76
N CYS J 150 -15.05 11.85 26.57
CA CYS J 150 -15.48 10.65 25.85
C CYS J 150 -15.07 9.40 26.63
N LEU J 151 -15.99 8.44 26.69
CA LEU J 151 -15.71 7.15 27.31
C LEU J 151 -15.37 6.14 26.22
N VAL J 152 -14.21 5.52 26.34
CA VAL J 152 -13.71 4.56 25.36
C VAL J 152 -13.70 3.20 26.07
N LYS J 153 -14.72 2.39 25.79
CA LYS J 153 -15.13 1.28 26.65
C LYS J 153 -14.94 -0.06 25.96
N ASP J 154 -14.24 -0.99 26.63
CA ASP J 154 -14.19 -2.41 26.26
C ASP J 154 -13.46 -2.61 24.93
N TYR J 155 -12.15 -2.42 24.97
CA TYR J 155 -11.32 -2.69 23.80
C TYR J 155 -10.12 -3.56 24.20
N PHE J 156 -9.51 -4.18 23.20
CA PHE J 156 -8.30 -4.98 23.38
C PHE J 156 -7.64 -5.20 22.02
N PRO J 157 -6.31 -5.08 21.96
CA PRO J 157 -5.44 -4.65 23.06
C PRO J 157 -5.21 -3.15 23.05
N GLU J 158 -4.31 -2.67 23.91
CA GLU J 158 -3.80 -1.32 23.81
C GLU J 158 -3.07 -1.15 22.47
N PRO J 159 -2.96 0.08 21.97
CA PRO J 159 -3.42 1.38 22.50
C PRO J 159 -4.61 1.97 21.73
N VAL J 160 -5.18 3.05 22.26
CA VAL J 160 -6.15 3.88 21.55
C VAL J 160 -5.63 5.31 21.58
N THR J 161 -5.79 6.02 20.47
CA THR J 161 -5.48 7.44 20.40
C THR J 161 -6.79 8.24 20.47
N VAL J 162 -6.73 9.37 21.14
CA VAL J 162 -7.87 10.28 21.28
C VAL J 162 -7.41 11.68 20.97
N SER J 163 -8.07 12.33 20.02
CA SER J 163 -7.88 13.75 19.77
C SER J 163 -9.22 14.45 19.89
N TRP J 164 -9.18 15.78 19.89
CA TRP J 164 -10.40 16.58 19.98
C TRP J 164 -10.42 17.58 18.84
N ASN J 165 -11.59 17.68 18.19
CA ASN J 165 -11.80 18.51 17.00
C ASN J 165 -10.66 18.33 16.00
N SER J 166 -10.23 17.08 15.81
CA SER J 166 -9.25 16.70 14.80
C SER J 166 -7.93 17.44 14.99
N GLY J 167 -7.56 17.74 16.23
CA GLY J 167 -6.31 18.40 16.54
C GLY J 167 -6.42 19.89 16.81
N ALA J 168 -7.57 20.50 16.53
CA ALA J 168 -7.74 21.93 16.78
C ALA J 168 -7.85 22.26 18.26
N LEU J 169 -8.18 21.29 19.11
CA LEU J 169 -8.35 21.52 20.54
C LEU J 169 -7.35 20.65 21.28
N THR J 170 -6.39 21.28 21.95
CA THR J 170 -5.35 20.51 22.63
C THR J 170 -5.20 20.95 24.09
N SER J 171 -5.46 22.22 24.37
CA SER J 171 -5.29 22.74 25.71
C SER J 171 -6.51 22.40 26.56
N GLY J 172 -6.25 21.97 27.79
CA GLY J 172 -7.30 21.47 28.65
C GLY J 172 -7.62 20.00 28.45
N VAL J 173 -6.99 19.35 27.48
CA VAL J 173 -7.26 17.95 27.16
C VAL J 173 -6.45 17.07 28.10
N HIS J 174 -7.08 16.01 28.61
CA HIS J 174 -6.41 15.07 29.51
C HIS J 174 -6.95 13.68 29.22
N THR J 175 -6.11 12.84 28.63
CA THR J 175 -6.47 11.45 28.34
C THR J 175 -5.87 10.55 29.42
N PHE J 176 -6.75 9.88 30.17
CA PHE J 176 -6.33 9.11 31.33
C PHE J 176 -5.80 7.75 30.91
N PRO J 177 -4.84 7.19 31.66
CA PRO J 177 -4.43 5.81 31.42
C PRO J 177 -5.60 4.85 31.58
N ALA J 178 -5.57 3.78 30.79
CA ALA J 178 -6.67 2.84 30.75
C ALA J 178 -6.69 1.95 31.99
N VAL J 179 -7.89 1.55 32.38
CA VAL J 179 -8.08 0.49 33.36
C VAL J 179 -8.08 -0.84 32.63
N LEU J 180 -7.36 -1.82 33.15
CA LEU J 180 -7.45 -3.18 32.64
C LEU J 180 -8.48 -3.90 33.52
N GLN J 181 -9.68 -4.08 32.98
CA GLN J 181 -10.73 -4.72 33.73
C GLN J 181 -10.41 -6.19 33.96
N SER J 182 -11.06 -6.77 34.97
CA SER J 182 -10.85 -8.18 35.26
C SER J 182 -11.32 -9.07 34.12
N SER J 183 -12.24 -8.58 33.30
CA SER J 183 -12.65 -9.27 32.07
C SER J 183 -11.53 -9.38 31.05
N GLY J 184 -10.43 -8.65 31.23
CA GLY J 184 -9.36 -8.63 30.24
C GLY J 184 -9.46 -7.53 29.21
N LEU J 185 -10.51 -6.72 29.23
CA LEU J 185 -10.67 -5.61 28.31
C LEU J 185 -10.31 -4.30 28.97
N TYR J 186 -9.85 -3.35 28.16
CA TYR J 186 -9.45 -2.03 28.62
C TYR J 186 -10.61 -1.04 28.48
N SER J 187 -10.55 0.01 29.28
CA SER J 187 -11.40 1.17 29.09
C SER J 187 -10.62 2.41 29.51
N LEU J 188 -10.82 3.52 28.80
CA LEU J 188 -10.26 4.78 29.24
C LEU J 188 -11.25 5.91 28.97
N SER J 189 -10.90 7.09 29.47
CA SER J 189 -11.67 8.29 29.24
C SER J 189 -10.73 9.44 28.93
N SER J 190 -11.17 10.33 28.05
CA SER J 190 -10.45 11.55 27.71
C SER J 190 -11.39 12.71 27.96
N VAL J 191 -10.98 13.64 28.82
CA VAL J 191 -11.80 14.77 29.22
C VAL J 191 -11.06 16.05 28.83
N VAL J 192 -11.82 17.07 28.46
CA VAL J 192 -11.26 18.37 28.13
C VAL J 192 -12.03 19.43 28.90
N THR J 193 -11.30 20.36 29.50
CA THR J 193 -11.88 21.48 30.23
C THR J 193 -11.92 22.68 29.30
N VAL J 194 -13.12 23.25 29.16
CA VAL J 194 -13.38 24.33 28.21
C VAL J 194 -14.07 25.44 28.98
N PRO J 195 -13.99 26.69 28.54
CA PRO J 195 -14.68 27.78 29.24
C PRO J 195 -16.15 27.44 29.47
N SER J 196 -16.71 28.02 30.55
CA SER J 196 -18.08 27.68 30.92
C SER J 196 -19.06 28.09 29.85
N SER J 197 -18.59 28.87 28.89
CA SER J 197 -19.35 29.31 27.75
C SER J 197 -19.04 28.34 26.60
N SER J 198 -18.96 28.85 25.37
CA SER J 198 -18.79 28.03 24.16
C SER J 198 -19.75 26.86 24.03
N LEU J 199 -20.41 26.48 25.13
CA LEU J 199 -21.23 25.29 25.18
C LEU J 199 -22.33 25.33 24.11
N GLY J 200 -22.96 26.49 23.94
CA GLY J 200 -23.90 26.62 22.86
C GLY J 200 -23.33 27.05 21.52
N THR J 201 -22.16 27.71 21.52
CA THR J 201 -21.53 28.12 20.26
C THR J 201 -20.61 27.07 19.66
N GLN J 202 -19.62 26.60 20.40
CA GLN J 202 -18.57 25.72 19.90
C GLN J 202 -18.99 24.26 19.98
N THR J 203 -18.62 23.49 18.96
CA THR J 203 -18.90 22.06 18.90
C THR J 203 -17.65 21.27 19.27
N TYR J 204 -17.84 20.20 20.06
CA TYR J 204 -16.74 19.39 20.55
C TYR J 204 -16.93 17.94 20.11
N ILE J 205 -15.95 17.42 19.40
CA ILE J 205 -15.96 16.05 18.90
C ILE J 205 -14.64 15.38 19.26
N CYS J 206 -14.71 14.21 19.88
CA CYS J 206 -13.51 13.42 20.13
C CYS J 206 -13.31 12.42 18.99
N ASN J 207 -12.06 12.25 18.59
CA ASN J 207 -11.68 11.34 17.51
C ASN J 207 -10.93 10.16 18.14
N VAL J 208 -11.62 9.04 18.25
CA VAL J 208 -11.05 7.82 18.82
C VAL J 208 -10.55 6.94 17.70
N ASN J 209 -9.36 6.36 17.87
CA ASN J 209 -8.83 5.45 16.87
C ASN J 209 -8.21 4.26 17.58
N HIS J 210 -8.65 3.06 17.22
CA HIS J 210 -8.16 1.79 17.76
C HIS J 210 -7.71 0.96 16.57
N LYS J 211 -6.50 1.26 16.09
CA LYS J 211 -5.80 0.60 14.98
C LYS J 211 -5.95 -0.92 14.99
N PRO J 212 -5.75 -1.63 16.12
CA PRO J 212 -5.81 -3.10 16.06
C PRO J 212 -7.14 -3.67 15.57
N SER J 213 -8.23 -2.93 15.71
CA SER J 213 -9.54 -3.39 15.26
C SER J 213 -10.10 -2.54 14.13
N ASN J 214 -9.30 -1.66 13.54
CA ASN J 214 -9.73 -0.76 12.47
C ASN J 214 -10.92 0.11 12.91
N THR J 215 -10.97 0.44 14.21
CA THR J 215 -12.06 1.25 14.74
C THR J 215 -11.71 2.74 14.67
N LYS J 216 -12.59 3.50 14.02
CA LYS J 216 -12.56 4.96 13.96
C LYS J 216 -13.94 5.47 14.37
N VAL J 217 -14.01 6.22 15.47
CA VAL J 217 -15.28 6.77 15.93
C VAL J 217 -15.10 8.26 16.17
N ASP J 218 -16.03 9.06 15.65
CA ASP J 218 -16.11 10.49 15.92
C ASP J 218 -17.42 10.74 16.66
N LYS J 219 -17.32 11.18 17.91
CA LYS J 219 -18.49 11.36 18.77
C LYS J 219 -18.68 12.82 19.12
N LYS J 220 -19.78 13.39 18.63
CA LYS J 220 -20.29 14.66 19.12
C LYS J 220 -20.57 14.57 20.61
N VAL J 221 -20.13 15.57 21.37
CA VAL J 221 -20.44 15.66 22.79
C VAL J 221 -21.22 16.94 23.01
N GLU J 222 -22.49 16.81 23.38
CA GLU J 222 -23.38 17.94 23.60
C GLU J 222 -23.98 17.84 25.00
N PRO J 223 -24.40 18.97 25.58
CA PRO J 223 -25.09 18.90 26.88
C PRO J 223 -26.51 18.34 26.74
N LYS J 224 -27.04 17.88 27.86
CA LYS J 224 -28.28 17.12 27.86
C LYS J 224 -29.49 18.01 27.58
N SER J 225 -30.60 17.36 27.22
CA SER J 225 -31.87 18.05 27.01
C SER J 225 -32.72 17.99 28.28
N CYS J 226 -33.44 16.89 28.46
CA CYS J 226 -34.30 16.69 29.62
C CYS J 226 -33.49 16.65 30.92
N GLN K 1 31.50 -13.95 31.82
CA GLN K 1 30.08 -13.60 31.84
C GLN K 1 29.94 -12.09 32.06
N LEU K 2 29.83 -11.33 30.98
CA LEU K 2 29.64 -9.90 31.11
C LEU K 2 28.30 -9.64 31.79
N VAL K 3 28.34 -9.06 32.98
CA VAL K 3 27.14 -8.85 33.80
C VAL K 3 27.20 -7.44 34.38
N LEU K 4 26.06 -6.76 34.39
CA LEU K 4 25.91 -5.46 35.03
C LEU K 4 24.95 -5.55 36.22
N THR K 5 25.39 -5.05 37.37
CA THR K 5 24.64 -5.12 38.61
C THR K 5 24.20 -3.71 39.01
N GLN K 6 22.89 -3.51 39.12
CA GLN K 6 22.32 -2.28 39.66
C GLN K 6 21.47 -2.60 40.88
N SER K 7 21.54 -1.74 41.89
CA SER K 7 20.58 -1.83 42.98
C SER K 7 19.19 -1.56 42.43
N PRO K 8 18.16 -2.24 42.93
CA PRO K 8 16.83 -2.08 42.33
C PRO K 8 16.23 -0.71 42.53
N SER K 9 16.58 -0.01 43.61
CA SER K 9 15.95 1.27 43.90
C SER K 9 16.97 2.20 44.55
N ALA K 10 16.69 3.49 44.47
CA ALA K 10 17.53 4.52 45.07
C ALA K 10 16.67 5.75 45.28
N SER K 11 17.07 6.57 46.26
CA SER K 11 16.23 7.71 46.61
C SER K 11 17.05 8.85 47.19
N ALA K 12 16.57 10.07 46.96
CA ALA K 12 17.15 11.27 47.57
C ALA K 12 16.11 12.40 47.49
N SER K 13 16.44 13.52 48.14
CA SER K 13 15.54 14.65 48.29
C SER K 13 15.71 15.68 47.18
N LEU K 14 14.67 16.49 46.94
CA LEU K 14 14.76 17.59 45.99
C LEU K 14 15.95 18.48 46.30
N GLY K 15 16.71 18.83 45.25
CA GLY K 15 17.86 19.68 45.39
C GLY K 15 19.11 18.98 45.84
N ALA K 16 19.00 17.75 46.34
CA ALA K 16 20.15 16.98 46.76
C ALA K 16 20.72 16.20 45.58
N SER K 17 21.76 15.41 45.84
CA SER K 17 22.40 14.56 44.86
C SER K 17 22.17 13.09 45.22
N VAL K 18 22.21 12.21 44.22
CA VAL K 18 22.08 10.77 44.47
C VAL K 18 23.07 9.98 43.61
N ARG K 19 23.65 8.94 44.25
CA ARG K 19 24.69 8.08 43.68
C ARG K 19 24.04 6.81 43.15
N LEU K 20 23.94 6.68 41.82
CA LEU K 20 23.60 5.39 41.24
C LEU K 20 24.87 4.70 40.77
N THR K 21 24.98 3.40 41.05
CA THR K 21 26.18 2.64 40.78
C THR K 21 25.87 1.45 39.89
N CYS K 22 26.66 1.30 38.82
CA CYS K 22 26.64 0.12 37.96
C CYS K 22 28.01 -0.50 38.07
N THR K 23 28.08 -1.76 38.48
CA THR K 23 29.35 -2.46 38.67
C THR K 23 29.50 -3.56 37.63
N LEU K 24 30.62 -3.54 36.92
CA LEU K 24 30.93 -4.59 35.96
C LEU K 24 31.48 -5.82 36.65
N SER K 25 31.13 -6.99 36.14
CA SER K 25 31.66 -8.23 36.68
C SER K 25 33.18 -8.29 36.46
N SER K 26 33.85 -9.04 37.33
CA SER K 26 35.32 -9.11 37.30
C SER K 26 35.81 -9.56 35.92
N GLY K 27 36.90 -8.94 35.49
CA GLY K 27 37.45 -9.20 34.16
C GLY K 27 36.95 -8.25 33.09
N HIS K 28 36.02 -7.36 33.43
CA HIS K 28 35.50 -6.36 32.50
C HIS K 28 35.60 -4.97 33.11
N SER K 29 36.60 -4.77 33.96
CA SER K 29 36.75 -3.52 34.72
C SER K 29 37.11 -2.33 33.84
N SER K 30 37.48 -2.56 32.59
CA SER K 30 37.87 -1.49 31.68
C SER K 30 36.77 -1.12 30.67
N TYR K 31 35.62 -1.78 30.71
CA TYR K 31 34.62 -1.61 29.66
C TYR K 31 33.93 -0.25 29.79
N VAL K 32 33.47 0.28 28.63
CA VAL K 32 32.64 1.48 28.64
C VAL K 32 31.19 1.04 28.79
N ILE K 33 30.43 1.79 29.59
CA ILE K 33 28.99 1.59 29.73
C ILE K 33 28.30 2.87 29.29
N ALA K 34 26.99 2.76 29.08
CA ALA K 34 26.14 3.90 28.78
C ALA K 34 25.01 3.96 29.80
N TRP K 35 24.60 5.17 30.15
CA TRP K 35 23.47 5.39 31.03
C TRP K 35 22.25 5.74 30.19
N HIS K 36 21.12 5.10 30.50
CA HIS K 36 19.86 5.39 29.83
C HIS K 36 18.80 5.68 30.86
N GLN K 37 18.05 6.76 30.63
CA GLN K 37 16.93 7.16 31.48
C GLN K 37 15.63 6.80 30.78
N GLN K 38 14.70 6.25 31.56
CA GLN K 38 13.36 5.94 31.06
C GLN K 38 12.35 6.40 32.09
N GLN K 39 11.62 7.47 31.78
CA GLN K 39 10.52 7.86 32.66
C GLN K 39 9.35 6.92 32.43
N SER K 40 8.45 6.88 33.41
CA SER K 40 7.33 5.95 33.36
C SER K 40 6.48 6.22 32.13
N GLU K 41 6.08 5.15 31.44
CA GLU K 41 5.19 5.16 30.29
C GLU K 41 5.82 5.75 29.03
N LYS K 42 7.15 5.89 28.97
CA LYS K 42 7.77 6.31 27.70
C LYS K 42 9.06 5.54 27.49
N GLY K 43 9.68 5.78 26.33
CA GLY K 43 10.82 5.03 25.88
C GLY K 43 12.13 5.51 26.47
N PRO K 44 13.17 4.69 26.34
CA PRO K 44 14.46 5.06 26.93
C PRO K 44 15.06 6.28 26.25
N ARG K 45 15.88 6.99 26.99
CA ARG K 45 16.62 8.14 26.47
C ARG K 45 18.08 7.99 26.84
N TYR K 46 18.96 8.01 25.84
CA TYR K 46 20.39 7.93 26.10
C TYR K 46 20.85 9.18 26.86
N LEU K 47 21.68 8.96 27.88
CA LEU K 47 22.21 10.04 28.69
C LEU K 47 23.68 10.33 28.37
N MET K 48 24.56 9.35 28.56
CA MET K 48 25.99 9.57 28.43
C MET K 48 26.67 8.22 28.45
N LYS K 49 27.96 8.22 28.12
CA LYS K 49 28.80 7.04 28.24
C LYS K 49 29.88 7.27 29.29
N VAL K 50 30.32 6.20 29.93
CA VAL K 50 31.33 6.27 30.99
C VAL K 50 32.31 5.11 30.81
N ASN K 51 33.58 5.43 30.59
CA ASN K 51 34.62 4.42 30.60
C ASN K 51 35.44 4.58 31.88
N SER K 52 36.51 3.79 31.99
CA SER K 52 37.35 3.86 33.18
C SER K 52 38.03 5.20 33.32
N ASP K 53 38.17 5.94 32.21
CA ASP K 53 38.72 7.29 32.21
C ASP K 53 37.69 8.33 32.63
N GLY K 54 36.65 7.93 33.36
CA GLY K 54 35.55 8.82 33.63
C GLY K 54 34.88 9.21 32.34
N SER K 55 35.20 10.41 31.84
CA SER K 55 34.81 10.88 30.52
C SER K 55 33.31 10.87 30.31
N HIS K 56 32.87 11.26 29.11
CA HIS K 56 31.46 11.30 28.75
C HIS K 56 31.32 11.14 27.24
N SER K 57 30.07 11.23 26.80
CA SER K 57 29.72 11.60 25.43
C SER K 57 28.25 11.99 25.45
N LYS K 58 27.94 12.98 26.28
CA LYS K 58 26.59 13.37 26.67
C LYS K 58 25.66 13.49 25.47
N GLY K 59 24.40 13.10 25.67
CA GLY K 59 23.39 13.25 24.65
C GLY K 59 22.91 14.68 24.51
N ASP K 60 22.11 14.89 23.46
CA ASP K 60 21.60 16.23 23.15
C ASP K 60 20.59 16.67 24.19
N GLY K 61 20.74 17.90 24.68
CA GLY K 61 19.81 18.44 25.64
C GLY K 61 19.95 17.87 27.04
N ILE K 62 20.98 17.07 27.28
CA ILE K 62 21.22 16.54 28.63
C ILE K 62 21.75 17.69 29.47
N PRO K 63 21.12 17.99 30.61
CA PRO K 63 21.56 19.14 31.41
C PRO K 63 22.96 18.97 31.95
N ASP K 64 23.58 20.11 32.27
CA ASP K 64 24.85 20.10 33.00
C ASP K 64 24.69 19.40 34.34
N ARG K 65 23.48 19.48 34.90
CA ARG K 65 23.13 18.86 36.16
C ARG K 65 23.45 17.36 36.22
N PHE K 66 23.48 16.69 35.06
CA PHE K 66 23.79 15.26 34.99
C PHE K 66 25.28 15.07 34.70
N SER K 67 25.91 14.14 35.41
CA SER K 67 27.31 13.83 35.13
C SER K 67 27.59 12.37 35.48
N GLY K 68 28.69 11.86 34.93
CA GLY K 68 29.09 10.50 35.16
C GLY K 68 30.53 10.41 35.62
N SER K 69 30.85 9.29 36.26
CA SER K 69 32.19 9.07 36.80
C SER K 69 32.44 7.57 36.88
N SER K 70 33.68 7.22 37.20
CA SER K 70 34.08 5.82 37.18
C SER K 70 35.13 5.57 38.23
N SER K 71 35.16 4.34 38.74
CA SER K 71 36.15 3.93 39.73
C SER K 71 36.23 2.41 39.69
N GLY K 72 37.36 1.90 39.22
CA GLY K 72 37.54 0.45 39.12
C GLY K 72 36.49 -0.17 38.23
N ALA K 73 35.85 -1.23 38.74
CA ALA K 73 34.79 -1.92 38.01
C ALA K 73 33.43 -1.25 38.17
N GLU K 74 33.35 -0.16 38.91
CA GLU K 74 32.11 0.52 39.22
C GLU K 74 31.94 1.74 38.32
N ARG K 75 30.72 1.95 37.84
CA ARG K 75 30.37 3.10 37.03
C ARG K 75 29.21 3.85 37.69
N TYR K 76 29.29 5.18 37.68
CA TYR K 76 28.35 6.03 38.40
C TYR K 76 27.70 7.03 37.47
N LEU K 77 26.47 7.42 37.83
CA LEU K 77 25.76 8.54 37.23
C LEU K 77 25.50 9.56 38.32
N THR K 78 25.93 10.80 38.10
CA THR K 78 25.78 11.87 39.08
C THR K 78 24.70 12.85 38.66
N ILE K 79 23.71 13.02 39.54
CA ILE K 79 22.58 13.91 39.32
C ILE K 79 22.44 14.81 40.55
N SER K 80 22.70 16.11 40.36
CA SER K 80 22.54 17.12 41.39
C SER K 80 21.23 17.89 41.21
N SER K 81 20.82 18.60 42.25
CA SER K 81 19.65 19.48 42.18
C SER K 81 18.41 18.75 41.67
N LEU K 82 18.03 17.70 42.40
CA LEU K 82 16.98 16.80 41.95
C LEU K 82 15.67 17.55 41.72
N GLN K 83 14.98 17.18 40.63
CA GLN K 83 13.67 17.68 40.28
C GLN K 83 12.68 16.53 40.24
N SER K 84 11.39 16.88 40.23
CA SER K 84 10.35 15.87 40.08
C SER K 84 10.58 15.02 38.83
N GLU K 85 10.91 15.66 37.71
CA GLU K 85 11.09 14.98 36.43
C GLU K 85 12.26 14.00 36.44
N ASP K 86 13.14 14.06 37.44
CA ASP K 86 14.24 13.11 37.52
C ASP K 86 13.80 11.75 38.08
N GLU K 87 12.60 11.65 38.65
CA GLU K 87 12.06 10.35 39.02
C GLU K 87 11.88 9.49 37.77
N ALA K 88 12.60 8.38 37.71
CA ALA K 88 12.62 7.56 36.51
C ALA K 88 13.32 6.24 36.81
N ASP K 89 13.34 5.36 35.83
CA ASP K 89 14.19 4.18 35.83
C ASP K 89 15.47 4.50 35.09
N TYR K 90 16.61 4.12 35.67
CA TYR K 90 17.91 4.34 35.06
C TYR K 90 18.57 2.99 34.82
N TYR K 91 18.90 2.71 33.56
CA TYR K 91 19.53 1.48 33.15
C TYR K 91 20.95 1.77 32.68
N CYS K 92 21.91 0.99 33.17
CA CYS K 92 23.22 0.98 32.53
C CYS K 92 23.29 -0.15 31.52
N GLN K 93 24.13 0.04 30.51
CA GLN K 93 24.21 -0.91 29.40
C GLN K 93 25.63 -0.90 28.85
N THR K 94 26.11 -2.08 28.48
CA THR K 94 27.42 -2.25 27.87
C THR K 94 27.30 -3.31 26.78
N TRP K 95 28.44 -3.73 26.24
CA TRP K 95 28.44 -4.72 25.18
C TRP K 95 29.71 -5.56 25.26
N GLY K 96 29.63 -6.77 24.74
CA GLY K 96 30.77 -7.66 24.65
C GLY K 96 31.01 -8.06 23.21
N ALA K 97 31.49 -9.29 22.99
CA ALA K 97 31.89 -9.75 21.66
C ALA K 97 30.80 -9.48 20.62
N GLY K 98 29.70 -10.21 20.68
CA GLY K 98 28.58 -9.97 19.79
C GLY K 98 27.25 -9.82 20.52
N ILE K 99 27.26 -9.09 21.63
CA ILE K 99 26.13 -9.02 22.54
C ILE K 99 26.01 -7.63 23.14
N LEU K 100 24.79 -7.30 23.57
CA LEU K 100 24.56 -6.21 24.51
C LEU K 100 24.19 -6.79 25.87
N VAL K 101 24.48 -6.03 26.92
CA VAL K 101 24.14 -6.41 28.29
C VAL K 101 23.51 -5.20 28.95
N PHE K 102 22.36 -5.42 29.60
CA PHE K 102 21.66 -4.39 30.33
C PHE K 102 21.70 -4.71 31.81
N GLY K 103 21.84 -3.69 32.64
CA GLY K 103 21.52 -3.84 34.04
C GLY K 103 20.03 -4.00 34.26
N GLY K 104 19.68 -4.42 35.47
CA GLY K 104 18.28 -4.57 35.83
C GLY K 104 17.54 -3.27 36.02
N GLY K 105 18.25 -2.15 36.05
CA GLY K 105 17.61 -0.85 36.28
C GLY K 105 17.50 -0.51 37.74
N THR K 106 17.58 0.79 38.03
CA THR K 106 17.36 1.35 39.35
C THR K 106 16.25 2.38 39.26
N LYS K 107 15.21 2.21 40.07
CA LYS K 107 14.11 3.18 40.14
C LYS K 107 14.46 4.25 41.17
N LEU K 108 14.57 5.50 40.72
CA LEU K 108 14.92 6.62 41.58
C LEU K 108 13.65 7.35 42.03
N THR K 109 13.44 7.42 43.34
CA THR K 109 12.32 8.14 43.94
C THR K 109 12.84 9.39 44.65
N VAL K 110 12.25 10.53 44.36
CA VAL K 110 12.66 11.80 44.95
C VAL K 110 11.59 12.24 45.95
N LEU K 111 11.88 12.15 47.25
CA LEU K 111 10.87 12.50 48.25
C LEU K 111 10.90 13.98 48.56
N SER K 112 9.84 14.42 49.26
CA SER K 112 9.65 15.75 49.84
C SER K 112 9.04 16.70 48.82
N GLN K 113 8.40 16.15 47.79
CA GLN K 113 7.75 16.96 46.78
C GLN K 113 6.48 17.60 47.35
N PRO K 114 6.02 18.70 46.76
CA PRO K 114 4.90 19.44 47.36
C PRO K 114 3.60 18.64 47.44
N LYS K 115 2.82 18.94 48.47
CA LYS K 115 1.46 18.45 48.64
C LYS K 115 0.60 18.78 47.43
N ALA K 116 -0.41 17.95 47.18
CA ALA K 116 -1.43 18.24 46.18
C ALA K 116 -2.68 17.44 46.48
N ALA K 117 -3.81 18.15 46.62
CA ALA K 117 -5.13 17.57 46.87
C ALA K 117 -5.72 17.00 45.57
N PRO K 118 -6.49 15.91 45.66
CA PRO K 118 -7.09 15.34 44.45
C PRO K 118 -8.15 16.26 43.87
N SER K 119 -8.13 16.40 42.55
CA SER K 119 -9.26 16.95 41.81
C SER K 119 -10.11 15.79 41.28
N VAL K 120 -11.42 15.90 41.43
CA VAL K 120 -12.32 14.79 41.14
C VAL K 120 -13.44 15.27 40.23
N THR K 121 -13.66 14.55 39.12
CA THR K 121 -14.78 14.78 38.23
C THR K 121 -15.51 13.46 38.01
N LEU K 122 -16.83 13.48 38.15
CA LEU K 122 -17.66 12.28 38.07
C LEU K 122 -18.71 12.48 36.99
N PHE K 123 -18.76 11.55 36.03
CA PHE K 123 -19.71 11.59 34.93
C PHE K 123 -20.77 10.51 35.10
N PRO K 124 -22.02 10.79 34.76
CA PRO K 124 -23.07 9.77 34.82
C PRO K 124 -23.05 8.90 33.57
N PRO K 125 -23.82 7.81 33.55
CA PRO K 125 -23.94 7.04 32.30
C PRO K 125 -24.45 7.93 31.19
N SER K 126 -23.87 7.78 30.00
CA SER K 126 -24.33 8.54 28.85
C SER K 126 -25.71 8.07 28.41
N SER K 127 -26.44 8.98 27.76
CA SER K 127 -27.75 8.61 27.23
C SER K 127 -27.61 7.51 26.19
N GLU K 128 -26.55 7.58 25.38
CA GLU K 128 -26.32 6.58 24.34
C GLU K 128 -26.04 5.21 24.96
N GLU K 129 -25.32 5.16 26.07
CA GLU K 129 -24.98 3.88 26.68
C GLU K 129 -26.17 3.25 27.39
N LEU K 130 -27.10 4.07 27.91
CA LEU K 130 -28.29 3.49 28.54
C LEU K 130 -29.19 2.83 27.52
N GLN K 131 -29.38 3.45 26.35
CA GLN K 131 -30.16 2.80 25.30
C GLN K 131 -29.55 1.46 24.90
N ALA K 132 -28.24 1.30 25.06
CA ALA K 132 -27.57 0.02 24.85
C ALA K 132 -27.69 -0.90 26.06
N ASN K 133 -28.56 -0.57 27.02
CA ASN K 133 -28.84 -1.40 28.19
C ASN K 133 -27.55 -1.68 28.97
N LYS K 134 -26.75 -0.62 29.15
CA LYS K 134 -25.58 -0.64 30.01
C LYS K 134 -25.46 0.72 30.68
N ALA K 135 -24.71 0.76 31.78
CA ALA K 135 -24.56 2.02 32.52
C ALA K 135 -23.20 2.04 33.21
N THR K 136 -22.42 3.09 32.94
CA THR K 136 -21.10 3.23 33.51
C THR K 136 -20.96 4.60 34.15
N LEU K 137 -20.49 4.63 35.39
CA LEU K 137 -20.10 5.85 36.09
C LEU K 137 -18.59 5.99 36.00
N VAL K 138 -18.14 7.21 35.71
CA VAL K 138 -16.73 7.46 35.42
C VAL K 138 -16.25 8.51 36.41
N CYS K 139 -15.31 8.14 37.27
CA CYS K 139 -14.79 9.03 38.29
C CYS K 139 -13.31 9.28 37.98
N LEU K 140 -12.98 10.51 37.62
CA LEU K 140 -11.65 10.89 37.16
C LEU K 140 -10.94 11.69 38.25
N ILE K 141 -9.74 11.26 38.61
CA ILE K 141 -9.00 11.79 39.76
C ILE K 141 -7.62 12.20 39.28
N SER K 142 -7.30 13.49 39.44
CA SER K 142 -6.04 14.02 38.93
C SER K 142 -5.48 15.08 39.88
N ASP K 143 -4.21 15.43 39.65
CA ASP K 143 -3.53 16.55 40.31
C ASP K 143 -3.41 16.35 41.81
N PHE K 144 -3.07 15.13 42.23
CA PHE K 144 -2.83 14.85 43.63
C PHE K 144 -1.41 14.34 43.83
N TYR K 145 -0.85 14.62 45.00
CA TYR K 145 0.45 14.11 45.38
C TYR K 145 0.51 13.99 46.91
N PRO K 146 1.09 12.90 47.43
CA PRO K 146 1.73 11.77 46.72
C PRO K 146 0.75 10.88 45.96
N GLY K 147 1.27 9.97 45.16
CA GLY K 147 0.46 9.20 44.23
C GLY K 147 -0.18 7.95 44.79
N ALA K 148 -1.02 8.09 45.80
CA ALA K 148 -1.71 6.95 46.40
C ALA K 148 -3.09 7.42 46.88
N VAL K 149 -4.14 6.76 46.41
CA VAL K 149 -5.52 7.12 46.72
C VAL K 149 -6.34 5.85 46.88
N THR K 150 -7.42 5.95 47.63
CA THR K 150 -8.44 4.91 47.75
C THR K 150 -9.78 5.47 47.32
N VAL K 151 -10.54 4.68 46.56
CA VAL K 151 -11.82 5.10 46.00
C VAL K 151 -12.94 4.31 46.65
N ALA K 152 -14.07 4.99 46.89
CA ALA K 152 -15.24 4.37 47.50
C ALA K 152 -16.50 4.85 46.77
N TRP K 153 -17.34 3.91 46.36
CA TRP K 153 -18.59 4.20 45.68
C TRP K 153 -19.81 3.95 46.58
N LYS K 154 -20.92 4.61 46.22
CA LYS K 154 -22.27 4.31 46.71
C LYS K 154 -23.32 5.27 46.14
N ALA K 155 -24.55 4.77 46.00
CA ALA K 155 -25.77 5.52 45.77
C ALA K 155 -26.25 6.29 46.99
N ASP K 156 -26.29 5.66 48.18
CA ASP K 156 -26.77 6.35 49.38
C ASP K 156 -25.68 6.48 50.43
N SER K 157 -25.73 5.65 51.49
CA SER K 157 -24.64 5.71 52.46
C SER K 157 -23.79 4.45 52.61
N SER K 158 -24.42 3.28 52.70
CA SER K 158 -23.64 2.05 52.85
C SER K 158 -22.97 1.72 51.53
N PRO K 159 -21.64 1.63 51.47
CA PRO K 159 -20.95 1.59 50.18
C PRO K 159 -21.17 0.29 49.39
N VAL K 160 -20.85 0.38 48.10
CA VAL K 160 -21.06 -0.70 47.13
C VAL K 160 -19.69 -1.09 46.57
N LYS K 161 -19.46 -2.40 46.48
CA LYS K 161 -18.15 -2.94 46.14
C LYS K 161 -18.07 -3.58 44.76
N ALA K 162 -19.14 -4.23 44.30
CA ALA K 162 -19.08 -4.96 43.05
C ALA K 162 -19.19 -4.03 41.85
N GLY K 163 -18.58 -4.46 40.74
CA GLY K 163 -18.62 -3.68 39.52
C GLY K 163 -17.70 -2.47 39.52
N VAL K 164 -16.67 -2.48 40.36
CA VAL K 164 -15.73 -1.36 40.47
C VAL K 164 -14.41 -1.77 39.84
N GLU K 165 -13.90 -0.93 38.95
CA GLU K 165 -12.57 -1.10 38.36
C GLU K 165 -11.81 0.20 38.54
N THR K 166 -10.61 0.13 39.10
CA THR K 166 -9.85 1.31 39.44
C THR K 166 -8.41 1.15 38.99
N THR K 167 -7.88 2.17 38.32
CA THR K 167 -6.51 2.13 37.86
C THR K 167 -5.54 2.31 39.03
N THR K 168 -4.32 1.88 38.82
CA THR K 168 -3.27 2.32 39.73
C THR K 168 -2.82 3.72 39.32
N PRO K 169 -2.57 4.60 40.30
CA PRO K 169 -2.15 5.97 39.96
C PRO K 169 -0.88 6.00 39.11
N SER K 170 -0.85 6.95 38.18
CA SER K 170 0.31 7.13 37.31
C SER K 170 0.62 8.62 37.22
N LYS K 171 1.89 8.92 36.97
CA LYS K 171 2.39 10.29 37.03
C LYS K 171 2.19 10.98 35.70
N GLN K 172 1.56 12.16 35.74
CA GLN K 172 1.14 12.89 34.54
C GLN K 172 2.24 13.85 34.09
N SER K 173 1.94 14.64 33.05
CA SER K 173 2.90 15.61 32.53
C SER K 173 3.09 16.77 33.49
N ASN K 174 2.03 17.19 34.18
CA ASN K 174 2.15 18.19 35.24
C ASN K 174 2.92 17.69 36.46
N ASN K 175 3.46 16.48 36.42
CA ASN K 175 4.22 15.86 37.50
C ASN K 175 3.37 15.62 38.75
N LYS K 176 2.06 15.53 38.59
CA LYS K 176 1.18 15.03 39.64
C LYS K 176 0.51 13.76 39.11
N TYR K 177 -0.17 13.06 40.01
CA TYR K 177 -0.66 11.72 39.70
C TYR K 177 -2.15 11.77 39.33
N ALA K 178 -2.55 10.81 38.49
CA ALA K 178 -3.92 10.69 38.04
C ALA K 178 -4.37 9.24 38.16
N ALA K 179 -5.69 9.07 38.29
CA ALA K 179 -6.30 7.75 38.38
C ALA K 179 -7.77 7.88 37.99
N SER K 180 -8.42 6.73 37.81
CA SER K 180 -9.82 6.72 37.40
C SER K 180 -10.50 5.47 37.94
N SER K 181 -11.80 5.57 38.18
CA SER K 181 -12.60 4.48 38.72
C SER K 181 -13.88 4.34 37.91
N TYR K 182 -14.22 3.11 37.55
CA TYR K 182 -15.37 2.80 36.71
C TYR K 182 -16.35 1.93 37.48
N LEU K 183 -17.60 2.39 37.56
CA LEU K 183 -18.68 1.66 38.22
C LEU K 183 -19.71 1.24 37.19
N SER K 184 -19.90 -0.07 37.05
CA SER K 184 -20.91 -0.61 36.14
C SER K 184 -22.21 -0.85 36.91
N LEU K 185 -23.33 -0.41 36.33
CA LEU K 185 -24.65 -0.62 36.89
C LEU K 185 -25.57 -1.08 35.79
N THR K 186 -26.66 -1.75 36.18
CA THR K 186 -27.72 -1.89 35.20
C THR K 186 -28.44 -0.54 35.04
N PRO K 187 -29.00 -0.26 33.87
CA PRO K 187 -29.81 0.97 33.73
C PRO K 187 -30.94 1.08 34.74
N GLU K 188 -31.43 -0.04 35.28
CA GLU K 188 -32.51 0.07 36.27
C GLU K 188 -31.99 0.54 37.62
N GLN K 189 -30.79 0.12 38.04
CA GLN K 189 -30.24 0.69 39.28
C GLN K 189 -29.95 2.17 39.13
N TRP K 190 -29.38 2.57 37.98
CA TRP K 190 -29.07 3.98 37.78
C TRP K 190 -30.30 4.86 37.91
N LYS K 191 -31.43 4.42 37.33
CA LYS K 191 -32.65 5.22 37.37
C LYS K 191 -33.48 5.00 38.62
N SER K 192 -33.37 3.83 39.27
CA SER K 192 -34.16 3.57 40.47
C SER K 192 -33.55 4.21 41.71
N HIS K 193 -32.26 3.93 41.94
CA HIS K 193 -31.60 4.36 43.17
C HIS K 193 -31.25 5.83 43.05
N ARG K 194 -31.86 6.67 43.89
CA ARG K 194 -31.70 8.11 43.71
C ARG K 194 -30.25 8.53 43.98
N SER K 195 -29.58 8.97 42.91
CA SER K 195 -28.21 9.46 42.84
C SER K 195 -27.16 8.44 43.26
N TYR K 196 -25.94 8.64 42.74
CA TYR K 196 -24.74 7.87 43.08
C TYR K 196 -23.61 8.85 43.38
N SER K 197 -22.62 8.39 44.16
CA SER K 197 -21.52 9.27 44.54
C SER K 197 -20.18 8.55 44.49
N CYS K 198 -19.12 9.33 44.25
CA CYS K 198 -17.75 8.83 44.17
C CYS K 198 -16.95 9.52 45.26
N GLN K 199 -16.46 8.73 46.23
CA GLN K 199 -15.72 9.22 47.39
C GLN K 199 -14.27 8.75 47.31
N VAL K 200 -13.34 9.69 47.11
CA VAL K 200 -11.91 9.40 47.05
C VAL K 200 -11.24 9.93 48.32
N THR K 201 -10.33 9.13 48.87
CA THR K 201 -9.61 9.49 50.09
C THR K 201 -8.11 9.49 49.83
N HIS K 202 -7.46 10.58 50.23
CA HIS K 202 -6.05 10.83 49.93
C HIS K 202 -5.41 11.50 51.13
N GLU K 203 -4.49 10.78 51.79
CA GLU K 203 -3.87 11.21 53.04
C GLU K 203 -4.90 11.68 54.05
N GLY K 204 -5.90 10.84 54.29
CA GLY K 204 -6.89 11.06 55.32
C GLY K 204 -8.00 12.03 54.96
N SER K 205 -7.88 12.77 53.86
CA SER K 205 -8.90 13.72 53.45
C SER K 205 -9.72 13.15 52.30
N THR K 206 -11.02 13.41 52.34
CA THR K 206 -11.96 12.85 51.37
C THR K 206 -12.59 13.95 50.52
N VAL K 207 -12.55 13.77 49.21
CA VAL K 207 -13.29 14.59 48.27
C VAL K 207 -14.36 13.69 47.65
N GLU K 208 -15.60 14.18 47.61
CA GLU K 208 -16.72 13.39 47.14
C GLU K 208 -17.48 14.15 46.06
N LYS K 209 -17.84 13.46 44.98
CA LYS K 209 -18.73 14.00 43.96
C LYS K 209 -19.94 13.10 43.78
N THR K 210 -21.02 13.67 43.27
CA THR K 210 -22.33 13.02 43.24
C THR K 210 -23.04 13.40 41.95
N VAL K 211 -23.79 12.45 41.39
CA VAL K 211 -24.58 12.68 40.19
C VAL K 211 -25.88 11.90 40.28
N ALA K 212 -26.91 12.38 39.58
CA ALA K 212 -28.23 11.79 39.61
C ALA K 212 -28.87 11.96 38.24
N PRO K 213 -29.87 11.13 37.91
CA PRO K 213 -30.60 11.28 36.64
C PRO K 213 -31.55 12.49 36.64
N PRO L 1 38.35 -10.22 29.47
CA PRO L 1 38.87 -9.88 28.14
C PRO L 1 38.80 -8.38 27.88
N LEU L 2 38.88 -7.99 26.61
CA LEU L 2 38.75 -6.60 26.21
C LEU L 2 37.53 -6.47 25.31
N GLN L 3 36.72 -5.43 25.54
CA GLN L 3 35.54 -5.33 24.69
C GLN L 3 35.90 -4.69 23.35
N PRO L 4 35.40 -5.25 22.24
CA PRO L 4 35.72 -4.69 20.91
C PRO L 4 35.14 -3.30 20.73
N GLU L 5 35.59 -2.65 19.66
CA GLU L 5 35.10 -1.32 19.33
C GLU L 5 33.61 -1.35 19.05
N GLN L 6 33.17 -2.33 18.26
CA GLN L 6 31.79 -2.46 17.82
C GLN L 6 31.28 -3.85 18.16
N PRO L 7 30.16 -3.98 18.88
CA PRO L 7 29.67 -5.32 19.24
C PRO L 7 29.18 -6.12 18.04
N PHE L 8 28.80 -5.48 16.93
CA PHE L 8 28.27 -6.17 15.76
C PHE L 8 29.09 -5.82 14.54
N PRO L 9 30.29 -6.40 14.39
CA PRO L 9 31.11 -6.23 13.19
C PRO L 9 30.48 -6.92 11.98
#